data_4TLQ
# 
_entry.id   4TLQ 
# 
_audit_conform.dict_name       mmcif_pdbx.dic 
_audit_conform.dict_version    5.379 
_audit_conform.dict_location   http://mmcif.pdb.org/dictionaries/ascii/mmcif_pdbx.dic 
# 
loop_
_database_2.database_id 
_database_2.database_code 
_database_2.pdbx_database_accession 
_database_2.pdbx_DOI 
PDB   4TLQ         pdb_00004tlq 10.2210/pdb4tlq/pdb 
WWPDB D_1000201828 ?            ?                   
# 
_pdbx_database_status.status_code                     REL 
_pdbx_database_status.status_code_sf                  REL 
_pdbx_database_status.status_code_mr                  ? 
_pdbx_database_status.entry_id                        4TLQ 
_pdbx_database_status.recvd_initial_deposition_date   2014-05-30 
_pdbx_database_status.SG_entry                        N 
_pdbx_database_status.deposit_site                    RCSB 
_pdbx_database_status.process_site                    RCSB 
_pdbx_database_status.status_code_cs                  ? 
_pdbx_database_status.methods_development_category    ? 
_pdbx_database_status.pdb_format_compatible           Y 
_pdbx_database_status.status_code_nmr_data            ? 
# 
loop_
_audit_author.name 
_audit_author.pdbx_ordinal 
'Kashyap, M.'   1 
'Bhavesh, N.S.' 2 
# 
_citation.abstract                  ? 
_citation.abstract_id_CAS           ? 
_citation.book_id_ISBN              ? 
_citation.book_publisher            ? 
_citation.book_publisher_city       ? 
_citation.book_title                ? 
_citation.coordinate_linkage        ? 
_citation.country                   ? 
_citation.database_id_Medline       ? 
_citation.details                   ? 
_citation.id                        primary 
_citation.journal_abbrev            'To Be Published' 
_citation.journal_id_ASTM           ? 
_citation.journal_id_CSD            0353 
_citation.journal_id_ISSN           ? 
_citation.journal_full              ? 
_citation.journal_issue             ? 
_citation.journal_volume            ? 
_citation.language                  ? 
_citation.page_first                ? 
_citation.page_last                 ? 
_citation.title                     
'Crystal structure of C-terminal RNA recognition motif of human ELAV type RNA binding protein-3 at 2.5 Angstrom resolution' 
_citation.year                      ? 
_citation.database_id_CSD           ? 
_citation.pdbx_database_id_DOI      ? 
_citation.pdbx_database_id_PubMed   ? 
_citation.unpublished_flag          ? 
# 
loop_
_citation_author.citation_id 
_citation_author.name 
_citation_author.ordinal 
_citation_author.identifier_ORCID 
primary 'Kashyap, M.'   1 ? 
primary 'Bhavesh, N.S.' 2 ? 
# 
_cell.entry_id           4TLQ 
_cell.length_a           118.611 
_cell.length_b           118.611 
_cell.length_c           118.611 
_cell.angle_alpha        90.00 
_cell.angle_beta         90.00 
_cell.angle_gamma        90.00 
_cell.Z_PDB              24 
_cell.pdbx_unique_axis   ? 
# 
_symmetry.entry_id                         4TLQ 
_symmetry.cell_setting                     ? 
_symmetry.Int_Tables_number                198 
_symmetry.space_group_name_Hall            ? 
_symmetry.space_group_name_H-M             'P 21 3' 
_symmetry.pdbx_full_space_group_name_H-M   ? 
# 
loop_
_entity.id 
_entity.type 
_entity.src_method 
_entity.pdbx_description 
_entity.formula_weight 
_entity.pdbx_number_of_molecules 
_entity.pdbx_ec 
_entity.pdbx_mutation 
_entity.pdbx_fragment 
_entity.details 
1 polymer man 'CUGBP Elav-like family member 2' 10930.555 2  ? ? 'UNP residues 429-521' ? 
2 water   nat water                             18.015    85 ? ? ?                      ? 
# 
_entity_name_com.entity_id   1 
_entity_name_com.name        
;CELF-2,Bruno-like protein 3,CUG triplet repeat RNA-binding protein 2,CUG-BP2,CUG-BP- and ETR-3-like factor 2,ELAV-type RNA-binding protein 3,ETR-3,Neuroblastoma apoptosis-related RNA-binding protein,hNAPOR,RNA-binding protein BRUNOL-3
;
# 
_entity_poly.entity_id                      1 
_entity_poly.type                           'polypeptide(L)' 
_entity_poly.nstd_linkage                   no 
_entity_poly.nstd_monomer                   no 
_entity_poly.pdbx_seq_one_letter_code       
;GSHMQKEGPEGANLFIYHLPQEFGDQDILQMFMPFGNVISAKVFIDKQTNLSKCFGFVSYDNPVSAQAAIQAMNGFQIGM
KRLKVQLKRSKNDSKPY
;
_entity_poly.pdbx_seq_one_letter_code_can   
;GSHMQKEGPEGANLFIYHLPQEFGDQDILQMFMPFGNVISAKVFIDKQTNLSKCFGFVSYDNPVSAQAAIQAMNGFQIGM
KRLKVQLKRSKNDSKPY
;
_entity_poly.pdbx_strand_id                 A,B 
_entity_poly.pdbx_target_identifier         ? 
# 
loop_
_entity_poly_seq.entity_id 
_entity_poly_seq.num 
_entity_poly_seq.mon_id 
_entity_poly_seq.hetero 
1 1  GLY n 
1 2  SER n 
1 3  HIS n 
1 4  MET n 
1 5  GLN n 
1 6  LYS n 
1 7  GLU n 
1 8  GLY n 
1 9  PRO n 
1 10 GLU n 
1 11 GLY n 
1 12 ALA n 
1 13 ASN n 
1 14 LEU n 
1 15 PHE n 
1 16 ILE n 
1 17 TYR n 
1 18 HIS n 
1 19 LEU n 
1 20 PRO n 
1 21 GLN n 
1 22 GLU n 
1 23 PHE n 
1 24 GLY n 
1 25 ASP n 
1 26 GLN n 
1 27 ASP n 
1 28 ILE n 
1 29 LEU n 
1 30 GLN n 
1 31 MET n 
1 32 PHE n 
1 33 MET n 
1 34 PRO n 
1 35 PHE n 
1 36 GLY n 
1 37 ASN n 
1 38 VAL n 
1 39 ILE n 
1 40 SER n 
1 41 ALA n 
1 42 LYS n 
1 43 VAL n 
1 44 PHE n 
1 45 ILE n 
1 46 ASP n 
1 47 LYS n 
1 48 GLN n 
1 49 THR n 
1 50 ASN n 
1 51 LEU n 
1 52 SER n 
1 53 LYS n 
1 54 CYS n 
1 55 PHE n 
1 56 GLY n 
1 57 PHE n 
1 58 VAL n 
1 59 SER n 
1 60 TYR n 
1 61 ASP n 
1 62 ASN n 
1 63 PRO n 
1 64 VAL n 
1 65 SER n 
1 66 ALA n 
1 67 GLN n 
1 68 ALA n 
1 69 ALA n 
1 70 ILE n 
1 71 GLN n 
1 72 ALA n 
1 73 MET n 
1 74 ASN n 
1 75 GLY n 
1 76 PHE n 
1 77 GLN n 
1 78 ILE n 
1 79 GLY n 
1 80 MET n 
1 81 LYS n 
1 82 ARG n 
1 83 LEU n 
1 84 LYS n 
1 85 VAL n 
1 86 GLN n 
1 87 LEU n 
1 88 LYS n 
1 89 ARG n 
1 90 SER n 
1 91 LYS n 
1 92 ASN n 
1 93 ASP n 
1 94 SER n 
1 95 LYS n 
1 96 PRO n 
1 97 TYR n 
# 
_entity_src_gen.entity_id                          1 
_entity_src_gen.pdbx_src_id                        1 
_entity_src_gen.pdbx_alt_source_flag               sample 
_entity_src_gen.pdbx_seq_type                      'Biological sequence' 
_entity_src_gen.pdbx_beg_seq_num                   1 
_entity_src_gen.pdbx_end_seq_num                   97 
_entity_src_gen.gene_src_common_name               Human 
_entity_src_gen.gene_src_genus                     ? 
_entity_src_gen.pdbx_gene_src_gene                 'CELF2, BRUNOL3, CUGBP2, ETR3, NAPOR' 
_entity_src_gen.gene_src_species                   ? 
_entity_src_gen.gene_src_strain                    ? 
_entity_src_gen.gene_src_tissue                    ? 
_entity_src_gen.gene_src_tissue_fraction           ? 
_entity_src_gen.gene_src_details                   ? 
_entity_src_gen.pdbx_gene_src_fragment             ? 
_entity_src_gen.pdbx_gene_src_scientific_name      'Homo sapiens' 
_entity_src_gen.pdbx_gene_src_ncbi_taxonomy_id     9606 
_entity_src_gen.pdbx_gene_src_variant              ? 
_entity_src_gen.pdbx_gene_src_cell_line            ? 
_entity_src_gen.pdbx_gene_src_atcc                 ? 
_entity_src_gen.pdbx_gene_src_organ                ? 
_entity_src_gen.pdbx_gene_src_organelle            ? 
_entity_src_gen.pdbx_gene_src_cell                 ? 
_entity_src_gen.pdbx_gene_src_cellular_location    ? 
_entity_src_gen.host_org_common_name               ? 
_entity_src_gen.pdbx_host_org_scientific_name      'Escherichia coli' 
_entity_src_gen.pdbx_host_org_ncbi_taxonomy_id     562 
_entity_src_gen.host_org_genus                     ? 
_entity_src_gen.pdbx_host_org_gene                 ? 
_entity_src_gen.pdbx_host_org_organ                ? 
_entity_src_gen.host_org_species                   ? 
_entity_src_gen.pdbx_host_org_tissue               ? 
_entity_src_gen.pdbx_host_org_tissue_fraction      ? 
_entity_src_gen.pdbx_host_org_strain               ? 
_entity_src_gen.pdbx_host_org_variant              ? 
_entity_src_gen.pdbx_host_org_cell_line            ? 
_entity_src_gen.pdbx_host_org_atcc                 ? 
_entity_src_gen.pdbx_host_org_culture_collection   ? 
_entity_src_gen.pdbx_host_org_cell                 ? 
_entity_src_gen.pdbx_host_org_organelle            ? 
_entity_src_gen.pdbx_host_org_cellular_location    ? 
_entity_src_gen.pdbx_host_org_vector_type          ? 
_entity_src_gen.pdbx_host_org_vector               ? 
_entity_src_gen.host_org_details                   ? 
_entity_src_gen.expression_system_id               ? 
_entity_src_gen.plasmid_name                       ? 
_entity_src_gen.plasmid_details                    ? 
_entity_src_gen.pdbx_description                   ? 
# 
_struct_ref.id                         1 
_struct_ref.db_name                    UNP 
_struct_ref.db_code                    CELF2_HUMAN 
_struct_ref.pdbx_db_accession          O95319 
_struct_ref.entity_id                  1 
_struct_ref.pdbx_seq_one_letter_code   
;QKEGPEGANLFIYHLPQEFGDQDILQMFMPFGNVISAKVFIDKQTNLSKCFGFVSYDNPVSAQAAIQAMNGFQIGMKRLK
VQLKRSKNDSKPY
;
_struct_ref.pdbx_align_begin           429 
_struct_ref.pdbx_db_isoform            ? 
# 
loop_
_struct_ref_seq.align_id 
_struct_ref_seq.ref_id 
_struct_ref_seq.pdbx_PDB_id_code 
_struct_ref_seq.pdbx_strand_id 
_struct_ref_seq.seq_align_beg 
_struct_ref_seq.pdbx_seq_align_beg_ins_code 
_struct_ref_seq.seq_align_end 
_struct_ref_seq.pdbx_seq_align_end_ins_code 
_struct_ref_seq.pdbx_db_accession 
_struct_ref_seq.db_align_beg 
_struct_ref_seq.pdbx_db_align_beg_ins_code 
_struct_ref_seq.db_align_end 
_struct_ref_seq.pdbx_db_align_end_ins_code 
_struct_ref_seq.pdbx_auth_seq_align_beg 
_struct_ref_seq.pdbx_auth_seq_align_end 
1 1 4TLQ A 5 ? 97 ? O95319 429 ? 521 ? 6 98 
2 1 4TLQ B 5 ? 97 ? O95319 429 ? 521 ? 6 98 
# 
loop_
_struct_ref_seq_dif.align_id 
_struct_ref_seq_dif.pdbx_pdb_id_code 
_struct_ref_seq_dif.mon_id 
_struct_ref_seq_dif.pdbx_pdb_strand_id 
_struct_ref_seq_dif.seq_num 
_struct_ref_seq_dif.pdbx_pdb_ins_code 
_struct_ref_seq_dif.pdbx_seq_db_name 
_struct_ref_seq_dif.pdbx_seq_db_accession_code 
_struct_ref_seq_dif.db_mon_id 
_struct_ref_seq_dif.pdbx_seq_db_seq_num 
_struct_ref_seq_dif.details 
_struct_ref_seq_dif.pdbx_auth_seq_num 
_struct_ref_seq_dif.pdbx_ordinal 
1 4TLQ GLY A 1 ? UNP O95319 ? ? 'expression tag' 2 1 
1 4TLQ SER A 2 ? UNP O95319 ? ? 'expression tag' 3 2 
1 4TLQ HIS A 3 ? UNP O95319 ? ? 'expression tag' 4 3 
1 4TLQ MET A 4 ? UNP O95319 ? ? 'expression tag' 5 4 
2 4TLQ GLY B 1 ? UNP O95319 ? ? 'expression tag' 2 5 
2 4TLQ SER B 2 ? UNP O95319 ? ? 'expression tag' 3 6 
2 4TLQ HIS B 3 ? UNP O95319 ? ? 'expression tag' 4 7 
2 4TLQ MET B 4 ? UNP O95319 ? ? 'expression tag' 5 8 
# 
loop_
_chem_comp.id 
_chem_comp.type 
_chem_comp.mon_nstd_flag 
_chem_comp.name 
_chem_comp.pdbx_synonyms 
_chem_comp.formula 
_chem_comp.formula_weight 
ALA 'L-peptide linking' y ALANINE         ? 'C3 H7 N O2'     89.093  
ARG 'L-peptide linking' y ARGININE        ? 'C6 H15 N4 O2 1' 175.209 
ASN 'L-peptide linking' y ASPARAGINE      ? 'C4 H8 N2 O3'    132.118 
ASP 'L-peptide linking' y 'ASPARTIC ACID' ? 'C4 H7 N O4'     133.103 
CYS 'L-peptide linking' y CYSTEINE        ? 'C3 H7 N O2 S'   121.158 
GLN 'L-peptide linking' y GLUTAMINE       ? 'C5 H10 N2 O3'   146.144 
GLU 'L-peptide linking' y 'GLUTAMIC ACID' ? 'C5 H9 N O4'     147.129 
GLY 'peptide linking'   y GLYCINE         ? 'C2 H5 N O2'     75.067  
HIS 'L-peptide linking' y HISTIDINE       ? 'C6 H10 N3 O2 1' 156.162 
HOH non-polymer         . WATER           ? 'H2 O'           18.015  
ILE 'L-peptide linking' y ISOLEUCINE      ? 'C6 H13 N O2'    131.173 
LEU 'L-peptide linking' y LEUCINE         ? 'C6 H13 N O2'    131.173 
LYS 'L-peptide linking' y LYSINE          ? 'C6 H15 N2 O2 1' 147.195 
MET 'L-peptide linking' y METHIONINE      ? 'C5 H11 N O2 S'  149.211 
PHE 'L-peptide linking' y PHENYLALANINE   ? 'C9 H11 N O2'    165.189 
PRO 'L-peptide linking' y PROLINE         ? 'C5 H9 N O2'     115.130 
SER 'L-peptide linking' y SERINE          ? 'C3 H7 N O3'     105.093 
THR 'L-peptide linking' y THREONINE       ? 'C4 H9 N O3'     119.119 
TYR 'L-peptide linking' y TYROSINE        ? 'C9 H11 N O3'    181.189 
VAL 'L-peptide linking' y VALINE          ? 'C5 H11 N O2'    117.146 
# 
_exptl.absorpt_coefficient_mu     ? 
_exptl.absorpt_correction_T_max   ? 
_exptl.absorpt_correction_T_min   ? 
_exptl.absorpt_correction_type    ? 
_exptl.absorpt_process_details    ? 
_exptl.entry_id                   4TLQ 
_exptl.crystals_number            1 
_exptl.details                    ? 
_exptl.method                     'X-RAY DIFFRACTION' 
_exptl.method_details             ? 
# 
_exptl_crystal.colour                      ? 
_exptl_crystal.density_diffrn              ? 
_exptl_crystal.density_Matthews            ? 
_exptl_crystal.density_method              ? 
_exptl_crystal.density_percent_sol         ? 
_exptl_crystal.description                 ? 
_exptl_crystal.F_000                       ? 
_exptl_crystal.id                          1 
_exptl_crystal.preparation                 ? 
_exptl_crystal.size_max                    ? 
_exptl_crystal.size_mid                    ? 
_exptl_crystal.size_min                    ? 
_exptl_crystal.size_rad                    ? 
_exptl_crystal.colour_lustre               ? 
_exptl_crystal.colour_modifier             ? 
_exptl_crystal.colour_primary              ? 
_exptl_crystal.density_meas                ? 
_exptl_crystal.density_meas_esd            ? 
_exptl_crystal.density_meas_gt             ? 
_exptl_crystal.density_meas_lt             ? 
_exptl_crystal.density_meas_temp           ? 
_exptl_crystal.density_meas_temp_esd       ? 
_exptl_crystal.density_meas_temp_gt        ? 
_exptl_crystal.density_meas_temp_lt        ? 
_exptl_crystal.pdbx_crystal_image_url      ? 
_exptl_crystal.pdbx_crystal_image_format   ? 
_exptl_crystal.pdbx_mosaicity              ? 
_exptl_crystal.pdbx_mosaicity_esd          ? 
# 
_exptl_crystal_grow.apparatus       ? 
_exptl_crystal_grow.atmosphere      ? 
_exptl_crystal_grow.crystal_id      1 
_exptl_crystal_grow.details         ? 
_exptl_crystal_grow.method          'VAPOR DIFFUSION, HANGING DROP' 
_exptl_crystal_grow.method_ref      ? 
_exptl_crystal_grow.pH              ? 
_exptl_crystal_grow.pressure        ? 
_exptl_crystal_grow.pressure_esd    ? 
_exptl_crystal_grow.seeding         ? 
_exptl_crystal_grow.seeding_ref     ? 
_exptl_crystal_grow.temp            293 
_exptl_crystal_grow.temp_details    ? 
_exptl_crystal_grow.temp_esd        ? 
_exptl_crystal_grow.time            ? 
_exptl_crystal_grow.pdbx_details    '1.4 M Ammonium Citrate, 0.1 M Sodium Acetate' 
_exptl_crystal_grow.pdbx_pH_range   3.5-5.0 
# 
_diffrn.ambient_environment    ? 
_diffrn.ambient_temp           100 
_diffrn.ambient_temp_details   ? 
_diffrn.ambient_temp_esd       ? 
_diffrn.crystal_id             1 
_diffrn.crystal_support        ? 
_diffrn.crystal_treatment      ? 
_diffrn.details                ? 
_diffrn.id                     1 
_diffrn.ambient_pressure       ? 
_diffrn.ambient_pressure_esd   ? 
_diffrn.ambient_pressure_gt    ? 
_diffrn.ambient_pressure_lt    ? 
_diffrn.ambient_temp_gt        ? 
_diffrn.ambient_temp_lt        ? 
# 
_diffrn_detector.details                      ? 
_diffrn_detector.detector                     CCD 
_diffrn_detector.diffrn_id                    1 
_diffrn_detector.type                         'MARMOSAIC 225 mm CCD' 
_diffrn_detector.area_resol_mean              ? 
_diffrn_detector.dtime                        ? 
_diffrn_detector.pdbx_frames_total            ? 
_diffrn_detector.pdbx_collection_time_total   ? 
_diffrn_detector.pdbx_collection_date         2013-09-25 
# 
_diffrn_radiation.collimation                      ? 
_diffrn_radiation.diffrn_id                        1 
_diffrn_radiation.filter_edge                      ? 
_diffrn_radiation.inhomogeneity                    ? 
_diffrn_radiation.monochromator                    ? 
_diffrn_radiation.polarisn_norm                    ? 
_diffrn_radiation.polarisn_ratio                   ? 
_diffrn_radiation.probe                            ? 
_diffrn_radiation.type                             ? 
_diffrn_radiation.xray_symbol                      ? 
_diffrn_radiation.wavelength_id                    1 
_diffrn_radiation.pdbx_monochromatic_or_laue_m_l   M 
_diffrn_radiation.pdbx_wavelength_list             ? 
_diffrn_radiation.pdbx_wavelength                  ? 
_diffrn_radiation.pdbx_diffrn_protocol             'SINGLE WAVELENGTH' 
_diffrn_radiation.pdbx_analyzer                    ? 
_diffrn_radiation.pdbx_scattering_type             x-ray 
# 
_diffrn_radiation_wavelength.id           1 
_diffrn_radiation_wavelength.wavelength   0.97856 
_diffrn_radiation_wavelength.wt           1.0 
# 
_diffrn_source.current                     ? 
_diffrn_source.details                     ? 
_diffrn_source.diffrn_id                   1 
_diffrn_source.power                       ? 
_diffrn_source.size                        ? 
_diffrn_source.source                      SYNCHROTRON 
_diffrn_source.target                      ? 
_diffrn_source.type                        'ESRF BEAMLINE BM14' 
_diffrn_source.voltage                     ? 
_diffrn_source.take-off_angle              ? 
_diffrn_source.pdbx_wavelength_list        0.97856 
_diffrn_source.pdbx_wavelength             ? 
_diffrn_source.pdbx_synchrotron_beamline   BM14 
_diffrn_source.pdbx_synchrotron_site       ESRF 
# 
_reflns.B_iso_Wilson_estimate            ? 
_reflns.entry_id                         4TLQ 
_reflns.data_reduction_details           ? 
_reflns.data_reduction_method            ? 
_reflns.d_resolution_high                2.5 
_reflns.d_resolution_low                 50 
_reflns.details                          ? 
_reflns.limit_h_max                      ? 
_reflns.limit_h_min                      ? 
_reflns.limit_k_max                      ? 
_reflns.limit_k_min                      ? 
_reflns.limit_l_max                      ? 
_reflns.limit_l_min                      ? 
_reflns.number_all                       ? 
_reflns.number_obs                       19465 
_reflns.observed_criterion               ? 
_reflns.observed_criterion_F_max         ? 
_reflns.observed_criterion_F_min         ? 
_reflns.observed_criterion_I_max         ? 
_reflns.observed_criterion_I_min         ? 
_reflns.observed_criterion_sigma_F       ? 
_reflns.observed_criterion_sigma_I       ? 
_reflns.percent_possible_obs             99.1 
_reflns.R_free_details                   ? 
_reflns.Rmerge_F_all                     ? 
_reflns.Rmerge_F_obs                     ? 
_reflns.Friedel_coverage                 ? 
_reflns.number_gt                        ? 
_reflns.threshold_expression             ? 
_reflns.pdbx_redundancy                  4.8 
_reflns.pdbx_Rmerge_I_obs                ? 
_reflns.pdbx_Rmerge_I_all                ? 
_reflns.pdbx_Rsym_value                  ? 
_reflns.pdbx_netI_over_av_sigmaI         ? 
_reflns.pdbx_netI_over_sigmaI            13.4 
_reflns.pdbx_res_netI_over_av_sigmaI_2   ? 
_reflns.pdbx_res_netI_over_sigmaI_2      ? 
_reflns.pdbx_chi_squared                 ? 
_reflns.pdbx_scaling_rejects             ? 
_reflns.pdbx_d_res_high_opt              ? 
_reflns.pdbx_d_res_low_opt               ? 
_reflns.pdbx_d_res_opt_method            ? 
_reflns.phase_calculation_details        ? 
_reflns.pdbx_Rrim_I_all                  ? 
_reflns.pdbx_Rpim_I_all                  ? 
_reflns.pdbx_d_opt                       ? 
_reflns.pdbx_number_measured_all         ? 
_reflns.pdbx_diffrn_id                   1 
_reflns.pdbx_ordinal                     1 
_reflns.pdbx_CC_half                     ? 
_reflns.pdbx_R_split                     ? 
# 
_refine.aniso_B[1][1]                            ? 
_refine.aniso_B[1][2]                            ? 
_refine.aniso_B[1][3]                            ? 
_refine.aniso_B[2][2]                            ? 
_refine.aniso_B[2][3]                            ? 
_refine.aniso_B[3][3]                            ? 
_refine.B_iso_max                                ? 
_refine.B_iso_mean                               ? 
_refine.B_iso_min                                ? 
_refine.correlation_coeff_Fo_to_Fc               ? 
_refine.correlation_coeff_Fo_to_Fc_free          ? 
_refine.details                                  ? 
_refine.diff_density_max                         ? 
_refine.diff_density_max_esd                     ? 
_refine.diff_density_min                         ? 
_refine.diff_density_min_esd                     ? 
_refine.diff_density_rms                         ? 
_refine.diff_density_rms_esd                     ? 
_refine.entry_id                                 4TLQ 
_refine.pdbx_refine_id                           'X-RAY DIFFRACTION' 
_refine.ls_abs_structure_details                 ? 
_refine.ls_abs_structure_Flack                   ? 
_refine.ls_abs_structure_Flack_esd               ? 
_refine.ls_abs_structure_Rogers                  ? 
_refine.ls_abs_structure_Rogers_esd              ? 
_refine.ls_d_res_high                            2.503 
_refine.ls_d_res_low                             37.508 
_refine.ls_extinction_coef                       ? 
_refine.ls_extinction_coef_esd                   ? 
_refine.ls_extinction_expression                 ? 
_refine.ls_extinction_method                     ? 
_refine.ls_goodness_of_fit_all                   ? 
_refine.ls_goodness_of_fit_all_esd               ? 
_refine.ls_goodness_of_fit_obs                   ? 
_refine.ls_goodness_of_fit_obs_esd               ? 
_refine.ls_hydrogen_treatment                    ? 
_refine.ls_matrix_type                           ? 
_refine.ls_number_constraints                    ? 
_refine.ls_number_parameters                     ? 
_refine.ls_number_reflns_all                     ? 
_refine.ls_number_reflns_obs                     17856 
_refine.ls_number_reflns_R_free                  1790 
_refine.ls_number_reflns_R_work                  ? 
_refine.ls_number_restraints                     ? 
_refine.ls_percent_reflns_obs                    91.89 
_refine.ls_percent_reflns_R_free                 10.02 
_refine.ls_R_factor_all                          ? 
_refine.ls_R_factor_obs                          0.1791 
_refine.ls_R_factor_R_free                       0.1935 
_refine.ls_R_factor_R_free_error                 ? 
_refine.ls_R_factor_R_free_error_details         ? 
_refine.ls_R_factor_R_work                       0.1774 
_refine.ls_R_Fsqd_factor_obs                     ? 
_refine.ls_R_I_factor_obs                        ? 
_refine.ls_redundancy_reflns_all                 ? 
_refine.ls_redundancy_reflns_obs                 ? 
_refine.ls_restrained_S_all                      ? 
_refine.ls_restrained_S_obs                      ? 
_refine.ls_shift_over_esd_max                    ? 
_refine.ls_shift_over_esd_mean                   ? 
_refine.ls_structure_factor_coef                 ? 
_refine.ls_weighting_details                     ? 
_refine.ls_weighting_scheme                      ? 
_refine.ls_wR_factor_all                         ? 
_refine.ls_wR_factor_obs                         ? 
_refine.ls_wR_factor_R_free                      ? 
_refine.ls_wR_factor_R_work                      ? 
_refine.occupancy_max                            ? 
_refine.occupancy_min                            ? 
_refine.solvent_model_details                    'FLAT BULK SOLVENT MODEL' 
_refine.solvent_model_param_bsol                 ? 
_refine.solvent_model_param_ksol                 ? 
_refine.ls_R_factor_gt                           ? 
_refine.ls_goodness_of_fit_gt                    ? 
_refine.ls_goodness_of_fit_ref                   ? 
_refine.ls_shift_over_su_max                     ? 
_refine.ls_shift_over_su_max_lt                  ? 
_refine.ls_shift_over_su_mean                    ? 
_refine.ls_shift_over_su_mean_lt                 ? 
_refine.pdbx_ls_sigma_I                          ? 
_refine.pdbx_ls_sigma_F                          0.00 
_refine.pdbx_ls_sigma_Fsqd                       ? 
_refine.pdbx_data_cutoff_high_absF               ? 
_refine.pdbx_data_cutoff_high_rms_absF           ? 
_refine.pdbx_data_cutoff_low_absF                ? 
_refine.pdbx_isotropic_thermal_model             ? 
_refine.pdbx_ls_cross_valid_method               'FREE R-VALUE' 
_refine.pdbx_method_to_determine_struct          'MOLECULAR REPLACEMENT' 
_refine.pdbx_starting_model                      4LJM 
_refine.pdbx_stereochemistry_target_values       ML 
_refine.pdbx_R_Free_selection_details            ? 
_refine.pdbx_stereochem_target_val_spec_case     ? 
_refine.pdbx_overall_ESU_R                       ? 
_refine.pdbx_overall_ESU_R_Free                  ? 
_refine.pdbx_solvent_vdw_probe_radii             1.11 
_refine.pdbx_solvent_ion_probe_radii             ? 
_refine.pdbx_solvent_shrinkage_radii             0.90 
_refine.pdbx_real_space_R                        ? 
_refine.pdbx_density_correlation                 ? 
_refine.pdbx_pd_number_of_powder_patterns        ? 
_refine.pdbx_pd_number_of_points                 ? 
_refine.pdbx_pd_meas_number_of_points            ? 
_refine.pdbx_pd_proc_ls_prof_R_factor            ? 
_refine.pdbx_pd_proc_ls_prof_wR_factor           ? 
_refine.pdbx_pd_Marquardt_correlation_coeff      ? 
_refine.pdbx_pd_Fsqrd_R_factor                   ? 
_refine.pdbx_pd_ls_matrix_band_width             ? 
_refine.pdbx_overall_phase_error                 19.51 
_refine.pdbx_overall_SU_R_free_Cruickshank_DPI   ? 
_refine.pdbx_overall_SU_R_free_Blow_DPI          ? 
_refine.pdbx_overall_SU_R_Blow_DPI               ? 
_refine.pdbx_TLS_residual_ADP_flag               ? 
_refine.pdbx_diffrn_id                           1 
_refine.overall_SU_B                             ? 
_refine.overall_SU_ML                            0.21 
_refine.overall_SU_R_Cruickshank_DPI             ? 
_refine.overall_SU_R_free                        ? 
_refine.overall_FOM_free_R_set                   ? 
_refine.overall_FOM_work_R_set                   ? 
# 
_refine_hist.pdbx_refine_id                   'X-RAY DIFFRACTION' 
_refine_hist.cycle_id                         LAST 
_refine_hist.pdbx_number_atoms_protein        1293 
_refine_hist.pdbx_number_atoms_nucleic_acid   0 
_refine_hist.pdbx_number_atoms_ligand         0 
_refine_hist.number_atoms_solvent             85 
_refine_hist.number_atoms_total               1378 
_refine_hist.d_res_high                       2.503 
_refine_hist.d_res_low                        37.508 
# 
loop_
_refine_ls_restr.pdbx_refine_id 
_refine_ls_restr.criterion 
_refine_ls_restr.dev_ideal 
_refine_ls_restr.dev_ideal_target 
_refine_ls_restr.number 
_refine_ls_restr.rejects 
_refine_ls_restr.type 
_refine_ls_restr.weight 
_refine_ls_restr.pdbx_restraint_function 
'X-RAY DIFFRACTION' ? 0.006  ? 1335 ? f_bond_d           ? ? 
'X-RAY DIFFRACTION' ? 1.119  ? 1796 ? f_angle_d          ? ? 
'X-RAY DIFFRACTION' ? 18.139 ? 498  ? f_dihedral_angle_d ? ? 
'X-RAY DIFFRACTION' ? 0.042  ? 189  ? f_chiral_restr     ? ? 
'X-RAY DIFFRACTION' ? 0.007  ? 239  ? f_plane_restr      ? ? 
# 
loop_
_refine_ls_shell.pdbx_refine_id 
_refine_ls_shell.d_res_high 
_refine_ls_shell.d_res_low 
_refine_ls_shell.number_reflns_all 
_refine_ls_shell.number_reflns_obs 
_refine_ls_shell.number_reflns_R_free 
_refine_ls_shell.number_reflns_R_work 
_refine_ls_shell.percent_reflns_obs 
_refine_ls_shell.percent_reflns_R_free 
_refine_ls_shell.R_factor_all 
_refine_ls_shell.R_factor_obs 
_refine_ls_shell.R_factor_R_free 
_refine_ls_shell.R_factor_R_free_error 
_refine_ls_shell.R_factor_R_work 
_refine_ls_shell.redundancy_reflns_all 
_refine_ls_shell.redundancy_reflns_obs 
_refine_ls_shell.wR_factor_all 
_refine_ls_shell.wR_factor_obs 
_refine_ls_shell.wR_factor_R_free 
_refine_ls_shell.wR_factor_R_work 
_refine_ls_shell.pdbx_total_number_of_bins_used 
_refine_ls_shell.pdbx_phase_error 
'X-RAY DIFFRACTION' 2.5033 2.5710  . . 54  502  38.00  . . . 0.2664 . 0.2160 . . . . . . . . 
'X-RAY DIFFRACTION' 2.5710 2.6466  . . 119 1037 79.00  . . . 0.2484 . 0.2472 . . . . . . . . 
'X-RAY DIFFRACTION' 2.6466 2.7320  . . 126 1241 93.00  . . . 0.3024 . 0.2272 . . . . . . . . 
'X-RAY DIFFRACTION' 2.7320 2.8296  . . 140 1236 94.00  . . . 0.2135 . 0.2291 . . . . . . . . 
'X-RAY DIFFRACTION' 2.8296 2.9429  . . 148 1306 97.00  . . . 0.2470 . 0.2151 . . . . . . . . 
'X-RAY DIFFRACTION' 2.9429 3.0768  . . 139 1280 98.00  . . . 0.2109 . 0.2086 . . . . . . . . 
'X-RAY DIFFRACTION' 3.0768 3.2389  . . 146 1329 99.00  . . . 0.2160 . 0.1767 . . . . . . . . 
'X-RAY DIFFRACTION' 3.2389 3.4417  . . 150 1326 98.00  . . . 0.2248 . 0.1717 . . . . . . . . 
'X-RAY DIFFRACTION' 3.4417 3.7072  . . 152 1340 100.00 . . . 0.1690 . 0.1505 . . . . . . . . 
'X-RAY DIFFRACTION' 3.7072 4.0799  . . 153 1336 100.00 . . . 0.1490 . 0.1524 . . . . . . . . 
'X-RAY DIFFRACTION' 4.0799 4.6693  . . 154 1348 100.00 . . . 0.1541 . 0.1340 . . . . . . . . 
'X-RAY DIFFRACTION' 4.6693 5.8792  . . 151 1367 100.00 . . . 0.1593 . 0.1655 . . . . . . . . 
'X-RAY DIFFRACTION' 5.8792 37.5123 . . 158 1418 99.00  . . . 0.2036 . 0.1903 . . . . . . . . 
# 
_struct.entry_id                     4TLQ 
_struct.title                        
'Crystal structure of C-terminal RNA recognition motif of human ELAV type RNA binding protein-3 at 2.5 Angstrom resolution' 
_struct.pdbx_model_details           ? 
_struct.pdbx_formula_weight          ? 
_struct.pdbx_formula_weight_method   ? 
_struct.pdbx_model_type_details      ? 
_struct.pdbx_CASP_flag               ? 
# 
_struct_keywords.entry_id        4TLQ 
_struct_keywords.text            'RRM, RNA binding protein' 
_struct_keywords.pdbx_keywords   'RNA BINDING PROTEIN' 
# 
loop_
_struct_asym.id 
_struct_asym.pdbx_blank_PDB_chainid_flag 
_struct_asym.pdbx_modified 
_struct_asym.entity_id 
_struct_asym.details 
A N N 1 ? 
B N N 1 ? 
C N N 2 ? 
D N N 2 ? 
# 
loop_
_struct_conf.conf_type_id 
_struct_conf.id 
_struct_conf.pdbx_PDB_helix_id 
_struct_conf.beg_label_comp_id 
_struct_conf.beg_label_asym_id 
_struct_conf.beg_label_seq_id 
_struct_conf.pdbx_beg_PDB_ins_code 
_struct_conf.end_label_comp_id 
_struct_conf.end_label_asym_id 
_struct_conf.end_label_seq_id 
_struct_conf.pdbx_end_PDB_ins_code 
_struct_conf.beg_auth_comp_id 
_struct_conf.beg_auth_asym_id 
_struct_conf.beg_auth_seq_id 
_struct_conf.end_auth_comp_id 
_struct_conf.end_auth_asym_id 
_struct_conf.end_auth_seq_id 
_struct_conf.pdbx_PDB_helix_class 
_struct_conf.details 
_struct_conf.pdbx_PDB_helix_length 
HELX_P HELX_P1 AA1 GLY A 24 ? MET A 33 ? GLY A 25 MET A 34 1 ? 10 
HELX_P HELX_P2 AA2 PRO A 34 ? GLY A 36 ? PRO A 35 GLY A 37 5 ? 3  
HELX_P HELX_P3 AA3 ASN A 62 ? ASN A 74 ? ASN A 63 ASN A 75 1 ? 13 
HELX_P HELX_P4 AA4 GLY B 24 ? MET B 33 ? GLY B 25 MET B 34 1 ? 10 
HELX_P HELX_P5 AA5 PRO B 34 ? GLY B 36 ? PRO B 35 GLY B 37 5 ? 3  
HELX_P HELX_P6 AA6 ASN B 62 ? ASN B 74 ? ASN B 63 ASN B 75 1 ? 13 
# 
_struct_conf_type.id          HELX_P 
_struct_conf_type.criteria    ? 
_struct_conf_type.reference   ? 
# 
_struct_mon_prot_cis.pdbx_id                1 
_struct_mon_prot_cis.label_comp_id          GLU 
_struct_mon_prot_cis.label_seq_id           10 
_struct_mon_prot_cis.label_asym_id          B 
_struct_mon_prot_cis.label_alt_id           . 
_struct_mon_prot_cis.pdbx_PDB_ins_code      ? 
_struct_mon_prot_cis.auth_comp_id           GLU 
_struct_mon_prot_cis.auth_seq_id            11 
_struct_mon_prot_cis.auth_asym_id           B 
_struct_mon_prot_cis.pdbx_label_comp_id_2   GLY 
_struct_mon_prot_cis.pdbx_label_seq_id_2    11 
_struct_mon_prot_cis.pdbx_label_asym_id_2   B 
_struct_mon_prot_cis.pdbx_PDB_ins_code_2    ? 
_struct_mon_prot_cis.pdbx_auth_comp_id_2    GLY 
_struct_mon_prot_cis.pdbx_auth_seq_id_2     12 
_struct_mon_prot_cis.pdbx_auth_asym_id_2    B 
_struct_mon_prot_cis.pdbx_PDB_model_num     1 
_struct_mon_prot_cis.pdbx_omega_angle       6.01 
# 
loop_
_struct_sheet.id 
_struct_sheet.type 
_struct_sheet.number_strands 
_struct_sheet.details 
AA1 ? 4 ? 
AA2 ? 2 ? 
AA3 ? 4 ? 
AA4 ? 2 ? 
# 
loop_
_struct_sheet_order.sheet_id 
_struct_sheet_order.range_id_1 
_struct_sheet_order.range_id_2 
_struct_sheet_order.offset 
_struct_sheet_order.sense 
AA1 1 2 ? anti-parallel 
AA1 2 3 ? anti-parallel 
AA1 3 4 ? anti-parallel 
AA2 1 2 ? anti-parallel 
AA3 1 2 ? anti-parallel 
AA3 2 3 ? anti-parallel 
AA3 3 4 ? anti-parallel 
AA4 1 2 ? anti-parallel 
# 
loop_
_struct_sheet_range.sheet_id 
_struct_sheet_range.id 
_struct_sheet_range.beg_label_comp_id 
_struct_sheet_range.beg_label_asym_id 
_struct_sheet_range.beg_label_seq_id 
_struct_sheet_range.pdbx_beg_PDB_ins_code 
_struct_sheet_range.end_label_comp_id 
_struct_sheet_range.end_label_asym_id 
_struct_sheet_range.end_label_seq_id 
_struct_sheet_range.pdbx_end_PDB_ins_code 
_struct_sheet_range.beg_auth_comp_id 
_struct_sheet_range.beg_auth_asym_id 
_struct_sheet_range.beg_auth_seq_id 
_struct_sheet_range.end_auth_comp_id 
_struct_sheet_range.end_auth_asym_id 
_struct_sheet_range.end_auth_seq_id 
AA1 1 VAL A 38 ? ILE A 45 ? VAL A 39 ILE A 46 
AA1 2 SER A 52 ? TYR A 60 ? SER A 53 TYR A 61 
AA1 3 ASN A 13 ? TYR A 17 ? ASN A 14 TYR A 18 
AA1 4 LYS A 84 ? LEU A 87 ? LYS A 85 LEU A 88 
AA2 1 GLN A 77 ? ILE A 78 ? GLN A 78 ILE A 79 
AA2 2 LYS A 81 ? ARG A 82 ? LYS A 82 ARG A 83 
AA3 1 VAL B 38 ? ILE B 45 ? VAL B 39 ILE B 46 
AA3 2 SER B 52 ? TYR B 60 ? SER B 53 TYR B 61 
AA3 3 ASN B 13 ? TYR B 17 ? ASN B 14 TYR B 18 
AA3 4 LYS B 84 ? LEU B 87 ? LYS B 85 LEU B 88 
AA4 1 GLN B 77 ? ILE B 78 ? GLN B 78 ILE B 79 
AA4 2 LYS B 81 ? ARG B 82 ? LYS B 82 ARG B 83 
# 
loop_
_pdbx_struct_sheet_hbond.sheet_id 
_pdbx_struct_sheet_hbond.range_id_1 
_pdbx_struct_sheet_hbond.range_id_2 
_pdbx_struct_sheet_hbond.range_1_label_atom_id 
_pdbx_struct_sheet_hbond.range_1_label_comp_id 
_pdbx_struct_sheet_hbond.range_1_label_asym_id 
_pdbx_struct_sheet_hbond.range_1_label_seq_id 
_pdbx_struct_sheet_hbond.range_1_PDB_ins_code 
_pdbx_struct_sheet_hbond.range_1_auth_atom_id 
_pdbx_struct_sheet_hbond.range_1_auth_comp_id 
_pdbx_struct_sheet_hbond.range_1_auth_asym_id 
_pdbx_struct_sheet_hbond.range_1_auth_seq_id 
_pdbx_struct_sheet_hbond.range_2_label_atom_id 
_pdbx_struct_sheet_hbond.range_2_label_comp_id 
_pdbx_struct_sheet_hbond.range_2_label_asym_id 
_pdbx_struct_sheet_hbond.range_2_label_seq_id 
_pdbx_struct_sheet_hbond.range_2_PDB_ins_code 
_pdbx_struct_sheet_hbond.range_2_auth_atom_id 
_pdbx_struct_sheet_hbond.range_2_auth_comp_id 
_pdbx_struct_sheet_hbond.range_2_auth_asym_id 
_pdbx_struct_sheet_hbond.range_2_auth_seq_id 
AA1 1 2 N PHE A 44 ? N PHE A 45 O LYS A 53 ? O LYS A 54 
AA1 2 3 O VAL A 58 ? O VAL A 59 N LEU A 14 ? N LEU A 15 
AA1 3 4 N PHE A 15 ? N PHE A 16 O GLN A 86 ? O GLN A 87 
AA2 1 2 N ILE A 78 ? N ILE A 79 O LYS A 81 ? O LYS A 82 
AA3 1 2 N PHE B 44 ? N PHE B 45 O LYS B 53 ? O LYS B 54 
AA3 2 3 O VAL B 58 ? O VAL B 59 N LEU B 14 ? N LEU B 15 
AA3 3 4 N TYR B 17 ? N TYR B 18 O LYS B 84 ? O LYS B 85 
AA4 1 2 N ILE B 78 ? N ILE B 79 O LYS B 81 ? O LYS B 82 
# 
_atom_sites.entry_id                    4TLQ 
_atom_sites.fract_transf_matrix[1][1]   0.00412098 
_atom_sites.fract_transf_matrix[1][2]   0.00134743 
_atom_sites.fract_transf_matrix[1][3]   0.00723075 
_atom_sites.fract_transf_matrix[2][1]   -0.00589638 
_atom_sites.fract_transf_matrix[2][2]   -0.00434940 
_atom_sites.fract_transf_matrix[2][3]   0.00417099 
_atom_sites.fract_transf_matrix[3][1]   0.00439682 
_atom_sites.fract_transf_matrix[3][2]   -0.00709570 
_atom_sites.fract_transf_matrix[3][3]   -0.00118358 
_atom_sites.fract_transf_vector[1]      -0.260782 
_atom_sites.fract_transf_vector[2]      -0.207209 
_atom_sites.fract_transf_vector[3]      -0.004187 
# 
loop_
_atom_type.symbol 
C 
N 
O 
S 
# 
loop_
_atom_site.group_PDB 
_atom_site.id 
_atom_site.type_symbol 
_atom_site.label_atom_id 
_atom_site.label_alt_id 
_atom_site.label_comp_id 
_atom_site.label_asym_id 
_atom_site.label_entity_id 
_atom_site.label_seq_id 
_atom_site.pdbx_PDB_ins_code 
_atom_site.Cartn_x 
_atom_site.Cartn_y 
_atom_site.Cartn_z 
_atom_site.occupancy 
_atom_site.B_iso_or_equiv 
_atom_site.pdbx_formal_charge 
_atom_site.auth_seq_id 
_atom_site.auth_comp_id 
_atom_site.auth_asym_id 
_atom_site.auth_atom_id 
_atom_site.pdbx_PDB_model_num 
ATOM   1    N N   . GLU A 1 7  ? 8.569   18.517  8.898   1.00 58.72 ? 8   GLU A N   1 
ATOM   2    C CA  . GLU A 1 7  ? 9.469   18.071  9.955   1.00 66.26 ? 8   GLU A CA  1 
ATOM   3    C C   . GLU A 1 7  ? 9.774   19.215  10.916  1.00 70.58 ? 8   GLU A C   1 
ATOM   4    O O   . GLU A 1 7  ? 9.908   20.367  10.504  1.00 73.98 ? 8   GLU A O   1 
ATOM   5    C CB  . GLU A 1 7  ? 10.765  17.508  9.359   1.00 67.57 ? 8   GLU A CB  1 
ATOM   6    C CG  . GLU A 1 7  ? 11.960  17.522  10.306  1.00 66.07 ? 8   GLU A CG  1 
ATOM   7    C CD  . GLU A 1 7  ? 13.050  16.557  9.887   1.00 72.69 ? 8   GLU A CD  1 
ATOM   8    O OE1 . GLU A 1 7  ? 14.047  16.421  10.631  1.00 75.08 ? 8   GLU A OE1 1 
ATOM   9    O OE2 . GLU A 1 7  ? 12.909  15.927  8.817   1.00 74.36 ? 8   GLU A OE2 1 
ATOM   10   N N   . GLY A 1 8  ? 9.881   18.894  12.200  1.00 66.09 ? 9   GLY A N   1 
ATOM   11   C CA  . GLY A 1 8  ? 10.147  19.918  13.187  1.00 71.35 ? 9   GLY A CA  1 
ATOM   12   C C   . GLY A 1 8  ? 11.290  19.649  14.144  1.00 69.63 ? 9   GLY A C   1 
ATOM   13   O O   . GLY A 1 8  ? 12.239  18.933  13.819  1.00 65.75 ? 9   GLY A O   1 
ATOM   14   N N   . PRO A 1 9  ? 11.188  20.239  15.343  1.00 67.90 ? 10  PRO A N   1 
ATOM   15   C CA  . PRO A 1 9  ? 12.124  20.296  16.468  1.00 74.39 ? 10  PRO A CA  1 
ATOM   16   C C   . PRO A 1 9  ? 12.991  19.073  16.766  1.00 66.78 ? 10  PRO A C   1 
ATOM   17   O O   . PRO A 1 9  ? 12.667  17.942  16.400  1.00 69.37 ? 10  PRO A O   1 
ATOM   18   C CB  . PRO A 1 9  ? 11.191  20.527  17.676  1.00 67.80 ? 10  PRO A CB  1 
ATOM   19   C CG  . PRO A 1 9  ? 9.815   20.788  17.118  1.00 57.22 ? 10  PRO A CG  1 
ATOM   20   C CD  . PRO A 1 9  ? 9.975   21.011  15.651  1.00 62.68 ? 10  PRO A CD  1 
ATOM   21   N N   . GLU A 1 10 ? 14.112  19.348  17.427  1.00 69.82 ? 11  GLU A N   1 
ATOM   22   C CA  . GLU A 1 10 ? 14.644  18.453  18.445  1.00 58.36 ? 11  GLU A CA  1 
ATOM   23   C C   . GLU A 1 10 ? 14.799  16.974  18.145  1.00 62.77 ? 11  GLU A C   1 
ATOM   24   O O   . GLU A 1 10 ? 14.992  16.535  17.004  1.00 73.33 ? 11  GLU A O   1 
ATOM   25   C CB  . GLU A 1 10 ? 13.734  18.570  19.679  1.00 56.41 ? 11  GLU A CB  1 
ATOM   26   C CG  . GLU A 1 10 ? 14.381  19.186  20.881  1.00 56.35 ? 11  GLU A CG  1 
ATOM   27   C CD  . GLU A 1 10 ? 15.222  18.161  21.632  1.00 58.60 ? 11  GLU A CD  1 
ATOM   28   O OE1 . GLU A 1 10 ? 14.947  16.946  21.501  1.00 69.99 ? 11  GLU A OE1 1 
ATOM   29   O OE2 . GLU A 1 10 ? 16.194  18.551  22.308  1.00 65.84 ? 11  GLU A OE2 1 
ATOM   30   N N   . GLY A 1 11 ? 14.750  16.230  19.244  1.00 42.55 ? 12  GLY A N   1 
ATOM   31   C CA  . GLY A 1 11 ? 14.306  14.861  19.251  1.00 43.92 ? 12  GLY A CA  1 
ATOM   32   C C   . GLY A 1 11 ? 12.801  14.953  19.418  1.00 39.47 ? 12  GLY A C   1 
ATOM   33   O O   . GLY A 1 11 ? 12.249  14.568  20.447  1.00 37.34 ? 12  GLY A O   1 
ATOM   34   N N   . ALA A 1 12 ? 12.146  15.517  18.409  1.00 34.51 ? 13  ALA A N   1 
ATOM   35   C CA  . ALA A 1 12 ? 10.700  15.475  18.302  1.00 34.97 ? 13  ALA A CA  1 
ATOM   36   C C   . ALA A 1 12 ? 10.289  14.647  17.075  1.00 32.51 ? 13  ALA A C   1 
ATOM   37   O O   . ALA A 1 12 ? 9.130   14.670  16.662  1.00 29.62 ? 13  ALA A O   1 
ATOM   38   C CB  . ALA A 1 12 ? 10.129  16.875  18.217  1.00 26.27 ? 13  ALA A CB  1 
ATOM   39   N N   . ASN A 1 13 ? 11.244  13.921  16.497  1.00 30.76 ? 14  ASN A N   1 
ATOM   40   C CA  . ASN A 1 13 ? 10.979  13.127  15.301  1.00 27.90 ? 14  ASN A CA  1 
ATOM   41   C C   . ASN A 1 13 ? 11.125  11.639  15.572  1.00 29.02 ? 14  ASN A C   1 
ATOM   42   O O   . ASN A 1 13 ? 12.110  11.206  16.170  1.00 26.55 ? 14  ASN A O   1 
ATOM   43   C CB  . ASN A 1 13 ? 11.910  13.538  14.165  1.00 28.80 ? 14  ASN A CB  1 
ATOM   44   C CG  . ASN A 1 13 ? 11.943  15.037  13.957  1.00 44.62 ? 14  ASN A CG  1 
ATOM   45   O OD1 . ASN A 1 13 ? 10.954  15.645  13.553  1.00 44.12 ? 14  ASN A OD1 1 
ATOM   46   N ND2 . ASN A 1 13 ? 13.091  15.643  14.234  1.00 59.82 ? 14  ASN A ND2 1 
ATOM   47   N N   . LEU A 1 14 ? 10.138  10.864  15.130  1.00 30.59 ? 15  LEU A N   1 
ATOM   48   C CA  . LEU A 1 14 ? 10.102  9.424   15.381  1.00 29.88 ? 15  LEU A CA  1 
ATOM   49   C C   . LEU A 1 14 ? 10.168  8.614   14.108  1.00 24.08 ? 15  LEU A C   1 
ATOM   50   O O   . LEU A 1 14 ? 9.593   8.998   13.087  1.00 28.15 ? 15  LEU A O   1 
ATOM   51   C CB  . LEU A 1 14 ? 8.819   9.033   16.121  1.00 24.22 ? 15  LEU A CB  1 
ATOM   52   C CG  . LEU A 1 14 ? 8.502   9.744   17.425  1.00 30.98 ? 15  LEU A CG  1 
ATOM   53   C CD1 . LEU A 1 14 ? 7.200   9.203   17.995  1.00 27.51 ? 15  LEU A CD1 1 
ATOM   54   C CD2 . LEU A 1 14 ? 9.647   9.530   18.391  1.00 33.89 ? 15  LEU A CD2 1 
ATOM   55   N N   . PHE A 1 15 ? 10.850  7.478   14.180  1.00 25.58 ? 16  PHE A N   1 
ATOM   56   C CA  . PHE A 1 15 ? 10.672  6.432   13.183  1.00 23.02 ? 16  PHE A CA  1 
ATOM   57   C C   . PHE A 1 15 ? 9.804   5.337   13.779  1.00 22.92 ? 16  PHE A C   1 
ATOM   58   O O   . PHE A 1 15 ? 10.001  4.934   14.929  1.00 20.58 ? 16  PHE A O   1 
ATOM   59   C CB  . PHE A 1 15 ? 12.015  5.865   12.715  1.00 25.02 ? 16  PHE A CB  1 
ATOM   60   C CG  . PHE A 1 15 ? 12.673  6.692   11.657  1.00 29.83 ? 16  PHE A CG  1 
ATOM   61   C CD1 . PHE A 1 15 ? 12.269  6.600   10.340  1.00 35.67 ? 16  PHE A CD1 1 
ATOM   62   C CD2 . PHE A 1 15 ? 13.684  7.581   11.981  1.00 46.46 ? 16  PHE A CD2 1 
ATOM   63   C CE1 . PHE A 1 15 ? 12.868  7.373   9.356   1.00 38.03 ? 16  PHE A CE1 1 
ATOM   64   C CE2 . PHE A 1 15 ? 14.286  8.358   11.003  1.00 47.29 ? 16  PHE A CE2 1 
ATOM   65   C CZ  . PHE A 1 15 ? 13.875  8.253   9.690   1.00 38.72 ? 16  PHE A CZ  1 
ATOM   66   N N   . ILE A 1 16 ? 8.835   4.869   13.002  1.00 22.66 ? 17  ILE A N   1 
ATOM   67   C CA  . ILE A 1 16 ? 7.977   3.776   13.432  1.00 21.31 ? 17  ILE A CA  1 
ATOM   68   C C   . ILE A 1 16 ? 8.156   2.592   12.500  1.00 21.12 ? 17  ILE A C   1 
ATOM   69   O O   . ILE A 1 16 ? 8.040   2.737   11.291  1.00 24.29 ? 17  ILE A O   1 
ATOM   70   C CB  . ILE A 1 16 ? 6.492   4.196   13.460  1.00 24.38 ? 17  ILE A CB  1 
ATOM   71   C CG1 . ILE A 1 16 ? 6.301   5.401   14.382  1.00 28.56 ? 17  ILE A CG1 1 
ATOM   72   C CG2 . ILE A 1 16 ? 5.604   3.043   13.916  1.00 18.94 ? 17  ILE A CG2 1 
ATOM   73   C CD1 . ILE A 1 16 ? 5.728   6.596   13.687  1.00 31.03 ? 17  ILE A CD1 1 
ATOM   74   N N   . TYR A 1 17 ? 8.433   1.424   13.064  1.00 23.47 ? 18  TYR A N   1 
ATOM   75   C CA  . TYR A 1 17 ? 8.639   0.219   12.269  1.00 22.90 ? 18  TYR A CA  1 
ATOM   76   C C   . TYR A 1 17 ? 7.563   -0.810  12.561  1.00 25.42 ? 18  TYR A C   1 
ATOM   77   O O   . TYR A 1 17 ? 6.885   -0.733  13.590  1.00 26.35 ? 18  TYR A O   1 
ATOM   78   C CB  . TYR A 1 17 ? 10.018  -0.382  12.549  1.00 27.16 ? 18  TYR A CB  1 
ATOM   79   C CG  . TYR A 1 17 ? 11.152  0.579   12.309  1.00 27.66 ? 18  TYR A CG  1 
ATOM   80   C CD1 . TYR A 1 17 ? 11.694  0.743   11.038  1.00 28.77 ? 18  TYR A CD1 1 
ATOM   81   C CD2 . TYR A 1 17 ? 11.673  1.339   13.348  1.00 28.95 ? 18  TYR A CD2 1 
ATOM   82   C CE1 . TYR A 1 17 ? 12.731  1.629   10.816  1.00 30.53 ? 18  TYR A CE1 1 
ATOM   83   C CE2 . TYR A 1 17 ? 12.705  2.229   13.137  1.00 28.38 ? 18  TYR A CE2 1 
ATOM   84   C CZ  . TYR A 1 17 ? 13.231  2.369   11.873  1.00 34.09 ? 18  TYR A CZ  1 
ATOM   85   O OH  . TYR A 1 17 ? 14.258  3.257   11.667  1.00 38.16 ? 18  TYR A OH  1 
ATOM   86   N N   . HIS A 1 18 ? 7.428   -1.772  11.652  1.00 26.93 ? 19  HIS A N   1 
ATOM   87   C CA  . HIS A 1 18 ? 6.461   -2.864  11.760  1.00 24.74 ? 19  HIS A CA  1 
ATOM   88   C C   . HIS A 1 18 ? 5.035   -2.349  11.690  1.00 25.29 ? 19  HIS A C   1 
ATOM   89   O O   . HIS A 1 18 ? 4.139   -2.883  12.345  1.00 27.06 ? 19  HIS A O   1 
ATOM   90   C CB  . HIS A 1 18 ? 6.670   -3.659  13.050  1.00 26.58 ? 19  HIS A CB  1 
ATOM   91   C CG  . HIS A 1 18 ? 8.085   -4.090  13.265  1.00 36.24 ? 19  HIS A CG  1 
ATOM   92   N ND1 . HIS A 1 18 ? 8.976   -4.267  12.226  1.00 33.93 ? 19  HIS A ND1 1 
ATOM   93   C CD2 . HIS A 1 18 ? 8.771   -4.376  14.399  1.00 36.55 ? 19  HIS A CD2 1 
ATOM   94   C CE1 . HIS A 1 18 ? 10.145  -4.643  12.710  1.00 36.99 ? 19  HIS A CE1 1 
ATOM   95   N NE2 . HIS A 1 18 ? 10.046  -4.718  14.027  1.00 37.05 ? 19  HIS A NE2 1 
ATOM   96   N N   . LEU A 1 19 ? 4.835   -1.302  10.898  1.00 22.23 ? 20  LEU A N   1 
ATOM   97   C CA  . LEU A 1 19 ? 3.499   -0.820  10.584  1.00 23.91 ? 20  LEU A CA  1 
ATOM   98   C C   . LEU A 1 19 ? 2.695   -1.876  9.836   1.00 27.58 ? 20  LEU A C   1 
ATOM   99   O O   . LEU A 1 19 ? 3.261   -2.677  9.091   1.00 33.57 ? 20  LEU A O   1 
ATOM   100  C CB  . LEU A 1 19 ? 3.571   0.446   9.732   1.00 27.53 ? 20  LEU A CB  1 
ATOM   101  C CG  . LEU A 1 19 ? 4.053   1.741   10.367  1.00 23.97 ? 20  LEU A CG  1 
ATOM   102  C CD1 . LEU A 1 19 ? 4.164   2.794   9.285   1.00 16.52 ? 20  LEU A CD1 1 
ATOM   103  C CD2 . LEU A 1 19 ? 3.080   2.171   11.450  1.00 18.47 ? 20  LEU A CD2 1 
ATOM   104  N N   . PRO A 1 20 ? 1.373   -1.893  10.039  1.00 30.93 ? 21  PRO A N   1 
ATOM   105  C CA  . PRO A 1 20 ? 0.530   -2.637  9.099   1.00 29.71 ? 21  PRO A CA  1 
ATOM   106  C C   . PRO A 1 20 ? 0.754   -2.100  7.691   1.00 28.52 ? 21  PRO A C   1 
ATOM   107  O O   . PRO A 1 20 ? 0.785   -0.879  7.502   1.00 22.48 ? 21  PRO A O   1 
ATOM   108  C CB  . PRO A 1 20 ? -0.890  -2.350  9.591   1.00 25.87 ? 21  PRO A CB  1 
ATOM   109  C CG  . PRO A 1 20 ? -0.720  -2.059  11.043  1.00 31.62 ? 21  PRO A CG  1 
ATOM   110  C CD  . PRO A 1 20 ? 0.604   -1.361  11.176  1.00 29.58 ? 21  PRO A CD  1 
ATOM   111  N N   . GLN A 1 21 ? 0.915   -2.989  6.719   1.00 27.75 ? 22  GLN A N   1 
ATOM   112  C CA  . GLN A 1 21 ? 1.281   -2.563  5.375   1.00 29.47 ? 22  GLN A CA  1 
ATOM   113  C C   . GLN A 1 21 ? 0.166   -1.722  4.756   1.00 23.89 ? 22  GLN A C   1 
ATOM   114  O O   . GLN A 1 21 ? 0.391   -0.938  3.831   1.00 25.16 ? 22  GLN A O   1 
ATOM   115  C CB  . GLN A 1 21 ? 1.605   -3.777  4.496   1.00 24.78 ? 22  GLN A CB  1 
ATOM   116  C CG  . GLN A 1 21 ? 2.308   -3.412  3.196   1.00 31.11 ? 22  GLN A CG  1 
ATOM   117  C CD  . GLN A 1 21 ? 2.929   -4.608  2.491   1.00 37.61 ? 22  GLN A CD  1 
ATOM   118  O OE1 . GLN A 1 21 ? 2.404   -5.720  2.536   1.00 46.11 ? 22  GLN A OE1 1 
ATOM   119  N NE2 . GLN A 1 21 ? 4.066   -4.379  1.843   1.00 45.99 ? 22  GLN A NE2 1 
ATOM   120  N N   . GLU A 1 22 ? -1.032  -1.856  5.306   1.00 22.10 ? 23  GLU A N   1 
ATOM   121  C CA  A GLU A 1 22 ? -2.169  -1.157  4.726   0.72 27.60 ? 23  GLU A CA  1 
ATOM   122  C CA  B GLU A 1 22 ? -2.231  -1.194  4.811   0.28 28.08 ? 23  GLU A CA  1 
ATOM   123  C C   . GLU A 1 22 ? -2.335  0.259   5.273   1.00 25.61 ? 23  GLU A C   1 
ATOM   124  O O   . GLU A 1 22 ? -3.129  1.034   4.748   1.00 29.10 ? 23  GLU A O   1 
ATOM   125  C CB  A GLU A 1 22 ? -3.450  -1.970  4.928   0.72 25.81 ? 23  GLU A CB  1 
ATOM   126  C CB  B GLU A 1 22 ? -3.469  -1.968  5.271   0.28 26.63 ? 23  GLU A CB  1 
ATOM   127  C CG  A GLU A 1 22 ? -3.590  -2.640  6.269   0.72 27.28 ? 23  GLU A CG  1 
ATOM   128  C CG  B GLU A 1 22 ? -3.577  -3.376  4.703   0.28 31.47 ? 23  GLU A CG  1 
ATOM   129  C CD  A GLU A 1 22 ? -4.588  -3.782  6.229   0.72 32.39 ? 23  GLU A CD  1 
ATOM   130  C CD  B GLU A 1 22 ? -2.597  -4.353  5.338   0.28 30.20 ? 23  GLU A CD  1 
ATOM   131  O OE1 A GLU A 1 22 ? -4.175  -4.931  5.958   0.72 31.41 ? 23  GLU A OE1 1 
ATOM   132  O OE1 B GLU A 1 22 ? -2.006  -4.017  6.384   0.28 27.67 ? 23  GLU A OE1 1 
ATOM   133  O OE2 A GLU A 1 22 ? -5.786  -3.531  6.468   0.72 29.81 ? 23  GLU A OE2 1 
ATOM   134  O OE2 B GLU A 1 22 ? -2.402  -5.450  4.784   0.28 32.40 ? 23  GLU A OE2 1 
ATOM   135  N N   . PHE A 1 23 ? -1.556  0.618   6.288   1.00 25.95 ? 24  PHE A N   1 
ATOM   136  C CA  . PHE A 1 23 ? -1.620  1.973   6.840   1.00 28.91 ? 24  PHE A CA  1 
ATOM   137  C C   . PHE A 1 23 ? -1.023  3.013   5.896   1.00 25.64 ? 24  PHE A C   1 
ATOM   138  O O   . PHE A 1 23 ? 0.013   2.784   5.272   1.00 25.15 ? 24  PHE A O   1 
ATOM   139  C CB  . PHE A 1 23 ? -0.908  2.038   8.195   1.00 22.70 ? 24  PHE A CB  1 
ATOM   140  C CG  . PHE A 1 23 ? -1.807  1.750   9.365   1.00 26.72 ? 24  PHE A CG  1 
ATOM   141  C CD1 . PHE A 1 23 ? -1.446  2.134   10.648  1.00 28.64 ? 24  PHE A CD1 1 
ATOM   142  C CD2 . PHE A 1 23 ? -3.017  1.097   9.181   1.00 25.43 ? 24  PHE A CD2 1 
ATOM   143  C CE1 . PHE A 1 23 ? -2.274  1.867   11.728  1.00 28.30 ? 24  PHE A CE1 1 
ATOM   144  C CE2 . PHE A 1 23 ? -3.849  0.827   10.252  1.00 25.48 ? 24  PHE A CE2 1 
ATOM   145  C CZ  . PHE A 1 23 ? -3.477  1.210   11.529  1.00 27.14 ? 24  PHE A CZ  1 
ATOM   146  N N   . GLY A 1 24 ? -1.691  4.158   5.799   1.00 22.73 ? 25  GLY A N   1 
ATOM   147  C CA  . GLY A 1 24 ? -1.212  5.265   4.994   1.00 20.00 ? 25  GLY A CA  1 
ATOM   148  C C   . GLY A 1 24 ? -0.814  6.432   5.876   1.00 22.49 ? 25  GLY A C   1 
ATOM   149  O O   . GLY A 1 24 ? -0.751  6.288   7.098   1.00 22.53 ? 25  GLY A O   1 
ATOM   150  N N   . ASP A 1 25 ? -0.552  7.585   5.265   1.00 26.58 ? 26  ASP A N   1 
ATOM   151  C CA  . ASP A 1 25 ? -0.133  8.769   6.013   1.00 23.54 ? 26  ASP A CA  1 
ATOM   152  C C   . ASP A 1 25 ? -1.163  9.177   7.061   1.00 23.91 ? 26  ASP A C   1 
ATOM   153  O O   . ASP A 1 25 ? -0.819  9.409   8.218   1.00 23.01 ? 26  ASP A O   1 
ATOM   154  C CB  . ASP A 1 25 ? 0.124   9.946   5.071   1.00 18.32 ? 26  ASP A CB  1 
ATOM   155  C CG  . ASP A 1 25 ? 1.274   9.700   4.115   1.00 27.49 ? 26  ASP A CG  1 
ATOM   156  O OD1 . ASP A 1 25 ? 2.003   8.698   4.282   1.00 33.59 ? 26  ASP A OD1 1 
ATOM   157  O OD2 . ASP A 1 25 ? 1.466   10.534  3.208   1.00 35.09 ? 26  ASP A OD2 1 
ATOM   158  N N   . GLN A 1 26 ? -2.425  9.265   6.655   1.00 26.56 ? 27  GLN A N   1 
ATOM   159  C CA  . GLN A 1 26 ? -3.480  9.692   7.566   1.00 24.89 ? 27  GLN A CA  1 
ATOM   160  C C   . GLN A 1 26 ? -3.616  8.739   8.749   1.00 25.50 ? 27  GLN A C   1 
ATOM   161  O O   . GLN A 1 26 ? -3.782  9.178   9.877   1.00 23.86 ? 27  GLN A O   1 
ATOM   162  C CB  . GLN A 1 26 ? -4.809  9.814   6.831   1.00 30.55 ? 27  GLN A CB  1 
ATOM   163  C CG  . GLN A 1 26 ? -4.977  11.127  6.096   1.00 33.96 ? 27  GLN A CG  1 
ATOM   164  C CD  . GLN A 1 26 ? -4.842  12.327  7.019   1.00 49.49 ? 27  GLN A CD  1 
ATOM   165  O OE1 . GLN A 1 26 ? -5.406  12.350  8.116   1.00 49.47 ? 27  GLN A OE1 1 
ATOM   166  N NE2 . GLN A 1 26 ? -4.091  13.332  6.578   1.00 43.68 ? 27  GLN A NE2 1 
ATOM   167  N N   . ASP A 1 27 ? -3.523  7.440   8.487   1.00 24.52 ? 28  ASP A N   1 
ATOM   168  C CA  . ASP A 1 27 ? -3.604  6.436   9.544   1.00 23.38 ? 28  ASP A CA  1 
ATOM   169  C C   . ASP A 1 27 ? -2.558  6.646   10.634  1.00 20.61 ? 28  ASP A C   1 
ATOM   170  O O   . ASP A 1 27 ? -2.869  6.621   11.824  1.00 21.21 ? 28  ASP A O   1 
ATOM   171  C CB  . ASP A 1 27 ? -3.455  5.040   8.950   1.00 21.69 ? 28  ASP A CB  1 
ATOM   172  C CG  . ASP A 1 27 ? -4.640  4.646   8.107   1.00 26.87 ? 28  ASP A CG  1 
ATOM   173  O OD1 . ASP A 1 27 ? -5.779  4.929   8.535   1.00 24.86 ? 28  ASP A OD1 1 
ATOM   174  O OD2 . ASP A 1 27 ? -4.436  4.085   7.008   1.00 26.78 ? 28  ASP A OD2 1 
ATOM   175  N N   . ILE A 1 28 ? -1.315  6.856   10.223  1.00 21.08 ? 29  ILE A N   1 
ATOM   176  C CA  . ILE A 1 28 ? -0.217  6.988   11.168  1.00 22.08 ? 29  ILE A CA  1 
ATOM   177  C C   . ILE A 1 28 ? -0.336  8.336   11.898  1.00 23.16 ? 29  ILE A C   1 
ATOM   178  O O   . ILE A 1 28 ? -0.075  8.425   13.097  1.00 19.88 ? 29  ILE A O   1 
ATOM   179  C CB  . ILE A 1 28 ? 1.158   6.819   10.442  1.00 20.11 ? 29  ILE A CB  1 
ATOM   180  C CG1 . ILE A 1 28 ? 2.291   6.587   11.428  1.00 33.76 ? 29  ILE A CG1 1 
ATOM   181  C CG2 . ILE A 1 28 ? 1.499   7.998   9.556   1.00 26.34 ? 29  ILE A CG2 1 
ATOM   182  C CD1 . ILE A 1 28 ? 3.665   6.742   10.777  1.00 38.14 ? 29  ILE A CD1 1 
ATOM   183  N N   . LEU A 1 29 ? -0.784  9.365   11.184  1.00 17.57 ? 30  LEU A N   1 
ATOM   184  C CA  . LEU A 1 29 ? -1.022  10.680  11.773  1.00 19.93 ? 30  LEU A CA  1 
ATOM   185  C C   . LEU A 1 29 ? -2.042  10.619  12.918  1.00 28.39 ? 30  LEU A C   1 
ATOM   186  O O   . LEU A 1 29 ? -1.788  11.146  14.005  1.00 21.68 ? 30  LEU A O   1 
ATOM   187  C CB  . LEU A 1 29 ? -1.496  11.663  10.698  1.00 20.96 ? 30  LEU A CB  1 
ATOM   188  C CG  . LEU A 1 29 ? -2.049  13.027  11.127  1.00 31.40 ? 30  LEU A CG  1 
ATOM   189  C CD1 . LEU A 1 29 ? -0.954  13.918  11.650  1.00 23.19 ? 30  LEU A CD1 1 
ATOM   190  C CD2 . LEU A 1 29 ? -2.748  13.710  9.963   1.00 27.66 ? 30  LEU A CD2 1 
ATOM   191  N N   . GLN A 1 30 ? -3.187  9.971   12.682  1.00 23.61 ? 31  GLN A N   1 
ATOM   192  C CA  . GLN A 1 30 ? -4.237  9.909   13.699  1.00 20.47 ? 31  GLN A CA  1 
ATOM   193  C C   . GLN A 1 30 ? -3.827  9.051   14.882  1.00 20.34 ? 31  GLN A C   1 
ATOM   194  O O   . GLN A 1 30 ? -4.228  9.322   16.009  1.00 21.69 ? 31  GLN A O   1 
ATOM   195  C CB  . GLN A 1 30 ? -5.546  9.361   13.128  1.00 20.71 ? 31  GLN A CB  1 
ATOM   196  C CG  . GLN A 1 30 ? -5.930  9.856   11.761  1.00 28.11 ? 31  GLN A CG  1 
ATOM   197  C CD  . GLN A 1 30 ? -6.418  11.277  11.737  1.00 36.32 ? 31  GLN A CD  1 
ATOM   198  O OE1 . GLN A 1 30 ? -6.389  11.981  12.750  1.00 42.21 ? 31  GLN A OE1 1 
ATOM   199  N NE2 . GLN A 1 30 ? -6.881  11.715  10.564  1.00 42.95 ? 31  GLN A NE2 1 
ATOM   200  N N   . MET A 1 31 ? -3.044  8.005   14.630  1.00 16.98 ? 32  MET A N   1 
ATOM   201  C CA  . MET A 1 31 ? -2.622  7.125   15.714  1.00 20.91 ? 32  MET A CA  1 
ATOM   202  C C   . MET A 1 31 ? -1.681  7.810   16.685  1.00 21.27 ? 32  MET A C   1 
ATOM   203  O O   . MET A 1 31 ? -1.565  7.394   17.836  1.00 24.51 ? 32  MET A O   1 
ATOM   204  C CB  . MET A 1 31 ? -1.940  5.866   15.185  1.00 20.51 ? 32  MET A CB  1 
ATOM   205  C CG  . MET A 1 31 ? -2.804  4.634   15.280  1.00 38.58 ? 32  MET A CG  1 
ATOM   206  S SD  . MET A 1 31 ? -1.865  3.091   15.193  1.00 38.55 ? 32  MET A SD  1 
ATOM   207  C CE  . MET A 1 31 ? -0.250  3.652   15.645  1.00 34.64 ? 32  MET A CE  1 
ATOM   208  N N   . PHE A 1 32 ? -1.004  8.856   16.228  1.00 19.20 ? 33  PHE A N   1 
ATOM   209  C CA  . PHE A 1 32 ? 0.042   9.452   17.041  1.00 24.09 ? 33  PHE A CA  1 
ATOM   210  C C   . PHE A 1 32 ? -0.320  10.841  17.554  1.00 24.07 ? 33  PHE A C   1 
ATOM   211  O O   . PHE A 1 32 ? 0.316   11.353  18.477  1.00 23.16 ? 33  PHE A O   1 
ATOM   212  C CB  . PHE A 1 32 ? 1.352   9.458   16.250  1.00 19.17 ? 33  PHE A CB  1 
ATOM   213  C CG  . PHE A 1 32 ? 2.078   8.154   16.332  1.00 21.75 ? 33  PHE A CG  1 
ATOM   214  C CD1 . PHE A 1 32 ? 1.740   7.095   15.497  1.00 19.77 ? 33  PHE A CD1 1 
ATOM   215  C CD2 . PHE A 1 32 ? 3.065   7.965   17.286  1.00 21.48 ? 33  PHE A CD2 1 
ATOM   216  C CE1 . PHE A 1 32 ? 2.397   5.879   15.597  1.00 21.72 ? 33  PHE A CE1 1 
ATOM   217  C CE2 . PHE A 1 32 ? 3.723   6.755   17.391  1.00 24.10 ? 33  PHE A CE2 1 
ATOM   218  C CZ  . PHE A 1 32 ? 3.386   5.708   16.543  1.00 26.14 ? 33  PHE A CZ  1 
ATOM   219  N N   . MET A 1 33 ? -1.370  11.424  16.986  1.00 22.97 ? 34  MET A N   1 
ATOM   220  C CA  . MET A 1 33 ? -1.921  12.673  17.508  1.00 24.66 ? 34  MET A CA  1 
ATOM   221  C C   . MET A 1 33 ? -2.349  12.663  18.996  1.00 20.34 ? 34  MET A C   1 
ATOM   222  O O   . MET A 1 33 ? -2.286  13.704  19.644  1.00 23.53 ? 34  MET A O   1 
ATOM   223  C CB  . MET A 1 33 ? -3.095  13.114  16.633  1.00 16.99 ? 34  MET A CB  1 
ATOM   224  C CG  . MET A 1 33 ? -2.712  14.201  15.626  1.00 22.19 ? 34  MET A CG  1 
ATOM   225  S SD  . MET A 1 33 ? -3.929  14.462  14.307  1.00 50.78 ? 34  MET A SD  1 
ATOM   226  C CE  . MET A 1 33 ? -5.448  13.968  15.107  1.00 36.94 ? 34  MET A CE  1 
ATOM   227  N N   . PRO A 1 34 ? -2.762  11.509  19.557  1.00 20.41 ? 35  PRO A N   1 
ATOM   228  C CA  . PRO A 1 34 ? -3.071  11.544  20.997  1.00 19.61 ? 35  PRO A CA  1 
ATOM   229  C C   . PRO A 1 34 ? -1.937  12.004  21.925  1.00 26.67 ? 35  PRO A C   1 
ATOM   230  O O   . PRO A 1 34 ? -2.179  12.223  23.119  1.00 26.57 ? 35  PRO A O   1 
ATOM   231  C CB  . PRO A 1 34 ? -3.418  10.083  21.303  1.00 16.94 ? 35  PRO A CB  1 
ATOM   232  C CG  . PRO A 1 34 ? -4.002  9.581   20.044  1.00 14.69 ? 35  PRO A CG  1 
ATOM   233  C CD  . PRO A 1 34 ? -3.229  10.250  18.943  1.00 20.95 ? 35  PRO A CD  1 
ATOM   234  N N   . PHE A 1 35 ? -0.723  12.136  21.403  1.00 21.12 ? 36  PHE A N   1 
ATOM   235  C CA  . PHE A 1 35 ? 0.416   12.449  22.253  1.00 20.35 ? 36  PHE A CA  1 
ATOM   236  C C   . PHE A 1 35 ? 0.866   13.888  22.082  1.00 20.75 ? 36  PHE A C   1 
ATOM   237  O O   . PHE A 1 35 ? 1.754   14.364  22.793  1.00 20.32 ? 36  PHE A O   1 
ATOM   238  C CB  . PHE A 1 35 ? 1.552   11.478  21.964  1.00 19.14 ? 36  PHE A CB  1 
ATOM   239  C CG  . PHE A 1 35 ? 1.138   10.050  22.071  1.00 21.58 ? 36  PHE A CG  1 
ATOM   240  C CD1 . PHE A 1 35 ? 0.959   9.467   23.313  1.00 18.84 ? 36  PHE A CD1 1 
ATOM   241  C CD2 . PHE A 1 35 ? 0.887   9.297   20.933  1.00 19.80 ? 36  PHE A CD2 1 
ATOM   242  C CE1 . PHE A 1 35 ? 0.555   8.151   23.419  1.00 19.23 ? 36  PHE A CE1 1 
ATOM   243  C CE2 . PHE A 1 35 ? 0.485   7.982   21.030  1.00 16.81 ? 36  PHE A CE2 1 
ATOM   244  C CZ  . PHE A 1 35 ? 0.317   7.407   22.276  1.00 20.65 ? 36  PHE A CZ  1 
ATOM   245  N N   . GLY A 1 36 ? 0.229   14.585  21.152  1.00 17.26 ? 37  GLY A N   1 
ATOM   246  C CA  . GLY A 1 36 ? 0.503   15.988  20.949  1.00 17.62 ? 37  GLY A CA  1 
ATOM   247  C C   . GLY A 1 36 ? 0.354   16.375  19.500  1.00 21.88 ? 37  GLY A C   1 
ATOM   248  O O   . GLY A 1 36 ? -0.072  15.579  18.664  1.00 25.02 ? 37  GLY A O   1 
ATOM   249  N N   . ASN A 1 37 ? 0.722   17.610  19.205  1.00 23.82 ? 38  ASN A N   1 
ATOM   250  C CA  . ASN A 1 37 ? 0.592   18.158  17.866  1.00 28.61 ? 38  ASN A CA  1 
ATOM   251  C C   . ASN A 1 37 ? 1.572   17.526  16.876  1.00 29.33 ? 38  ASN A C   1 
ATOM   252  O O   . ASN A 1 37 ? 2.782   17.763  16.942  1.00 22.06 ? 38  ASN A O   1 
ATOM   253  C CB  . ASN A 1 37 ? 0.791   19.675  17.918  1.00 31.29 ? 38  ASN A CB  1 
ATOM   254  C CG  . ASN A 1 37 ? 0.442   20.354  16.618  1.00 32.79 ? 38  ASN A CG  1 
ATOM   255  O OD1 . ASN A 1 37 ? -0.373  19.855  15.841  1.00 36.83 ? 38  ASN A OD1 1 
ATOM   256  N ND2 . ASN A 1 37 ? 1.043   21.510  16.382  1.00 27.89 ? 38  ASN A ND2 1 
ATOM   257  N N   . VAL A 1 38 ? 1.039   16.712  15.969  1.00 26.53 ? 39  VAL A N   1 
ATOM   258  C CA  . VAL A 1 38 ? 1.822   16.136  14.883  1.00 24.61 ? 39  VAL A CA  1 
ATOM   259  C C   . VAL A 1 38 ? 1.885   17.112  13.722  1.00 29.04 ? 39  VAL A C   1 
ATOM   260  O O   . VAL A 1 38 ? 0.852   17.477  13.159  1.00 34.57 ? 39  VAL A O   1 
ATOM   261  C CB  . VAL A 1 38 ? 1.228   14.808  14.381  1.00 24.29 ? 39  VAL A CB  1 
ATOM   262  C CG1 . VAL A 1 38 ? 2.136   14.198  13.315  1.00 22.25 ? 39  VAL A CG1 1 
ATOM   263  C CG2 . VAL A 1 38 ? 1.022   13.839  15.542  1.00 20.25 ? 39  VAL A CG2 1 
ATOM   264  N N   . ILE A 1 39 ? 3.090   17.534  13.355  1.00 23.50 ? 40  ILE A N   1 
ATOM   265  C CA  . ILE A 1 39 ? 3.241   18.517  12.288  1.00 29.08 ? 40  ILE A CA  1 
ATOM   266  C C   . ILE A 1 39 ? 3.558   17.867  10.938  1.00 35.11 ? 40  ILE A C   1 
ATOM   267  O O   . ILE A 1 39 ? 3.284   18.449  9.887   1.00 37.25 ? 40  ILE A O   1 
ATOM   268  C CB  . ILE A 1 39 ? 4.327   19.560  12.634  1.00 35.19 ? 40  ILE A CB  1 
ATOM   269  C CG1 . ILE A 1 39 ? 5.673   18.884  12.874  1.00 34.23 ? 40  ILE A CG1 1 
ATOM   270  C CG2 . ILE A 1 39 ? 3.914   20.371  13.856  1.00 26.36 ? 40  ILE A CG2 1 
ATOM   271  C CD1 . ILE A 1 39 ? 6.638   19.740  13.659  1.00 37.50 ? 40  ILE A CD1 1 
ATOM   272  N N   . SER A 1 40 ? 4.128   16.666  10.957  1.00 29.24 ? 41  SER A N   1 
ATOM   273  C CA  . SER A 1 40 ? 4.221   15.874  9.736   1.00 26.92 ? 41  SER A CA  1 
ATOM   274  C C   . SER A 1 40 ? 4.208   14.383  10.050  1.00 23.89 ? 41  SER A C   1 
ATOM   275  O O   . SER A 1 40 ? 4.711   13.945  11.084  1.00 27.21 ? 41  SER A O   1 
ATOM   276  C CB  . SER A 1 40 ? 5.475   16.236  8.936   1.00 30.01 ? 41  SER A CB  1 
ATOM   277  O OG  . SER A 1 40 ? 6.643   15.712  9.540   1.00 46.38 ? 41  SER A OG  1 
ATOM   278  N N   . ALA A 1 41 ? 3.615   13.610  9.151   1.00 19.71 ? 42  ALA A N   1 
ATOM   279  C CA  . ALA A 1 41 ? 3.601   12.161  9.273   1.00 20.99 ? 42  ALA A CA  1 
ATOM   280  C C   . ALA A 1 41 ? 3.673   11.548  7.886   1.00 21.95 ? 42  ALA A C   1 
ATOM   281  O O   . ALA A 1 41 ? 2.985   11.992  6.969   1.00 28.31 ? 42  ALA A O   1 
ATOM   282  C CB  . ALA A 1 41 ? 2.356   11.687  10.009  1.00 20.17 ? 42  ALA A CB  1 
ATOM   283  N N   . LYS A 1 42 ? 4.502   10.524  7.735   1.00 22.70 ? 43  LYS A N   1 
ATOM   284  C CA  . LYS A 1 42 ? 4.722   9.920   6.430   1.00 24.64 ? 43  LYS A CA  1 
ATOM   285  C C   . LYS A 1 42 ? 4.926   8.419   6.533   1.00 25.10 ? 43  LYS A C   1 
ATOM   286  O O   . LYS A 1 42 ? 5.678   7.954   7.385   1.00 24.51 ? 43  LYS A O   1 
ATOM   287  C CB  . LYS A 1 42 ? 5.942   10.557  5.760   1.00 29.32 ? 43  LYS A CB  1 
ATOM   288  C CG  . LYS A 1 42 ? 6.111   10.194  4.299   1.00 42.78 ? 43  LYS A CG  1 
ATOM   289  C CD  . LYS A 1 42 ? 4.985   10.802  3.475   1.00 59.84 ? 43  LYS A CD  1 
ATOM   290  C CE  . LYS A 1 42 ? 4.939   10.231  2.064   1.00 57.85 ? 43  LYS A CE  1 
ATOM   291  N NZ  . LYS A 1 42 ? 3.744   10.742  1.329   1.00 47.78 ? 43  LYS A NZ  1 
ATOM   292  N N   . VAL A 1 43 ? 4.256   7.665   5.671   1.00 22.97 ? 44  VAL A N   1 
ATOM   293  C CA  . VAL A 1 43 ? 4.599   6.260   5.463   1.00 25.63 ? 44  VAL A CA  1 
ATOM   294  C C   . VAL A 1 43 ? 5.462   6.147   4.202   1.00 28.09 ? 44  VAL A C   1 
ATOM   295  O O   . VAL A 1 43 ? 5.169   6.773   3.180   1.00 24.36 ? 44  VAL A O   1 
ATOM   296  C CB  . VAL A 1 43 ? 3.346   5.365   5.331   1.00 25.39 ? 44  VAL A CB  1 
ATOM   297  C CG1 . VAL A 1 43 ? 3.741   3.954   4.922   1.00 23.19 ? 44  VAL A CG1 1 
ATOM   298  C CG2 . VAL A 1 43 ? 2.571   5.334   6.644   1.00 19.90 ? 44  VAL A CG2 1 
ATOM   299  N N   . PHE A 1 44 ? 6.541   5.375   4.285   1.00 23.97 ? 45  PHE A N   1 
ATOM   300  C CA  . PHE A 1 44 ? 7.429   5.200   3.140   1.00 32.15 ? 45  PHE A CA  1 
ATOM   301  C C   . PHE A 1 44 ? 6.942   4.080   2.224   1.00 30.21 ? 45  PHE A C   1 
ATOM   302  O O   . PHE A 1 44 ? 6.604   2.984   2.682   1.00 25.62 ? 45  PHE A O   1 
ATOM   303  C CB  . PHE A 1 44 ? 8.863   4.913   3.602   1.00 30.91 ? 45  PHE A CB  1 
ATOM   304  C CG  . PHE A 1 44 ? 9.456   6.003   4.451   1.00 29.28 ? 45  PHE A CG  1 
ATOM   305  C CD1 . PHE A 1 44 ? 9.791   7.229   3.893   1.00 31.36 ? 45  PHE A CD1 1 
ATOM   306  C CD2 . PHE A 1 44 ? 9.694   5.797   5.800   1.00 30.55 ? 45  PHE A CD2 1 
ATOM   307  C CE1 . PHE A 1 44 ? 10.339  8.238   4.672   1.00 30.60 ? 45  PHE A CE1 1 
ATOM   308  C CE2 . PHE A 1 44 ? 10.248  6.799   6.586   1.00 31.75 ? 45  PHE A CE2 1 
ATOM   309  C CZ  . PHE A 1 44 ? 10.568  8.022   6.020   1.00 28.35 ? 45  PHE A CZ  1 
ATOM   310  N N   . ILE A 1 45 ? 6.910   4.352   0.924   1.00 31.41 ? 46  ILE A N   1 
ATOM   311  C CA  . ILE A 1 45 ? 6.416   3.359   -0.024  1.00 37.74 ? 46  ILE A CA  1 
ATOM   312  C C   . ILE A 1 45 ? 7.443   3.012   -1.105  1.00 35.28 ? 46  ILE A C   1 
ATOM   313  O O   . ILE A 1 45 ? 8.288   3.829   -1.469  1.00 35.55 ? 46  ILE A O   1 
ATOM   314  C CB  . ILE A 1 45 ? 5.115   3.835   -0.705  1.00 37.45 ? 46  ILE A CB  1 
ATOM   315  C CG1 . ILE A 1 45 ? 5.404   4.965   -1.689  1.00 30.78 ? 46  ILE A CG1 1 
ATOM   316  C CG2 . ILE A 1 45 ? 4.083   4.285   0.337   1.00 24.81 ? 46  ILE A CG2 1 
ATOM   317  C CD1 . ILE A 1 45 ? 4.205   5.339   -2.521  1.00 34.81 ? 46  ILE A CD1 1 
ATOM   318  N N   . ASP A 1 46 ? 7.371   1.777   -1.590  1.00 35.55 ? 47  ASP A N   1 
ATOM   319  C CA  . ASP A 1 46 ? 8.099   1.353   -2.779  1.00 31.00 ? 47  ASP A CA  1 
ATOM   320  C C   . ASP A 1 46 ? 7.458   2.037   -3.973  1.00 30.92 ? 47  ASP A C   1 
ATOM   321  O O   . ASP A 1 46 ? 6.272   1.860   -4.216  1.00 32.44 ? 47  ASP A O   1 
ATOM   322  C CB  . ASP A 1 46 ? 8.045   -0.173  -2.918  1.00 42.17 ? 47  ASP A CB  1 
ATOM   323  C CG  . ASP A 1 46 ? 8.905   -0.700  -4.050  1.00 42.10 ? 47  ASP A CG  1 
ATOM   324  O OD1 . ASP A 1 46 ? 8.798   -0.188  -5.186  1.00 44.77 ? 47  ASP A OD1 1 
ATOM   325  O OD2 . ASP A 1 46 ? 9.686   -1.643  -3.797  1.00 49.01 ? 47  ASP A OD2 1 
ATOM   326  N N   . LYS A 1 47 ? 8.222   2.820   -4.722  1.00 31.92 ? 48  LYS A N   1 
ATOM   327  C CA  . LYS A 1 47 ? 7.610   3.642   -5.766  1.00 44.44 ? 48  LYS A CA  1 
ATOM   328  C C   . LYS A 1 47 ? 7.380   2.902   -7.083  1.00 38.36 ? 48  LYS A C   1 
ATOM   329  O O   . LYS A 1 47 ? 6.790   3.452   -8.009  1.00 38.07 ? 48  LYS A O   1 
ATOM   330  C CB  . LYS A 1 47 ? 8.445   4.907   -5.993  1.00 49.05 ? 48  LYS A CB  1 
ATOM   331  C CG  . LYS A 1 47 ? 8.107   6.004   -4.978  1.00 60.64 ? 48  LYS A CG  1 
ATOM   332  C CD  . LYS A 1 47 ? 9.342   6.588   -4.306  1.00 73.73 ? 48  LYS A CD  1 
ATOM   333  C CE  . LYS A 1 47 ? 9.190   8.089   -4.088  1.00 85.89 ? 48  LYS A CE  1 
ATOM   334  N NZ  . LYS A 1 47 ? 10.499  8.740   -3.796  1.00 76.67 ? 48  LYS A NZ  1 
ATOM   335  N N   . GLN A 1 48 ? 7.809   1.648   -7.162  1.00 38.22 ? 49  GLN A N   1 
ATOM   336  C CA  . GLN A 1 48 ? 7.411   0.823   -8.293  1.00 40.63 ? 49  GLN A CA  1 
ATOM   337  C C   . GLN A 1 48 ? 6.020   0.238   -8.045  1.00 40.38 ? 49  GLN A C   1 
ATOM   338  O O   . GLN A 1 48 ? 5.112   0.410   -8.859  1.00 48.34 ? 49  GLN A O   1 
ATOM   339  C CB  . GLN A 1 48 ? 8.417   -0.299  -8.551  1.00 46.47 ? 49  GLN A CB  1 
ATOM   340  C CG  . GLN A 1 48 ? 7.826   -1.455  -9.354  1.00 59.77 ? 49  GLN A CG  1 
ATOM   341  C CD  . GLN A 1 48 ? 8.745   -2.660  -9.438  1.00 71.95 ? 49  GLN A CD  1 
ATOM   342  O OE1 . GLN A 1 48 ? 9.068   -3.289  -8.427  1.00 73.06 ? 49  GLN A OE1 1 
ATOM   343  N NE2 . GLN A 1 48 ? 9.168   -2.993  -10.652 1.00 78.69 ? 49  GLN A NE2 1 
ATOM   344  N N   . THR A 1 49 ? 5.857   -0.431  -6.905  1.00 35.20 ? 50  THR A N   1 
ATOM   345  C CA  . THR A 1 49 ? 4.610   -1.123  -6.582  1.00 29.33 ? 50  THR A CA  1 
ATOM   346  C C   . THR A 1 49 ? 3.579   -0.261  -5.853  1.00 29.93 ? 50  THR A C   1 
ATOM   347  O O   . THR A 1 49 ? 2.398   -0.622  -5.808  1.00 28.79 ? 50  THR A O   1 
ATOM   348  C CB  . THR A 1 49 ? 4.878   -2.355  -5.709  1.00 33.93 ? 50  THR A CB  1 
ATOM   349  O OG1 . THR A 1 49 ? 5.419   -1.938  -4.450  1.00 32.28 ? 50  THR A OG1 1 
ATOM   350  C CG2 . THR A 1 49 ? 5.858   -3.298  -6.394  1.00 29.92 ? 50  THR A CG2 1 
ATOM   351  N N   . ASN A 1 50 ? 4.034   0.861   -5.290  1.00 29.89 ? 51  ASN A N   1 
ATOM   352  C CA  . ASN A 1 50 ? 3.242   1.721   -4.395  1.00 28.15 ? 51  ASN A CA  1 
ATOM   353  C C   . ASN A 1 50 ? 2.881   1.055   -3.073  1.00 24.21 ? 51  ASN A C   1 
ATOM   354  O O   . ASN A 1 50 ? 2.003   1.528   -2.359  1.00 33.84 ? 51  ASN A O   1 
ATOM   355  C CB  . ASN A 1 50 ? 1.962   2.210   -5.073  1.00 31.50 ? 51  ASN A CB  1 
ATOM   356  C CG  . ASN A 1 50 ? 2.212   3.353   -6.018  1.00 34.96 ? 51  ASN A CG  1 
ATOM   357  O OD1 . ASN A 1 50 ? 3.193   4.080   -5.876  1.00 40.27 ? 51  ASN A OD1 1 
ATOM   358  N ND2 . ASN A 1 50 ? 1.329   3.521   -6.995  1.00 41.05 ? 51  ASN A ND2 1 
ATOM   359  N N   . LEU A 1 51 ? 3.556   -0.040  -2.750  1.00 22.60 ? 52  LEU A N   1 
ATOM   360  C CA  . LEU A 1 51 ? 3.324   -0.738  -1.495  1.00 24.69 ? 52  LEU A CA  1 
ATOM   361  C C   . LEU A 1 51 ? 4.099   -0.096  -0.356  1.00 30.13 ? 52  LEU A C   1 
ATOM   362  O O   . LEU A 1 51 ? 5.252   0.299   -0.521  1.00 32.70 ? 52  LEU A O   1 
ATOM   363  C CB  . LEU A 1 51 ? 3.721   -2.210  -1.605  1.00 31.41 ? 52  LEU A CB  1 
ATOM   364  C CG  . LEU A 1 51 ? 2.729   -3.216  -2.179  1.00 38.08 ? 52  LEU A CG  1 
ATOM   365  C CD1 . LEU A 1 51 ? 3.308   -4.610  -2.023  1.00 35.21 ? 52  LEU A CD1 1 
ATOM   366  C CD2 . LEU A 1 51 ? 1.384   -3.112  -1.482  1.00 35.29 ? 52  LEU A CD2 1 
ATOM   367  N N   . SER A 1 52 ? 3.460   -0.008  0.804   1.00 29.34 ? 53  SER A N   1 
ATOM   368  C CA  . SER A 1 52 ? 4.118   0.490   1.999   1.00 26.50 ? 53  SER A CA  1 
ATOM   369  C C   . SER A 1 52 ? 5.349   -0.355  2.308   1.00 24.53 ? 53  SER A C   1 
ATOM   370  O O   . SER A 1 52 ? 5.352   -1.560  2.067   1.00 24.84 ? 53  SER A O   1 
ATOM   371  C CB  . SER A 1 52 ? 3.144   0.483   3.182   1.00 22.76 ? 53  SER A CB  1 
ATOM   372  O OG  . SER A 1 52 ? 3.827   0.546   4.422   1.00 27.20 ? 53  SER A OG  1 
ATOM   373  N N   . LYS A 1 53 ? 6.396   0.283   2.828   1.00 27.62 ? 54  LYS A N   1 
ATOM   374  C CA  . LYS A 1 53 ? 7.580   -0.434  3.297   1.00 20.83 ? 54  LYS A CA  1 
ATOM   375  C C   . LYS A 1 53 ? 7.451   -0.806  4.771   1.00 24.92 ? 54  LYS A C   1 
ATOM   376  O O   . LYS A 1 53 ? 8.420   -1.261  5.387   1.00 24.57 ? 54  LYS A O   1 
ATOM   377  C CB  . LYS A 1 53 ? 8.837   0.402   3.087   1.00 27.14 ? 54  LYS A CB  1 
ATOM   378  C CG  . LYS A 1 53 ? 9.173   0.692   1.631   1.00 29.22 ? 54  LYS A CG  1 
ATOM   379  C CD  . LYS A 1 53 ? 10.517  1.386   1.528   1.00 32.48 ? 54  LYS A CD  1 
ATOM   380  C CE  . LYS A 1 53 ? 10.878  1.714   0.093   1.00 45.18 ? 54  LYS A CE  1 
ATOM   381  N NZ  . LYS A 1 53 ? 12.180  2.435   0.030   1.00 51.30 ? 54  LYS A NZ  1 
ATOM   382  N N   . CYS A 1 54 ? 6.256   -0.586  5.323   1.00 18.84 ? 55  CYS A N   1 
ATOM   383  C CA  . CYS A 1 54 ? 5.910   -0.953  6.698   1.00 23.89 ? 55  CYS A CA  1 
ATOM   384  C C   . CYS A 1 54 ? 6.710   -0.189  7.751   1.00 27.35 ? 55  CYS A C   1 
ATOM   385  O O   . CYS A 1 54 ? 6.901   -0.663  8.876   1.00 24.00 ? 55  CYS A O   1 
ATOM   386  C CB  . CYS A 1 54 ? 6.078   -2.458  6.911   1.00 22.90 ? 55  CYS A CB  1 
ATOM   387  S SG  . CYS A 1 54 ? 4.912   -3.442  5.956   1.00 28.62 ? 55  CYS A SG  1 
ATOM   388  N N   . PHE A 1 55 ? 7.176   0.998   7.387   1.00 18.65 ? 56  PHE A N   1 
ATOM   389  C CA  . PHE A 1 55 ? 7.745   1.887   8.374   1.00 22.00 ? 56  PHE A CA  1 
ATOM   390  C C   . PHE A 1 55 ? 7.540   3.320   7.931   1.00 25.16 ? 56  PHE A C   1 
ATOM   391  O O   . PHE A 1 55 ? 7.309   3.596   6.755   1.00 24.56 ? 56  PHE A O   1 
ATOM   392  C CB  . PHE A 1 55 ? 9.226   1.569   8.627   1.00 27.40 ? 56  PHE A CB  1 
ATOM   393  C CG  . PHE A 1 55 ? 10.166  2.097   7.581   1.00 31.49 ? 56  PHE A CG  1 
ATOM   394  C CD1 . PHE A 1 55 ? 10.259  1.488   6.335   1.00 32.08 ? 56  PHE A CD1 1 
ATOM   395  C CD2 . PHE A 1 55 ? 10.998  3.172   7.863   1.00 31.53 ? 56  PHE A CD2 1 
ATOM   396  C CE1 . PHE A 1 55 ? 11.139  1.962   5.373   1.00 30.37 ? 56  PHE A CE1 1 
ATOM   397  C CE2 . PHE A 1 55 ? 11.885  3.647   6.911   1.00 38.32 ? 56  PHE A CE2 1 
ATOM   398  C CZ  . PHE A 1 55 ? 11.952  3.043   5.660   1.00 35.20 ? 56  PHE A CZ  1 
ATOM   399  N N   . GLY A 1 56 ? 7.585   4.231   8.892   1.00 22.74 ? 57  GLY A N   1 
ATOM   400  C CA  . GLY A 1 56 ? 7.285   5.614   8.603   1.00 21.91 ? 57  GLY A CA  1 
ATOM   401  C C   . GLY A 1 56 ? 7.885   6.577   9.597   1.00 24.07 ? 57  GLY A C   1 
ATOM   402  O O   . GLY A 1 56 ? 8.710   6.216   10.439  1.00 20.91 ? 57  GLY A O   1 
ATOM   403  N N   . PHE A 1 57 ? 7.423   7.813   9.511   1.00 21.72 ? 58  PHE A N   1 
ATOM   404  C CA  . PHE A 1 57 ? 8.050   8.924   10.191  1.00 24.24 ? 58  PHE A CA  1 
ATOM   405  C C   . PHE A 1 57 ? 6.988   9.853   10.780  1.00 25.99 ? 58  PHE A C   1 
ATOM   406  O O   . PHE A 1 57 ? 5.987   10.154  10.124  1.00 20.12 ? 58  PHE A O   1 
ATOM   407  C CB  . PHE A 1 57 ? 8.949   9.655   9.193   1.00 21.91 ? 58  PHE A CB  1 
ATOM   408  C CG  . PHE A 1 57 ? 9.535   10.920  9.706   1.00 32.48 ? 58  PHE A CG  1 
ATOM   409  C CD1 . PHE A 1 57 ? 10.688  10.899  10.486  1.00 39.99 ? 58  PHE A CD1 1 
ATOM   410  C CD2 . PHE A 1 57 ? 8.952   12.142  9.394   1.00 32.41 ? 58  PHE A CD2 1 
ATOM   411  C CE1 . PHE A 1 57 ? 11.251  12.080  10.962  1.00 41.12 ? 58  PHE A CE1 1 
ATOM   412  C CE2 . PHE A 1 57 ? 9.504   13.326  9.862   1.00 45.85 ? 58  PHE A CE2 1 
ATOM   413  C CZ  . PHE A 1 57 ? 10.661  13.295  10.649  1.00 43.43 ? 58  PHE A CZ  1 
ATOM   414  N N   . VAL A 1 58 ? 7.195   10.291  12.019  1.00 26.66 ? 59  VAL A N   1 
ATOM   415  C CA  . VAL A 1 58 ? 6.273   11.226  12.663  1.00 26.30 ? 59  VAL A CA  1 
ATOM   416  C C   . VAL A 1 58 ? 7.032   12.345  13.374  1.00 25.12 ? 59  VAL A C   1 
ATOM   417  O O   . VAL A 1 58 ? 8.004   12.090  14.086  1.00 24.64 ? 59  VAL A O   1 
ATOM   418  C CB  . VAL A 1 58 ? 5.345   10.500  13.676  1.00 25.74 ? 59  VAL A CB  1 
ATOM   419  C CG1 . VAL A 1 58 ? 4.732   11.487  14.669  1.00 21.53 ? 59  VAL A CG1 1 
ATOM   420  C CG2 . VAL A 1 58 ? 4.255   9.743   12.945  1.00 19.40 ? 59  VAL A CG2 1 
ATOM   421  N N   . SER A 1 59 ? 6.582   13.581  13.169  1.00 24.91 ? 60  SER A N   1 
ATOM   422  C CA  . SER A 1 59 ? 7.165   14.755  13.822  1.00 25.56 ? 60  SER A CA  1 
ATOM   423  C C   . SER A 1 59 ? 6.175   15.489  14.719  1.00 23.73 ? 60  SER A C   1 
ATOM   424  O O   . SER A 1 59 ? 5.075   15.850  14.289  1.00 22.99 ? 60  SER A O   1 
ATOM   425  C CB  . SER A 1 59 ? 7.695   15.742  12.783  1.00 28.88 ? 60  SER A CB  1 
ATOM   426  O OG  . SER A 1 59 ? 8.821   15.221  12.119  1.00 50.49 ? 60  SER A OG  1 
ATOM   427  N N   . TYR A 1 60 ? 6.580   15.727  15.961  1.00 20.72 ? 61  TYR A N   1 
ATOM   428  C CA  . TYR A 1 60 ? 5.817   16.580  16.859  1.00 18.36 ? 61  TYR A CA  1 
ATOM   429  C C   . TYR A 1 60 ? 6.416   17.983  16.917  1.00 20.86 ? 61  TYR A C   1 
ATOM   430  O O   . TYR A 1 60 ? 7.524   18.209  16.431  1.00 25.84 ? 61  TYR A O   1 
ATOM   431  C CB  . TYR A 1 60 ? 5.766   15.970  18.251  1.00 19.04 ? 61  TYR A CB  1 
ATOM   432  C CG  . TYR A 1 60 ? 4.992   14.680  18.328  1.00 19.35 ? 61  TYR A CG  1 
ATOM   433  C CD1 . TYR A 1 60 ? 3.604   14.684  18.451  1.00 19.48 ? 61  TYR A CD1 1 
ATOM   434  C CD2 . TYR A 1 60 ? 5.645   13.456  18.294  1.00 16.60 ? 61  TYR A CD2 1 
ATOM   435  C CE1 . TYR A 1 60 ? 2.889   13.505  18.532  1.00 16.18 ? 61  TYR A CE1 1 
ATOM   436  C CE2 . TYR A 1 60 ? 4.939   12.267  18.378  1.00 17.68 ? 61  TYR A CE2 1 
ATOM   437  C CZ  . TYR A 1 60 ? 3.559   12.299  18.494  1.00 20.88 ? 61  TYR A CZ  1 
ATOM   438  O OH  . TYR A 1 60 ? 2.850   11.121  18.577  1.00 19.72 ? 61  TYR A OH  1 
ATOM   439  N N   . ASP A 1 61 ? 5.688   18.923  17.513  1.00 26.34 ? 62  ASP A N   1 
ATOM   440  C CA  . ASP A 1 61 ? 6.203   20.281  17.674  1.00 25.26 ? 62  ASP A CA  1 
ATOM   441  C C   . ASP A 1 61 ? 6.971   20.428  18.986  1.00 26.00 ? 62  ASP A C   1 
ATOM   442  O O   . ASP A 1 61 ? 7.312   21.537  19.385  1.00 30.23 ? 62  ASP A O   1 
ATOM   443  C CB  . ASP A 1 61 ? 5.072   21.320  17.609  1.00 22.25 ? 62  ASP A CB  1 
ATOM   444  C CG  . ASP A 1 61 ? 4.007   21.125  18.697  1.00 29.95 ? 62  ASP A CG  1 
ATOM   445  O OD1 . ASP A 1 61 ? 4.142   20.199  19.526  1.00 29.35 ? 62  ASP A OD1 1 
ATOM   446  O OD2 . ASP A 1 61 ? 3.037   21.918  18.730  1.00 25.62 ? 62  ASP A OD2 1 
ATOM   447  N N   . ASN A 1 62 ? 7.232   19.307  19.653  1.00 19.01 ? 63  ASN A N   1 
ATOM   448  C CA  . ASN A 1 62 ? 7.931   19.322  20.928  1.00 23.54 ? 63  ASN A CA  1 
ATOM   449  C C   . ASN A 1 62 ? 8.435   17.928  21.283  1.00 25.50 ? 63  ASN A C   1 
ATOM   450  O O   . ASN A 1 62 ? 7.785   16.929  20.974  1.00 23.07 ? 63  ASN A O   1 
ATOM   451  C CB  . ASN A 1 62 ? 7.019   19.862  22.037  1.00 25.93 ? 63  ASN A CB  1 
ATOM   452  C CG  . ASN A 1 62 ? 6.057   18.827  22.564  1.00 26.72 ? 63  ASN A CG  1 
ATOM   453  O OD1 . ASN A 1 62 ? 6.359   18.115  23.527  1.00 24.82 ? 63  ASN A OD1 1 
ATOM   454  N ND2 . ASN A 1 62 ? 4.890   18.729  21.933  1.00 24.10 ? 63  ASN A ND2 1 
ATOM   455  N N   . PRO A 1 63 ? 9.611   17.852  21.924  1.00 33.88 ? 64  PRO A N   1 
ATOM   456  C CA  . PRO A 1 63 ? 10.224  16.551  22.216  1.00 24.83 ? 64  PRO A CA  1 
ATOM   457  C C   . PRO A 1 63 ? 9.492   15.718  23.273  1.00 23.94 ? 64  PRO A C   1 
ATOM   458  O O   . PRO A 1 63 ? 9.682   14.503  23.302  1.00 27.31 ? 64  PRO A O   1 
ATOM   459  C CB  . PRO A 1 63 ? 11.630  16.930  22.702  1.00 25.95 ? 64  PRO A CB  1 
ATOM   460  C CG  . PRO A 1 63 ? 11.527  18.332  23.136  1.00 22.79 ? 64  PRO A CG  1 
ATOM   461  C CD  . PRO A 1 63 ? 10.514  18.971  22.242  1.00 27.45 ? 64  PRO A CD  1 
ATOM   462  N N   . VAL A 1 64 ? 8.675   16.341  24.116  1.00 26.74 ? 65  VAL A N   1 
ATOM   463  C CA  . VAL A 1 64 ? 8.008   15.598  25.185  1.00 28.22 ? 65  VAL A CA  1 
ATOM   464  C C   . VAL A 1 64 ? 6.888   14.732  24.613  1.00 25.32 ? 65  VAL A C   1 
ATOM   465  O O   . VAL A 1 64 ? 6.671   13.603  25.064  1.00 19.43 ? 65  VAL A O   1 
ATOM   466  C CB  . VAL A 1 64 ? 7.466   16.548  26.278  1.00 27.37 ? 65  VAL A CB  1 
ATOM   467  C CG1 . VAL A 1 64 ? 6.393   15.872  27.119  1.00 23.59 ? 65  VAL A CG1 1 
ATOM   468  C CG2 . VAL A 1 64 ? 8.604   16.993  27.173  1.00 28.58 ? 65  VAL A CG2 1 
ATOM   469  N N   . SER A 1 65 ? 6.198   15.256  23.604  1.00 20.01 ? 66  SER A N   1 
ATOM   470  C CA  . SER A 1 65 ? 5.215   14.481  22.861  1.00 18.40 ? 66  SER A CA  1 
ATOM   471  C C   . SER A 1 65 ? 5.854   13.236  22.250  1.00 20.18 ? 66  SER A C   1 
ATOM   472  O O   . SER A 1 65 ? 5.355   12.128  22.430  1.00 19.60 ? 66  SER A O   1 
ATOM   473  C CB  . SER A 1 65 ? 4.574   15.337  21.772  1.00 18.31 ? 66  SER A CB  1 
ATOM   474  O OG  . SER A 1 65 ? 3.719   16.306  22.347  1.00 18.15 ? 66  SER A OG  1 
ATOM   475  N N   . ALA A 1 66 ? 6.969   13.421  21.544  1.00 19.95 ? 67  ALA A N   1 
ATOM   476  C CA  . ALA A 1 66 ? 7.705   12.302  20.963  1.00 22.48 ? 67  ALA A CA  1 
ATOM   477  C C   . ALA A 1 66 ? 8.078   11.261  22.025  1.00 24.61 ? 67  ALA A C   1 
ATOM   478  O O   . ALA A 1 66 ? 7.946   10.056  21.803  1.00 21.17 ? 67  ALA A O   1 
ATOM   479  C CB  . ALA A 1 66 ? 8.945   12.804  20.247  1.00 17.43 ? 67  ALA A CB  1 
ATOM   480  N N   . GLN A 1 67 ? 8.525   11.729  23.185  1.00 23.72 ? 68  GLN A N   1 
ATOM   481  C CA  . GLN A 1 67 ? 8.913   10.826  24.263  1.00 26.20 ? 68  GLN A CA  1 
ATOM   482  C C   . GLN A 1 67 ? 7.702   10.051  24.785  1.00 25.55 ? 68  GLN A C   1 
ATOM   483  O O   . GLN A 1 67 ? 7.788   8.850   25.035  1.00 26.95 ? 68  GLN A O   1 
ATOM   484  C CB  . GLN A 1 67 ? 9.604   11.605  25.391  1.00 25.45 ? 68  GLN A CB  1 
ATOM   485  C CG  . GLN A 1 67 ? 10.941  12.220  24.957  1.00 33.99 ? 68  GLN A CG  1 
ATOM   486  C CD  . GLN A 1 67 ? 11.426  13.368  25.848  1.00 42.26 ? 68  GLN A CD  1 
ATOM   487  O OE1 . GLN A 1 67 ? 10.828  13.680  26.884  1.00 34.23 ? 68  GLN A OE1 1 
ATOM   488  N NE2 . GLN A 1 67 ? 12.520  14.005  25.434  1.00 30.71 ? 68  GLN A NE2 1 
ATOM   489  N N   . ALA A 1 68 ? 6.573   10.739  24.928  1.00 26.52 ? 69  ALA A N   1 
ATOM   490  C CA  . ALA A 1 68 ? 5.327   10.102  25.338  1.00 25.95 ? 69  ALA A CA  1 
ATOM   491  C C   . ALA A 1 68 ? 4.871   9.049   24.321  1.00 28.39 ? 69  ALA A C   1 
ATOM   492  O O   . ALA A 1 68 ? 4.472   7.941   24.695  1.00 24.23 ? 69  ALA A O   1 
ATOM   493  C CB  . ALA A 1 68 ? 4.245   11.150  25.538  1.00 16.90 ? 69  ALA A CB  1 
ATOM   494  N N   . ALA A 1 69 ? 4.937   9.400   23.037  1.00 19.32 ? 70  ALA A N   1 
ATOM   495  C CA  . ALA A 1 69 ? 4.560   8.478   21.968  1.00 23.45 ? 70  ALA A CA  1 
ATOM   496  C C   . ALA A 1 69 ? 5.408   7.210   22.004  1.00 26.58 ? 70  ALA A C   1 
ATOM   497  O O   . ALA A 1 69 ? 4.887   6.102   21.862  1.00 26.29 ? 70  ALA A O   1 
ATOM   498  C CB  . ALA A 1 69 ? 4.679   9.153   20.616  1.00 15.83 ? 70  ALA A CB  1 
ATOM   499  N N   . ILE A 1 70 ? 6.714   7.373   22.200  1.00 25.55 ? 71  ILE A N   1 
ATOM   500  C CA  . ILE A 1 70 ? 7.611   6.228   22.296  1.00 26.80 ? 71  ILE A CA  1 
ATOM   501  C C   . ILE A 1 70 ? 7.223   5.323   23.460  1.00 31.64 ? 71  ILE A C   1 
ATOM   502  O O   . ILE A 1 70 ? 7.066   4.120   23.297  1.00 32.56 ? 71  ILE A O   1 
ATOM   503  C CB  . ILE A 1 70 ? 9.073   6.666   22.467  1.00 24.77 ? 71  ILE A CB  1 
ATOM   504  C CG1 . ILE A 1 70 ? 9.584   7.301   21.175  1.00 29.67 ? 71  ILE A CG1 1 
ATOM   505  C CG2 . ILE A 1 70 ? 9.942   5.477   22.827  1.00 29.88 ? 71  ILE A CG2 1 
ATOM   506  C CD1 . ILE A 1 70 ? 10.958  7.896   21.296  1.00 26.41 ? 71  ILE A CD1 1 
ATOM   507  N N   . GLN A 1 71 ? 7.048   5.912   24.632  1.00 32.86 ? 72  GLN A N   1 
ATOM   508  C CA  . GLN A 1 71 ? 6.744   5.139   25.824  1.00 38.20 ? 72  GLN A CA  1 
ATOM   509  C C   . GLN A 1 71 ? 5.415   4.383   25.692  1.00 36.48 ? 72  GLN A C   1 
ATOM   510  O O   . GLN A 1 71 ? 5.263   3.288   26.231  1.00 41.84 ? 72  GLN A O   1 
ATOM   511  C CB  . GLN A 1 71 ? 6.736   6.057   27.052  1.00 37.05 ? 72  GLN A CB  1 
ATOM   512  C CG  . GLN A 1 71 ? 6.018   5.491   28.272  1.00 56.53 ? 72  GLN A CG  1 
ATOM   513  C CD  . GLN A 1 71 ? 4.792   6.305   28.641  1.00 74.14 ? 72  GLN A CD  1 
ATOM   514  O OE1 . GLN A 1 71 ? 4.749   7.517   28.417  1.00 76.72 ? 72  GLN A OE1 1 
ATOM   515  N NE2 . GLN A 1 71 ? 3.780   5.640   29.190  1.00 71.76 ? 72  GLN A NE2 1 
ATOM   516  N N   . ALA A 1 72 ? 4.470   4.945   24.946  1.00 36.41 ? 73  ALA A N   1 
ATOM   517  C CA  . ALA A 1 72 ? 3.155   4.324   24.796  1.00 28.70 ? 73  ALA A CA  1 
ATOM   518  C C   . ALA A 1 72 ? 3.058   3.356   23.614  1.00 36.38 ? 73  ALA A C   1 
ATOM   519  O O   . ALA A 1 72 ? 2.394   2.326   23.715  1.00 34.60 ? 73  ALA A O   1 
ATOM   520  C CB  . ALA A 1 72 ? 2.095   5.387   24.660  1.00 24.82 ? 73  ALA A CB  1 
ATOM   521  N N   . MET A 1 73 ? 3.705   3.683   22.495  1.00 32.27 ? 74  MET A N   1 
ATOM   522  C CA  . MET A 1 73 ? 3.478   2.935   21.257  1.00 28.32 ? 74  MET A CA  1 
ATOM   523  C C   . MET A 1 73 ? 4.577   1.935   20.920  1.00 24.64 ? 74  MET A C   1 
ATOM   524  O O   . MET A 1 73 ? 4.376   1.048   20.094  1.00 29.24 ? 74  MET A O   1 
ATOM   525  C CB  . MET A 1 73 ? 3.290   3.898   20.085  1.00 21.52 ? 74  MET A CB  1 
ATOM   526  C CG  . MET A 1 73 ? 2.124   4.859   20.271  1.00 28.59 ? 74  MET A CG  1 
ATOM   527  S SD  . MET A 1 73 ? 0.545   4.027   20.579  1.00 31.09 ? 74  MET A SD  1 
ATOM   528  C CE  . MET A 1 73 ? 0.289   3.231   19.021  1.00 23.18 ? 74  MET A CE  1 
ATOM   529  N N   . ASN A 1 74 ? 5.736   2.072   21.549  1.00 26.58 ? 75  ASN A N   1 
ATOM   530  C CA  . ASN A 1 74 ? 6.794   1.093   21.359  1.00 26.82 ? 75  ASN A CA  1 
ATOM   531  C C   . ASN A 1 74 ? 6.383   -0.227  21.997  1.00 29.57 ? 75  ASN A C   1 
ATOM   532  O O   . ASN A 1 74 ? 6.135   -0.291  23.199  1.00 30.20 ? 75  ASN A O   1 
ATOM   533  C CB  . ASN A 1 74 ? 8.112   1.587   21.949  1.00 25.61 ? 75  ASN A CB  1 
ATOM   534  C CG  . ASN A 1 74 ? 9.286   0.732   21.538  1.00 31.41 ? 75  ASN A CG  1 
ATOM   535  O OD1 . ASN A 1 74 ? 9.395   0.323   20.381  1.00 26.82 ? 75  ASN A OD1 1 
ATOM   536  N ND2 . ASN A 1 74 ? 10.167  0.440   22.491  1.00 31.93 ? 75  ASN A ND2 1 
ATOM   537  N N   . GLY A 1 75 ? 6.293   -1.275  21.184  1.00 31.66 ? 76  GLY A N   1 
ATOM   538  C CA  . GLY A 1 75 ? 5.782   -2.552  21.649  1.00 27.48 ? 76  GLY A CA  1 
ATOM   539  C C   . GLY A 1 75 ? 4.282   -2.715  21.477  1.00 32.24 ? 76  GLY A C   1 
ATOM   540  O O   . GLY A 1 75 ? 3.747   -3.799  21.711  1.00 38.17 ? 76  GLY A O   1 
ATOM   541  N N   . PHE A 1 76 ? 3.603   -1.645  21.067  1.00 29.56 ? 77  PHE A N   1 
ATOM   542  C CA  . PHE A 1 76 ? 2.153   -1.676  20.875  1.00 33.61 ? 77  PHE A CA  1 
ATOM   543  C C   . PHE A 1 76 ? 1.778   -2.643  19.761  1.00 32.19 ? 77  PHE A C   1 
ATOM   544  O O   . PHE A 1 76 ? 2.375   -2.633  18.679  1.00 28.04 ? 77  PHE A O   1 
ATOM   545  C CB  . PHE A 1 76 ? 1.622   -0.276  20.565  1.00 29.69 ? 77  PHE A CB  1 
ATOM   546  C CG  . PHE A 1 76 ? 0.133   -0.212  20.373  1.00 32.30 ? 77  PHE A CG  1 
ATOM   547  C CD1 . PHE A 1 76 ? -0.716  -0.148  21.466  1.00 35.54 ? 77  PHE A CD1 1 
ATOM   548  C CD2 . PHE A 1 76 ? -0.416  -0.176  19.099  1.00 34.34 ? 77  PHE A CD2 1 
ATOM   549  C CE1 . PHE A 1 76 ? -2.090  -0.073  21.290  1.00 38.72 ? 77  PHE A CE1 1 
ATOM   550  C CE2 . PHE A 1 76 ? -1.783  -0.100  18.915  1.00 31.15 ? 77  PHE A CE2 1 
ATOM   551  C CZ  . PHE A 1 76 ? -2.621  -0.050  20.011  1.00 38.06 ? 77  PHE A CZ  1 
ATOM   552  N N   . GLN A 1 77 ? 0.796   -3.493  20.027  1.00 32.67 ? 78  GLN A N   1 
ATOM   553  C CA  . GLN A 1 77 ? 0.423   -4.498  19.044  1.00 34.95 ? 78  GLN A CA  1 
ATOM   554  C C   . GLN A 1 77 ? -0.761  -4.050  18.203  1.00 34.49 ? 78  GLN A C   1 
ATOM   555  O O   . GLN A 1 77 ? -1.777  -3.586  18.725  1.00 35.24 ? 78  GLN A O   1 
ATOM   556  C CB  . GLN A 1 77 ? 0.110   -5.835  19.711  1.00 35.32 ? 78  GLN A CB  1 
ATOM   557  C CG  . GLN A 1 77 ? 0.201   -7.011  18.737  1.00 57.49 ? 78  GLN A CG  1 
ATOM   558  C CD  . GLN A 1 77 ? 0.090   -8.353  19.425  1.00 67.06 ? 78  GLN A CD  1 
ATOM   559  O OE1 . GLN A 1 77 ? 0.866   -9.274  19.154  1.00 73.08 ? 78  GLN A OE1 1 
ATOM   560  N NE2 . GLN A 1 77 ? -0.879  -8.475  20.319  1.00 68.64 ? 78  GLN A NE2 1 
ATOM   561  N N   . ILE A 1 78 ? -0.612  -4.179  16.891  1.00 30.69 ? 79  ILE A N   1 
ATOM   562  C CA  . ILE A 1 78 ? -1.678  -3.856  15.959  1.00 31.54 ? 79  ILE A CA  1 
ATOM   563  C C   . ILE A 1 78 ? -1.412  -4.609  14.658  1.00 36.61 ? 79  ILE A C   1 
ATOM   564  O O   . ILE A 1 78 ? -0.280  -4.640  14.170  1.00 45.47 ? 79  ILE A O   1 
ATOM   565  C CB  . ILE A 1 78 ? -1.794  -2.319  15.726  1.00 37.52 ? 79  ILE A CB  1 
ATOM   566  C CG1 . ILE A 1 78 ? -2.850  -2.006  14.662  1.00 31.83 ? 79  ILE A CG1 1 
ATOM   567  C CG2 . ILE A 1 78 ? -0.443  -1.706  15.385  1.00 23.20 ? 79  ILE A CG2 1 
ATOM   568  C CD1 . ILE A 1 78 ? -3.251  -0.562  14.630  1.00 35.03 ? 79  ILE A CD1 1 
ATOM   569  N N   . GLY A 1 79 ? -2.449  -5.253  14.127  1.00 39.68 ? 80  GLY A N   1 
ATOM   570  C CA  . GLY A 1 79 ? -2.314  -6.078  12.939  1.00 40.29 ? 80  GLY A CA  1 
ATOM   571  C C   . GLY A 1 79 ? -1.346  -7.241  13.100  1.00 47.16 ? 80  GLY A C   1 
ATOM   572  O O   . GLY A 1 79 ? -0.584  -7.555  12.180  1.00 48.35 ? 80  GLY A O   1 
ATOM   573  N N   . MET A 1 80 ? -1.379  -7.878  14.272  1.00 43.34 ? 81  MET A N   1 
ATOM   574  C CA  . MET A 1 80 ? -0.520  -9.026  14.604  1.00 51.95 ? 81  MET A CA  1 
ATOM   575  C C   . MET A 1 80 ? 0.980   -8.703  14.608  1.00 50.30 ? 81  MET A C   1 
ATOM   576  O O   . MET A 1 80 ? 1.808   -9.611  14.656  1.00 55.45 ? 81  MET A O   1 
ATOM   577  C CB  . MET A 1 80 ? -0.775  -10.204 13.646  1.00 57.63 ? 81  MET A CB  1 
ATOM   578  C CG  . MET A 1 80 ? -2.234  -10.409 13.241  1.00 62.31 ? 81  MET A CG  1 
ATOM   579  S SD  . MET A 1 80 ? -3.268  -11.090 14.548  1.00 66.73 ? 81  MET A SD  1 
ATOM   580  C CE  . MET A 1 80 ? -4.901  -10.688 13.932  1.00 46.90 ? 81  MET A CE  1 
ATOM   581  N N   . LYS A 1 81 ? 1.331   -7.422  14.554  1.00 48.20 ? 82  LYS A N   1 
ATOM   582  C CA  . LYS A 1 81 ? 2.715   -7.007  14.770  1.00 38.56 ? 82  LYS A CA  1 
ATOM   583  C C   . LYS A 1 81 ? 2.821   -6.068  15.961  1.00 37.68 ? 82  LYS A C   1 
ATOM   584  O O   . LYS A 1 81 ? 1.856   -5.398  16.319  1.00 35.17 ? 82  LYS A O   1 
ATOM   585  C CB  . LYS A 1 81 ? 3.299   -6.298  13.551  1.00 40.02 ? 82  LYS A CB  1 
ATOM   586  C CG  . LYS A 1 81 ? 2.934   -6.852  12.197  1.00 50.39 ? 82  LYS A CG  1 
ATOM   587  C CD  . LYS A 1 81 ? 3.710   -6.065  11.151  1.00 42.93 ? 82  LYS A CD  1 
ATOM   588  C CE  . LYS A 1 81 ? 3.201   -6.284  9.747   1.00 50.53 ? 82  LYS A CE  1 
ATOM   589  N NZ  . LYS A 1 81 ? 3.967   -5.432  8.793   1.00 34.14 ? 82  LYS A NZ  1 
ATOM   590  N N   . ARG A 1 82 ? 4.005   -6.007  16.559  1.00 34.29 ? 83  ARG A N   1 
ATOM   591  C CA  . ARG A 1 82 ? 4.282   -5.000  17.571  1.00 34.28 ? 83  ARG A CA  1 
ATOM   592  C C   . ARG A 1 82 ? 5.087   -3.865  16.957  1.00 29.04 ? 83  ARG A C   1 
ATOM   593  O O   . ARG A 1 82 ? 6.100   -4.100  16.300  1.00 30.38 ? 83  ARG A O   1 
ATOM   594  C CB  . ARG A 1 82 ? 5.025   -5.607  18.760  1.00 29.78 ? 83  ARG A CB  1 
ATOM   595  C CG  . ARG A 1 82 ? 4.173   -6.565  19.565  1.00 40.94 ? 83  ARG A CG  1 
ATOM   596  C CD  . ARG A 1 82 ? 4.826   -6.947  20.887  1.00 48.25 ? 83  ARG A CD  1 
ATOM   597  N NE  . ARG A 1 82 ? 3.977   -7.866  21.643  1.00 61.60 ? 83  ARG A NE  1 
ATOM   598  C CZ  . ARG A 1 82 ? 2.946   -7.493  22.398  1.00 62.76 ? 83  ARG A CZ  1 
ATOM   599  N NH1 . ARG A 1 82 ? 2.633   -6.209  22.518  1.00 56.33 ? 83  ARG A NH1 1 
ATOM   600  N NH2 . ARG A 1 82 ? 2.230   -8.407  23.040  1.00 66.66 ? 83  ARG A NH2 1 
ATOM   601  N N   . LEU A 1 83 ? 4.621   -2.636  17.155  1.00 27.27 ? 84  LEU A N   1 
ATOM   602  C CA  . LEU A 1 83 ? 5.331   -1.472  16.643  1.00 28.14 ? 84  LEU A CA  1 
ATOM   603  C C   . LEU A 1 83 ? 6.690   -1.323  17.307  1.00 25.76 ? 84  LEU A C   1 
ATOM   604  O O   . LEU A 1 83 ? 6.856   -1.607  18.494  1.00 29.45 ? 84  LEU A O   1 
ATOM   605  C CB  . LEU A 1 83 ? 4.518   -0.193  16.858  1.00 26.58 ? 84  LEU A CB  1 
ATOM   606  C CG  . LEU A 1 83 ? 3.166   -0.075  16.159  1.00 25.68 ? 84  LEU A CG  1 
ATOM   607  C CD1 . LEU A 1 83 ? 2.582   1.308   16.399  1.00 21.02 ? 84  LEU A CD1 1 
ATOM   608  C CD2 . LEU A 1 83 ? 3.309   -0.358  14.672  1.00 22.00 ? 84  LEU A CD2 1 
ATOM   609  N N   . LYS A 1 84 ? 7.663   -0.887  16.522  1.00 28.77 ? 85  LYS A N   1 
ATOM   610  C CA  . LYS A 1 84 ? 8.945   -0.454  17.049  1.00 26.46 ? 85  LYS A CA  1 
ATOM   611  C C   . LYS A 1 84 ? 9.013   1.054   16.858  1.00 28.34 ? 85  LYS A C   1 
ATOM   612  O O   . LYS A 1 84 ? 9.078   1.536   15.727  1.00 32.82 ? 85  LYS A O   1 
ATOM   613  C CB  . LYS A 1 84 ? 10.098  -1.159  16.332  1.00 36.41 ? 85  LYS A CB  1 
ATOM   614  C CG  . LYS A 1 84 ? 11.454  -1.029  17.005  1.00 40.32 ? 85  LYS A CG  1 
ATOM   615  C CD  . LYS A 1 84 ? 12.583  -1.207  15.996  1.00 50.19 ? 85  LYS A CD  1 
ATOM   616  C CE  . LYS A 1 84 ? 13.932  -1.373  16.678  1.00 66.78 ? 85  LYS A CE  1 
ATOM   617  N NZ  . LYS A 1 84 ? 14.044  -2.687  17.373  1.00 79.04 ? 85  LYS A NZ  1 
ATOM   618  N N   . VAL A 1 85 ? 8.958   1.801   17.952  1.00 29.27 ? 86  VAL A N   1 
ATOM   619  C CA  . VAL A 1 85 ? 8.969   3.260   17.867  1.00 28.07 ? 86  VAL A CA  1 
ATOM   620  C C   . VAL A 1 85 ? 10.277  3.807   18.409  1.00 28.16 ? 86  VAL A C   1 
ATOM   621  O O   . VAL A 1 85 ? 10.698  3.471   19.513  1.00 32.55 ? 86  VAL A O   1 
ATOM   622  C CB  . VAL A 1 85 ? 7.794   3.892   18.625  1.00 29.08 ? 86  VAL A CB  1 
ATOM   623  C CG1 . VAL A 1 85 ? 7.728   5.387   18.337  1.00 21.86 ? 86  VAL A CG1 1 
ATOM   624  C CG2 . VAL A 1 85 ? 6.493   3.209   18.234  1.00 26.28 ? 86  VAL A CG2 1 
ATOM   625  N N   . GLN A 1 86 ? 10.896  4.680   17.627  1.00 29.50 ? 87  GLN A N   1 
ATOM   626  C CA  . GLN A 1 86 ? 12.288  5.045   17.821  1.00 24.06 ? 87  GLN A CA  1 
ATOM   627  C C   . GLN A 1 86 ? 12.543  6.517   17.568  1.00 25.55 ? 87  GLN A C   1 
ATOM   628  O O   . GLN A 1 86 ? 12.117  7.069   16.550  1.00 26.69 ? 87  GLN A O   1 
ATOM   629  C CB  . GLN A 1 86 ? 13.152  4.219   16.879  1.00 34.41 ? 87  GLN A CB  1 
ATOM   630  C CG  . GLN A 1 86 ? 14.472  3.788   17.426  1.00 43.75 ? 87  GLN A CG  1 
ATOM   631  C CD  . GLN A 1 86 ? 15.234  2.961   16.418  1.00 53.90 ? 87  GLN A CD  1 
ATOM   632  O OE1 . GLN A 1 86 ? 15.599  1.818   16.690  1.00 60.52 ? 87  GLN A OE1 1 
ATOM   633  N NE2 . GLN A 1 86 ? 15.463  3.530   15.233  1.00 44.09 ? 87  GLN A NE2 1 
ATOM   634  N N   . LEU A 1 87 ? 13.254  7.154   18.485  1.00 27.83 ? 88  LEU A N   1 
ATOM   635  C CA  . LEU A 1 87 ? 13.639  8.541   18.292  1.00 32.82 ? 88  LEU A CA  1 
ATOM   636  C C   . LEU A 1 87 ? 14.653  8.627   17.157  1.00 30.08 ? 88  LEU A C   1 
ATOM   637  O O   . LEU A 1 87 ? 15.548  7.790   17.053  1.00 32.58 ? 88  LEU A O   1 
ATOM   638  C CB  . LEU A 1 87 ? 14.214  9.121   19.585  1.00 28.75 ? 88  LEU A CB  1 
ATOM   639  C CG  . LEU A 1 87 ? 14.214  10.643  19.743  1.00 40.05 ? 88  LEU A CG  1 
ATOM   640  C CD1 . LEU A 1 87 ? 12.838  11.231  19.456  1.00 32.28 ? 88  LEU A CD1 1 
ATOM   641  C CD2 . LEU A 1 87 ? 14.660  11.004  21.149  1.00 38.44 ? 88  LEU A CD2 1 
ATOM   642  N N   . LYS A 1 88 ? 14.494  9.620   16.293  1.00 35.26 ? 89  LYS A N   1 
ATOM   643  C CA  . LYS A 1 88 ? 15.488  9.898   15.262  1.00 44.76 ? 89  LYS A CA  1 
ATOM   644  C C   . LYS A 1 88 ? 16.509  10.917  15.767  1.00 47.06 ? 89  LYS A C   1 
ATOM   645  O O   . LYS A 1 88 ? 17.637  10.565  16.118  1.00 55.03 ? 89  LYS A O   1 
ATOM   646  C CB  . LYS A 1 88 ? 14.826  10.420  13.987  1.00 42.63 ? 89  LYS A CB  1 
ATOM   647  C CG  . LYS A 1 88 ? 15.820  10.932  12.954  1.00 48.73 ? 89  LYS A CG  1 
ATOM   648  C CD  . LYS A 1 88 ? 15.180  11.968  12.041  1.00 64.09 ? 89  LYS A CD  1 
ATOM   649  C CE  . LYS A 1 88 ? 16.182  12.525  11.046  1.00 64.68 ? 89  LYS A CE  1 
ATOM   650  N NZ  . LYS A 1 88 ? 16.728  11.447  10.176  1.00 64.77 ? 89  LYS A NZ  1 
ATOM   651  N N   . GLU B 1 7  ? -13.042 1.160   -7.156  1.00 56.86 ? 8   GLU B N   1 
ATOM   652  C CA  . GLU B 1 7  ? -14.190 0.245   -7.250  1.00 76.09 ? 8   GLU B CA  1 
ATOM   653  C C   . GLU B 1 7  ? -14.339 -0.663  -6.024  1.00 76.78 ? 8   GLU B C   1 
ATOM   654  O O   . GLU B 1 7  ? -15.420 -1.196  -5.733  1.00 72.30 ? 8   GLU B O   1 
ATOM   655  C CB  . GLU B 1 7  ? -14.097 -0.610  -8.530  1.00 73.51 ? 8   GLU B CB  1 
ATOM   656  C CG  . GLU B 1 7  ? -15.330 -1.436  -8.773  1.00 71.51 ? 8   GLU B CG  1 
ATOM   657  C CD  . GLU B 1 7  ? -16.145 -0.925  -9.934  1.00 84.43 ? 8   GLU B CD  1 
ATOM   658  O OE1 . GLU B 1 7  ? -15.823 0.159   -10.450 1.00 80.60 ? 8   GLU B OE1 1 
ATOM   659  O OE2 . GLU B 1 7  ? -17.142 -1.570  -10.316 1.00 78.22 ? 8   GLU B OE2 1 
ATOM   660  N N   . GLY B 1 8  ? -13.237 -0.839  -5.312  1.00 73.52 ? 9   GLY B N   1 
ATOM   661  C CA  . GLY B 1 8  ? -13.263 -1.571  -4.067  1.00 64.55 ? 9   GLY B CA  1 
ATOM   662  C C   . GLY B 1 8  ? -12.560 -0.816  -2.956  1.00 65.67 ? 9   GLY B C   1 
ATOM   663  O O   . GLY B 1 8  ? -12.101 0.309   -3.163  1.00 69.47 ? 9   GLY B O   1 
ATOM   664  N N   . PRO B 1 9  ? -12.465 -1.438  -1.768  1.00 70.37 ? 10  PRO B N   1 
ATOM   665  C CA  . PRO B 1 9  ? -11.802 -0.928  -0.558  1.00 72.60 ? 10  PRO B CA  1 
ATOM   666  C C   . PRO B 1 9  ? -10.395 -0.359  -0.770  1.00 67.70 ? 10  PRO B C   1 
ATOM   667  O O   . PRO B 1 9  ? -9.766  -0.647  -1.789  1.00 60.60 ? 10  PRO B O   1 
ATOM   668  C CB  . PRO B 1 9  ? -11.715 -2.177  0.342   1.00 72.15 ? 10  PRO B CB  1 
ATOM   669  C CG  . PRO B 1 9  ? -12.101 -3.342  -0.510  1.00 58.55 ? 10  PRO B CG  1 
ATOM   670  C CD  . PRO B 1 9  ? -13.027 -2.779  -1.537  1.00 64.02 ? 10  PRO B CD  1 
ATOM   671  N N   . GLU B 1 10 ? -9.929  0.456   0.178   1.00 72.40 ? 11  GLU B N   1 
ATOM   672  C CA  . GLU B 1 10 ? -8.496  0.645   0.396   1.00 62.79 ? 11  GLU B CA  1 
ATOM   673  C C   . GLU B 1 10 ? -7.797  1.163   -0.915  1.00 62.78 ? 11  GLU B C   1 
ATOM   674  O O   . GLU B 1 10 ? -8.464  1.925   -1.618  1.00 72.46 ? 11  GLU B O   1 
ATOM   675  C CB  . GLU B 1 10 ? -7.977  -0.673  0.973   1.00 51.98 ? 11  GLU B CB  1 
ATOM   676  C CG  . GLU B 1 10 ? -7.770  -0.655  2.468   1.00 50.09 ? 11  GLU B CG  1 
ATOM   677  C CD  . GLU B 1 10 ? -6.406  -0.100  2.865   1.00 56.52 ? 11  GLU B CD  1 
ATOM   678  O OE1 . GLU B 1 10 ? -5.847  0.765   2.155   1.00 61.27 ? 11  GLU B OE1 1 
ATOM   679  O OE2 . GLU B 1 10 ? -5.871  -0.552  3.889   1.00 60.76 ? 11  GLU B OE2 1 
ATOM   680  N N   . GLY B 1 11 ? -6.546  0.844   -1.311  1.00 48.65 ? 12  GLY B N   1 
ATOM   681  C CA  . GLY B 1 11 ? -5.579  -0.097  -0.762  1.00 33.66 ? 12  GLY B CA  1 
ATOM   682  C C   . GLY B 1 11 ? -5.800  -1.514  -1.276  1.00 37.78 ? 12  GLY B C   1 
ATOM   683  O O   . GLY B 1 11 ? -4.960  -2.392  -1.085  1.00 35.59 ? 12  GLY B O   1 
ATOM   684  N N   . ALA B 1 12 ? -6.942  -1.737  -1.922  1.00 33.25 ? 13  ALA B N   1 
ATOM   685  C CA  . ALA B 1 12 ? -7.267  -3.039  -2.485  1.00 33.49 ? 13  ALA B CA  1 
ATOM   686  C C   . ALA B 1 12 ? -7.455  -2.981  -4.008  1.00 32.75 ? 13  ALA B C   1 
ATOM   687  O O   . ALA B 1 12 ? -8.048  -3.885  -4.595  1.00 26.85 ? 13  ALA B O   1 
ATOM   688  C CB  . ALA B 1 12 ? -8.518  -3.598  -1.822  1.00 23.63 ? 13  ALA B CB  1 
ATOM   689  N N   . ASN B 1 13 ? -6.956  -1.924  -4.646  1.00 30.70 ? 14  ASN B N   1 
ATOM   690  C CA  . ASN B 1 13 ? -7.102  -1.777  -6.094  1.00 26.81 ? 14  ASN B CA  1 
ATOM   691  C C   . ASN B 1 13 ? -5.755  -1.795  -6.803  1.00 28.60 ? 14  ASN B C   1 
ATOM   692  O O   . ASN B 1 13 ? -4.812  -1.121  -6.381  1.00 27.49 ? 14  ASN B O   1 
ATOM   693  C CB  . ASN B 1 13 ? -7.851  -0.488  -6.431  1.00 27.66 ? 14  ASN B CB  1 
ATOM   694  C CG  . ASN B 1 13 ? -9.123  -0.329  -5.622  1.00 43.76 ? 14  ASN B CG  1 
ATOM   695  O OD1 . ASN B 1 13 ? -10.110 -1.030  -5.844  1.00 38.73 ? 14  ASN B OD1 1 
ATOM   696  N ND2 . ASN B 1 13 ? -9.101  0.592   -4.665  1.00 60.42 ? 14  ASN B ND2 1 
ATOM   697  N N   . LEU B 1 14 ? -5.673  -2.570  -7.884  1.00 28.39 ? 15  LEU B N   1 
ATOM   698  C CA  . LEU B 1 14 ? -4.423  -2.745  -8.624  1.00 27.03 ? 15  LEU B CA  1 
ATOM   699  C C   . LEU B 1 14 ? -4.505  -2.255  -10.054 1.00 23.34 ? 15  LEU B C   1 
ATOM   700  O O   . LEU B 1 14 ? -5.538  -2.390  -10.712 1.00 27.76 ? 15  LEU B O   1 
ATOM   701  C CB  . LEU B 1 14 ? -4.016  -4.219  -8.662  1.00 23.03 ? 15  LEU B CB  1 
ATOM   702  C CG  . LEU B 1 14 ? -3.845  -4.971  -7.353  1.00 28.87 ? 15  LEU B CG  1 
ATOM   703  C CD1 . LEU B 1 14 ? -3.401  -6.391  -7.659  1.00 26.95 ? 15  LEU B CD1 1 
ATOM   704  C CD2 . LEU B 1 14 ? -2.830  -4.258  -6.482  1.00 28.05 ? 15  LEU B CD2 1 
ATOM   705  N N   . PHE B 1 15 ? -3.400  -1.707  -10.540 1.00 24.92 ? 16  PHE B N   1 
ATOM   706  C CA  . PHE B 1 15 ? -3.218  -1.536  -11.974 1.00 24.07 ? 16  PHE B CA  1 
ATOM   707  C C   . PHE B 1 15 ? -2.231  -2.579  -12.454 1.00 20.02 ? 16  PHE B C   1 
ATOM   708  O O   . PHE B 1 15 ? -1.222  -2.846  -11.796 1.00 21.20 ? 16  PHE B O   1 
ATOM   709  C CB  . PHE B 1 15 ? -2.732  -0.129  -12.324 1.00 27.21 ? 16  PHE B CB  1 
ATOM   710  C CG  . PHE B 1 15 ? -3.832  0.886   -12.378 1.00 31.65 ? 16  PHE B CG  1 
ATOM   711  C CD1 . PHE B 1 15 ? -4.661  0.968   -13.479 1.00 36.43 ? 16  PHE B CD1 1 
ATOM   712  C CD2 . PHE B 1 15 ? -4.049  1.749   -11.316 1.00 45.72 ? 16  PHE B CD2 1 
ATOM   713  C CE1 . PHE B 1 15 ? -5.688  1.898   -13.528 1.00 39.17 ? 16  PHE B CE1 1 
ATOM   714  C CE2 . PHE B 1 15 ? -5.072  2.679   -11.358 1.00 47.94 ? 16  PHE B CE2 1 
ATOM   715  C CZ  . PHE B 1 15 ? -5.892  2.753   -12.465 1.00 44.52 ? 16  PHE B CZ  1 
ATOM   716  N N   . ILE B 1 16 ? -2.531  -3.179  -13.598 1.00 21.47 ? 17  ILE B N   1 
ATOM   717  C CA  . ILE B 1 16 ? -1.669  -4.200  -14.170 1.00 20.72 ? 17  ILE B CA  1 
ATOM   718  C C   . ILE B 1 16 ? -1.237  -3.779  -15.560 1.00 21.92 ? 17  ILE B C   1 
ATOM   719  O O   . ILE B 1 16 ? -2.077  -3.521  -16.416 1.00 22.71 ? 17  ILE B O   1 
ATOM   720  C CB  . ILE B 1 16 ? -2.384  -5.562  -14.225 1.00 24.24 ? 17  ILE B CB  1 
ATOM   721  C CG1 . ILE B 1 16 ? -2.828  -5.968  -12.820 1.00 22.99 ? 17  ILE B CG1 1 
ATOM   722  C CG2 . ILE B 1 16 ? -1.476  -6.628  -14.825 1.00 19.65 ? 17  ILE B CG2 1 
ATOM   723  C CD1 . ILE B 1 16 ? -4.213  -6.522  -12.770 1.00 32.89 ? 17  ILE B CD1 1 
ATOM   724  N N   . TYR B 1 17 ? 0.071   -3.706  -15.777 1.00 22.54 ? 18  TYR B N   1 
ATOM   725  C CA  . TYR B 1 17 ? 0.614   -3.273  -17.059 1.00 23.18 ? 18  TYR B CA  1 
ATOM   726  C C   . TYR B 1 17 ? 1.332   -4.409  -17.766 1.00 26.99 ? 18  TYR B C   1 
ATOM   727  O O   . TYR B 1 17 ? 1.715   -5.402  -17.131 1.00 22.73 ? 18  TYR B O   1 
ATOM   728  C CB  . TYR B 1 17 ? 1.576   -2.095  -16.870 1.00 26.99 ? 18  TYR B CB  1 
ATOM   729  C CG  . TYR B 1 17 ? 0.956   -0.930  -16.143 1.00 25.55 ? 18  TYR B CG  1 
ATOM   730  C CD1 . TYR B 1 17 ? 0.231   0.037   -16.833 1.00 28.09 ? 18  TYR B CD1 1 
ATOM   731  C CD2 . TYR B 1 17 ? 1.081   -0.803  -14.767 1.00 26.71 ? 18  TYR B CD2 1 
ATOM   732  C CE1 . TYR B 1 17 ? -0.344  1.101   -16.169 1.00 27.64 ? 18  TYR B CE1 1 
ATOM   733  C CE2 . TYR B 1 17 ? 0.507   0.254   -14.094 1.00 27.94 ? 18  TYR B CE2 1 
ATOM   734  C CZ  . TYR B 1 17 ? -0.201  1.203   -14.798 1.00 31.03 ? 18  TYR B CZ  1 
ATOM   735  O OH  . TYR B 1 17 ? -0.771  2.255   -14.125 1.00 38.51 ? 18  TYR B OH  1 
ATOM   736  N N   . HIS B 1 18 ? 1.514   -4.239  -19.076 1.00 24.07 ? 19  HIS B N   1 
ATOM   737  C CA  . HIS B 1 18 ? 2.194   -5.201  -19.942 1.00 22.86 ? 19  HIS B CA  1 
ATOM   738  C C   . HIS B 1 18 ? 1.405   -6.496  -20.049 1.00 23.87 ? 19  HIS B C   1 
ATOM   739  O O   . HIS B 1 18 ? 1.978   -7.579  -20.145 1.00 27.26 ? 19  HIS B O   1 
ATOM   740  C CB  . HIS B 1 18 ? 3.616   -5.486  -19.448 1.00 23.26 ? 19  HIS B CB  1 
ATOM   741  C CG  . HIS B 1 18 ? 4.418   -4.252  -19.177 1.00 33.71 ? 19  HIS B CG  1 
ATOM   742  N ND1 . HIS B 1 18 ? 4.163   -3.045  -19.796 1.00 36.64 ? 19  HIS B ND1 1 
ATOM   743  C CD2 . HIS B 1 18 ? 5.466   -4.032  -18.347 1.00 32.25 ? 19  HIS B CD2 1 
ATOM   744  C CE1 . HIS B 1 18 ? 5.019   -2.139  -19.361 1.00 31.69 ? 19  HIS B CE1 1 
ATOM   745  N NE2 . HIS B 1 18 ? 5.822   -2.712  -18.482 1.00 37.49 ? 19  HIS B NE2 1 
ATOM   746  N N   . LEU B 1 19 ? 0.083   -6.373  -20.028 1.00 19.60 ? 20  LEU B N   1 
ATOM   747  C CA  . LEU B 1 19 ? -0.795  -7.498  -20.303 1.00 22.42 ? 20  LEU B CA  1 
ATOM   748  C C   . LEU B 1 19 ? -0.606  -8.012  -21.724 1.00 27.64 ? 20  LEU B C   1 
ATOM   749  O O   . LEU B 1 19 ? -0.327  -7.229  -22.635 1.00 30.68 ? 20  LEU B O   1 
ATOM   750  C CB  . LEU B 1 19 ? -2.255  -7.095  -20.112 1.00 26.12 ? 20  LEU B CB  1 
ATOM   751  C CG  . LEU B 1 19 ? -2.784  -6.895  -18.701 1.00 20.83 ? 20  LEU B CG  1 
ATOM   752  C CD1 . LEU B 1 19 ? -4.225  -6.431  -18.787 1.00 19.50 ? 20  LEU B CD1 1 
ATOM   753  C CD2 . LEU B 1 19 ? -2.685  -8.193  -17.933 1.00 18.08 ? 20  LEU B CD2 1 
ATOM   754  N N   . PRO B 1 20 ? -0.739  -9.330  -21.917 1.00 28.90 ? 21  PRO B N   1 
ATOM   755  C CA  . PRO B 1 20 ? -0.909  -9.826  -23.285 1.00 27.18 ? 21  PRO B CA  1 
ATOM   756  C C   . PRO B 1 20 ? -2.093  -9.120  -23.931 1.00 26.14 ? 21  PRO B C   1 
ATOM   757  O O   . PRO B 1 20 ? -3.139  -8.980  -23.287 1.00 21.62 ? 21  PRO B O   1 
ATOM   758  C CB  . PRO B 1 20 ? -1.195  -11.319 -23.102 1.00 24.66 ? 21  PRO B CB  1 
ATOM   759  C CG  . PRO B 1 20 ? -0.756  -11.655 -21.714 1.00 27.54 ? 21  PRO B CG  1 
ATOM   760  C CD  . PRO B 1 20 ? -0.413  -10.402 -20.966 1.00 27.24 ? 21  PRO B CD  1 
ATOM   761  N N   . GLN B 1 21 ? -1.939  -8.680  -25.174 1.00 23.94 ? 22  GLN B N   1 
ATOM   762  C CA  . GLN B 1 21 ? -2.977  -7.889  -25.811 1.00 26.31 ? 22  GLN B CA  1 
ATOM   763  C C   . GLN B 1 21 ? -4.274  -8.684  -25.998 1.00 20.61 ? 22  GLN B C   1 
ATOM   764  O O   . GLN B 1 21 ? -5.360  -8.109  -26.041 1.00 24.07 ? 22  GLN B O   1 
ATOM   765  C CB  . GLN B 1 21 ? -2.476  -7.344  -27.154 1.00 26.41 ? 22  GLN B CB  1 
ATOM   766  C CG  . GLN B 1 21 ? -3.405  -6.316  -27.784 1.00 30.34 ? 22  GLN B CG  1 
ATOM   767  C CD  . GLN B 1 21 ? -2.706  -5.433  -28.809 1.00 42.28 ? 22  GLN B CD  1 
ATOM   768  O OE1 . GLN B 1 21 ? -1.860  -5.894  -29.576 1.00 44.18 ? 22  GLN B OE1 1 
ATOM   769  N NE2 . GLN B 1 21 ? -3.061  -4.153  -28.821 1.00 41.80 ? 22  GLN B NE2 1 
ATOM   770  N N   . GLU B 1 22 ? -4.172  -10.006 -26.087 1.00 20.27 ? 23  GLU B N   1 
ATOM   771  C CA  . GLU B 1 22 ? -5.360  -10.819 -26.329 1.00 26.93 ? 23  GLU B CA  1 
ATOM   772  C C   . GLU B 1 22 ? -6.152  -11.140 -25.062 1.00 23.43 ? 23  GLU B C   1 
ATOM   773  O O   . GLU B 1 22 ? -7.218  -11.744 -25.141 1.00 23.31 ? 23  GLU B O   1 
ATOM   774  C CB  . GLU B 1 22 ? -4.975  -12.116 -27.034 1.00 26.73 ? 23  GLU B CB  1 
ATOM   775  C CG  . GLU B 1 22 ? -3.724  -12.735 -26.488 1.00 32.00 ? 23  GLU B CG  1 
ATOM   776  C CD  . GLU B 1 22 ? -3.051  -13.638 -27.489 1.00 36.61 ? 23  GLU B CD  1 
ATOM   777  O OE1 . GLU B 1 22 ? -3.322  -14.855 -27.464 1.00 37.81 ? 23  GLU B OE1 1 
ATOM   778  O OE2 . GLU B 1 22 ? -2.250  -13.128 -28.301 1.00 41.25 ? 23  GLU B OE2 1 
ATOM   779  N N   . PHE B 1 23 ? -5.648  -10.730 -23.902 1.00 20.01 ? 24  PHE B N   1 
ATOM   780  C CA  . PHE B 1 23 ? -6.379  -10.947 -22.652 1.00 22.79 ? 24  PHE B CA  1 
ATOM   781  C C   . PHE B 1 23 ? -7.586  -10.025 -22.529 1.00 23.03 ? 24  PHE B C   1 
ATOM   782  O O   . PHE B 1 23 ? -7.501  -8.832  -22.827 1.00 24.32 ? 24  PHE B O   1 
ATOM   783  C CB  . PHE B 1 23 ? -5.460  -10.750 -21.443 1.00 22.00 ? 24  PHE B CB  1 
ATOM   784  C CG  . PHE B 1 23 ? -4.758  -12.006 -21.004 1.00 23.74 ? 24  PHE B CG  1 
ATOM   785  C CD1 . PHE B 1 23 ? -4.229  -12.108 -19.728 1.00 27.91 ? 24  PHE B CD1 1 
ATOM   786  C CD2 . PHE B 1 23 ? -4.625  -13.085 -21.870 1.00 23.78 ? 24  PHE B CD2 1 
ATOM   787  C CE1 . PHE B 1 23 ? -3.578  -13.265 -19.319 1.00 29.79 ? 24  PHE B CE1 1 
ATOM   788  C CE2 . PHE B 1 23 ? -3.977  -14.242 -21.472 1.00 25.14 ? 24  PHE B CE2 1 
ATOM   789  C CZ  . PHE B 1 23 ? -3.450  -14.332 -20.194 1.00 27.80 ? 24  PHE B CZ  1 
ATOM   790  N N   . GLY B 1 24 ? -8.709  -10.586 -22.087 1.00 21.91 ? 25  GLY B N   1 
ATOM   791  C CA  . GLY B 1 24 ? -9.909  -9.813  -21.817 1.00 19.89 ? 25  GLY B CA  1 
ATOM   792  C C   . GLY B 1 24 ? -10.192 -9.759  -20.325 1.00 21.49 ? 25  GLY B C   1 
ATOM   793  O O   . GLY B 1 24 ? -9.361  -10.191 -19.528 1.00 21.87 ? 25  GLY B O   1 
ATOM   794  N N   . ASP B 1 25 ? -11.358 -9.236  -19.947 1.00 25.22 ? 26  ASP B N   1 
ATOM   795  C CA  . ASP B 1 25 ? -11.720 -9.093  -18.535 1.00 24.15 ? 26  ASP B CA  1 
ATOM   796  C C   . ASP B 1 25 ? -11.682 -10.418 -17.782 1.00 25.97 ? 26  ASP B C   1 
ATOM   797  O O   . ASP B 1 25 ? -11.110 -10.504 -16.699 1.00 28.47 ? 26  ASP B O   1 
ATOM   798  C CB  . ASP B 1 25 ? -13.116 -8.485  -18.385 1.00 20.82 ? 26  ASP B CB  1 
ATOM   799  C CG  . ASP B 1 25 ? -13.244 -7.126  -19.041 1.00 27.00 ? 26  ASP B CG  1 
ATOM   800  O OD1 . ASP B 1 25 ? -12.208 -6.494  -19.348 1.00 31.40 ? 26  ASP B OD1 1 
ATOM   801  O OD2 . ASP B 1 25 ? -14.394 -6.679  -19.231 1.00 31.19 ? 26  ASP B OD2 1 
ATOM   802  N N   . GLN B 1 26 ? -12.296 -11.447 -18.357 1.00 27.75 ? 27  GLN B N   1 
ATOM   803  C CA  . GLN B 1 26 ? -12.373 -12.751 -17.707 1.00 25.95 ? 27  GLN B CA  1 
ATOM   804  C C   . GLN B 1 26 ? -10.991 -13.358 -17.500 1.00 26.42 ? 27  GLN B C   1 
ATOM   805  O O   . GLN B 1 26 ? -10.721 -13.971 -16.467 1.00 23.69 ? 27  GLN B O   1 
ATOM   806  C CB  . GLN B 1 26 ? -13.248 -13.703 -18.517 1.00 28.88 ? 27  GLN B CB  1 
ATOM   807  C CG  . GLN B 1 26 ? -14.733 -13.504 -18.298 1.00 31.92 ? 27  GLN B CG  1 
ATOM   808  C CD  . GLN B 1 26 ? -15.121 -13.592 -16.832 1.00 47.15 ? 27  GLN B CD  1 
ATOM   809  O OE1 . GLN B 1 26 ? -14.855 -14.593 -16.161 1.00 49.95 ? 27  GLN B OE1 1 
ATOM   810  N NE2 . GLN B 1 26 ? -15.748 -12.537 -16.325 1.00 50.01 ? 27  GLN B NE2 1 
ATOM   811  N N   . ASP B 1 27 ? -10.113 -13.176 -18.482 1.00 22.31 ? 28  ASP B N   1 
ATOM   812  C CA  . ASP B 1 27 ? -8.741  -13.648 -18.364 1.00 21.49 ? 28  ASP B CA  1 
ATOM   813  C C   . ASP B 1 27 ? -8.040  -13.040 -17.154 1.00 21.42 ? 28  ASP B C   1 
ATOM   814  O O   . ASP B 1 27 ? -7.427  -13.748 -16.360 1.00 18.88 ? 28  ASP B O   1 
ATOM   815  C CB  . ASP B 1 27 ? -7.957  -13.327 -19.633 1.00 20.92 ? 28  ASP B CB  1 
ATOM   816  C CG  . ASP B 1 27 ? -8.384  -14.172 -20.802 1.00 27.80 ? 28  ASP B CG  1 
ATOM   817  O OD1 . ASP B 1 27 ? -8.578  -15.391 -20.603 1.00 26.24 ? 28  ASP B OD1 1 
ATOM   818  O OD2 . ASP B 1 27 ? -8.540  -13.617 -21.912 1.00 26.16 ? 28  ASP B OD2 1 
ATOM   819  N N   . ILE B 1 28 ? -8.139  -11.724 -17.018 1.00 22.20 ? 29  ILE B N   1 
ATOM   820  C CA  . ILE B 1 28 ? -7.431  -11.024 -15.957 1.00 26.10 ? 29  ILE B CA  1 
ATOM   821  C C   . ILE B 1 28 ? -8.084  -11.326 -14.601 1.00 22.87 ? 29  ILE B C   1 
ATOM   822  O O   . ILE B 1 28 ? -7.404  -11.425 -13.585 1.00 23.10 ? 29  ILE B O   1 
ATOM   823  C CB  . ILE B 1 28 ? -7.380  -9.495  -16.242 1.00 22.79 ? 29  ILE B CB  1 
ATOM   824  C CG1 . ILE B 1 28 ? -6.209  -8.842  -15.527 1.00 34.50 ? 29  ILE B CG1 1 
ATOM   825  C CG2 . ILE B 1 28 ? -8.674  -8.790  -15.886 1.00 25.40 ? 29  ILE B CG2 1 
ATOM   826  C CD1 . ILE B 1 28 ? -6.257  -7.322  -15.603 1.00 44.21 ? 29  ILE B CD1 1 
ATOM   827  N N   . LEU B 1 29 ? -9.397  -11.517 -14.607 1.00 18.08 ? 30  LEU B N   1 
ATOM   828  C CA  . LEU B 1 29 ? -10.137 -11.861 -13.403 1.00 21.32 ? 30  LEU B CA  1 
ATOM   829  C C   . LEU B 1 29 ? -9.682  -13.210 -12.855 1.00 29.05 ? 30  LEU B C   1 
ATOM   830  O O   . LEU B 1 29 ? -9.346  -13.343 -11.674 1.00 22.02 ? 30  LEU B O   1 
ATOM   831  C CB  . LEU B 1 29 ? -11.635 -11.888 -13.702 1.00 24.25 ? 30  LEU B CB  1 
ATOM   832  C CG  . LEU B 1 29 ? -12.565 -12.622 -12.740 1.00 27.50 ? 30  LEU B CG  1 
ATOM   833  C CD1 . LEU B 1 29 ? -12.630 -11.893 -11.431 1.00 25.09 ? 30  LEU B CD1 1 
ATOM   834  C CD2 . LEU B 1 29 ? -13.953 -12.732 -13.346 1.00 27.72 ? 30  LEU B CD2 1 
ATOM   835  N N   . GLN B 1 30 ? -9.659  -14.203 -13.737 1.00 25.84 ? 31  GLN B N   1 
ATOM   836  C CA  . GLN B 1 30 ? -9.303  -15.558 -13.361 1.00 21.98 ? 31  GLN B CA  1 
ATOM   837  C C   . GLN B 1 30 ? -7.855  -15.666 -12.929 1.00 22.90 ? 31  GLN B C   1 
ATOM   838  O O   . GLN B 1 30 ? -7.523  -16.464 -12.053 1.00 21.98 ? 31  GLN B O   1 
ATOM   839  C CB  . GLN B 1 30 ? -9.575  -16.523 -14.516 1.00 20.63 ? 31  GLN B CB  1 
ATOM   840  C CG  . GLN B 1 30 ? -11.042 -16.881 -14.684 1.00 24.18 ? 31  GLN B CG  1 
ATOM   841  C CD  . GLN B 1 30 ? -11.682 -17.297 -13.374 1.00 48.38 ? 31  GLN B CD  1 
ATOM   842  O OE1 . GLN B 1 30 ? -12.845 -16.987 -13.118 1.00 60.10 ? 31  GLN B OE1 1 
ATOM   843  N NE2 . GLN B 1 30 ? -10.922 -18.001 -12.532 1.00 41.18 ? 31  GLN B NE2 1 
ATOM   844  N N   . MET B 1 31 ? -6.996  -14.852 -13.532 1.00 19.16 ? 32  MET B N   1 
ATOM   845  C CA  . MET B 1 31 ? -5.575  -14.886 -13.222 1.00 18.43 ? 32  MET B CA  1 
ATOM   846  C C   . MET B 1 31 ? -5.286  -14.296 -11.842 1.00 19.99 ? 32  MET B C   1 
ATOM   847  O O   . MET B 1 31 ? -4.262  -14.598 -11.227 1.00 21.00 ? 32  MET B O   1 
ATOM   848  C CB  . MET B 1 31 ? -4.786  -14.145 -14.304 1.00 18.17 ? 32  MET B CB  1 
ATOM   849  C CG  . MET B 1 31 ? -3.297  -14.038 -14.042 1.00 29.84 ? 32  MET B CG  1 
ATOM   850  S SD  . MET B 1 31 ? -2.329  -13.741 -15.532 1.00 36.63 ? 32  MET B SD  1 
ATOM   851  C CE  . MET B 1 31 ? -2.664  -15.257 -16.428 1.00 40.06 ? 32  MET B CE  1 
ATOM   852  N N   . PHE B 1 32 ? -6.194  -13.470 -11.335 1.00 19.39 ? 33  PHE B N   1 
ATOM   853  C CA  . PHE B 1 32 ? -5.923  -12.803 -10.067 1.00 24.15 ? 33  PHE B CA  1 
ATOM   854  C C   . PHE B 1 32 ? -6.787  -13.291 -8.908  1.00 24.81 ? 33  PHE B C   1 
ATOM   855  O O   . PHE B 1 32 ? -6.509  -12.971 -7.752  1.00 23.95 ? 33  PHE B O   1 
ATOM   856  C CB  . PHE B 1 32 ? -6.054  -11.287 -10.244 1.00 19.89 ? 33  PHE B CB  1 
ATOM   857  C CG  . PHE B 1 32 ? -4.809  -10.660 -10.784 1.00 23.35 ? 33  PHE B CG  1 
ATOM   858  C CD1 . PHE B 1 32 ? -4.552  -10.661 -12.149 1.00 21.95 ? 33  PHE B CD1 1 
ATOM   859  C CD2 . PHE B 1 32 ? -3.863  -10.118 -9.927  1.00 21.14 ? 33  PHE B CD2 1 
ATOM   860  C CE1 . PHE B 1 32 ? -3.386  -10.104 -12.653 1.00 23.34 ? 33  PHE B CE1 1 
ATOM   861  C CE2 . PHE B 1 32 ? -2.699  -9.559  -10.421 1.00 24.88 ? 33  PHE B CE2 1 
ATOM   862  C CZ  . PHE B 1 32 ? -2.459  -9.553  -11.790 1.00 26.43 ? 33  PHE B CZ  1 
ATOM   863  N N   . MET B 1 33 ? -7.803  -14.092 -9.209  1.00 23.60 ? 34  MET B N   1 
ATOM   864  C CA  . MET B 1 33 ? -8.604  -14.719 -8.160  1.00 26.29 ? 34  MET B CA  1 
ATOM   865  C C   . MET B 1 33 ? -7.842  -15.636 -7.177  1.00 21.59 ? 34  MET B C   1 
ATOM   866  O O   . MET B 1 33 ? -8.267  -15.777 -6.033  1.00 25.19 ? 34  MET B O   1 
ATOM   867  C CB  . MET B 1 33 ? -9.758  -15.494 -8.794  1.00 19.02 ? 34  MET B CB  1 
ATOM   868  C CG  . MET B 1 33 ? -11.096 -14.784 -8.611  1.00 25.13 ? 34  MET B CG  1 
ATOM   869  S SD  . MET B 1 33 ? -12.327 -15.197 -9.868  1.00 51.88 ? 34  MET B SD  1 
ATOM   870  C CE  . MET B 1 33 ? -12.216 -16.971 -9.918  1.00 38.66 ? 34  MET B CE  1 
ATOM   871  N N   . PRO B 1 34 ? -6.723  -16.258 -7.598  1.00 19.34 ? 35  PRO B N   1 
ATOM   872  C CA  . PRO B 1 34 ? -5.986  -17.048 -6.602  1.00 21.76 ? 35  PRO B CA  1 
ATOM   873  C C   . PRO B 1 34 ? -5.513  -16.290 -5.351  1.00 29.68 ? 35  PRO B C   1 
ATOM   874  O O   . PRO B 1 34 ? -4.980  -16.927 -4.435  1.00 29.32 ? 35  PRO B O   1 
ATOM   875  C CB  . PRO B 1 34 ? -4.756  -17.540 -7.379  1.00 16.46 ? 35  PRO B CB  1 
ATOM   876  C CG  . PRO B 1 34 ? -5.085  -17.398 -8.810  1.00 15.64 ? 35  PRO B CG  1 
ATOM   877  C CD  . PRO B 1 34 ? -6.379  -16.673 -8.970  1.00 22.50 ? 35  PRO B CD  1 
ATOM   878  N N   . PHE B 1 35 ? -5.677  -14.972 -5.311  1.00 21.12 ? 36  PHE B N   1 
ATOM   879  C CA  . PHE B 1 35 ? -5.135  -14.195 -4.203  1.00 21.85 ? 36  PHE B CA  1 
ATOM   880  C C   . PHE B 1 35 ? -6.231  -13.678 -3.297  1.00 21.67 ? 36  PHE B C   1 
ATOM   881  O O   . PHE B 1 35 ? -5.962  -13.153 -2.218  1.00 19.78 ? 36  PHE B O   1 
ATOM   882  C CB  . PHE B 1 35 ? -4.282  -13.049 -4.733  1.00 18.65 ? 36  PHE B CB  1 
ATOM   883  C CG  . PHE B 1 35 ? -3.181  -13.508 -5.628  1.00 23.93 ? 36  PHE B CG  1 
ATOM   884  C CD1 . PHE B 1 35 ? -2.038  -14.074 -5.093  1.00 18.55 ? 36  PHE B CD1 1 
ATOM   885  C CD2 . PHE B 1 35 ? -3.306  -13.419 -7.010  1.00 22.88 ? 36  PHE B CD2 1 
ATOM   886  C CE1 . PHE B 1 35 ? -1.024  -14.527 -5.919  1.00 22.89 ? 36  PHE B CE1 1 
ATOM   887  C CE2 . PHE B 1 35 ? -2.299  -13.868 -7.842  1.00 18.35 ? 36  PHE B CE2 1 
ATOM   888  C CZ  . PHE B 1 35 ? -1.153  -14.421 -7.297  1.00 22.78 ? 36  PHE B CZ  1 
ATOM   889  N N   . GLY B 1 36 ? -7.471  -13.849 -3.736  1.00 19.59 ? 37  GLY B N   1 
ATOM   890  C CA  . GLY B 1 36 ? -8.605  -13.470 -2.927  1.00 17.89 ? 37  GLY B CA  1 
ATOM   891  C C   . GLY B 1 36 ? -9.796  -13.140 -3.787  1.00 20.93 ? 37  GLY B C   1 
ATOM   892  O O   . GLY B 1 36 ? -9.737  -13.220 -5.014  1.00 25.91 ? 37  GLY B O   1 
ATOM   893  N N   . ASN B 1 37 ? -10.883 -12.762 -3.135  1.00 23.32 ? 38  ASN B N   1 
ATOM   894  C CA  . ASN B 1 37 ? -12.110 -12.409 -3.825  1.00 26.03 ? 38  ASN B CA  1 
ATOM   895  C C   . ASN B 1 37 ? -11.944 -11.152 -4.678  1.00 27.96 ? 38  ASN B C   1 
ATOM   896  O O   . ASN B 1 37 ? -11.785 -10.047 -4.153  1.00 23.96 ? 38  ASN B O   1 
ATOM   897  C CB  . ASN B 1 37 ? -13.230 -12.213 -2.804  1.00 28.50 ? 38  ASN B CB  1 
ATOM   898  C CG  . ASN B 1 37 ? -14.573 -11.977 -3.450  1.00 32.32 ? 38  ASN B CG  1 
ATOM   899  O OD1 . ASN B 1 37 ? -14.857 -12.489 -4.536  1.00 39.29 ? 38  ASN B OD1 1 
ATOM   900  N ND2 . ASN B 1 37 ? -15.414 -11.203 -2.781  1.00 27.45 ? 38  ASN B ND2 1 
ATOM   901  N N   . VAL B 1 38 ? -11.961 -11.339 -5.994  1.00 26.64 ? 39  VAL B N   1 
ATOM   902  C CA  . VAL B 1 38 ? -11.929 -10.229 -6.936  1.00 26.49 ? 39  VAL B CA  1 
ATOM   903  C C   . VAL B 1 38 ? -13.339 -9.724  -7.148  1.00 30.01 ? 39  VAL B C   1 
ATOM   904  O O   . VAL B 1 38 ? -14.208 -10.465 -7.609  1.00 34.41 ? 39  VAL B O   1 
ATOM   905  C CB  . VAL B 1 38 ? -11.322 -10.628 -8.302  1.00 25.62 ? 39  VAL B CB  1 
ATOM   906  C CG1 . VAL B 1 38 ? -11.330 -9.434  -9.259  1.00 20.51 ? 39  VAL B CG1 1 
ATOM   907  C CG2 . VAL B 1 38 ? -9.908  -11.166 -8.125  1.00 21.19 ? 39  VAL B CG2 1 
ATOM   908  N N   . ILE B 1 39 ? -13.574 -8.463  -6.812  1.00 25.88 ? 40  ILE B N   1 
ATOM   909  C CA  . ILE B 1 39 ? -14.908 -7.901  -6.947  1.00 30.06 ? 40  ILE B CA  1 
ATOM   910  C C   . ILE B 1 39 ? -15.045 -7.124  -8.257  1.00 32.23 ? 40  ILE B C   1 
ATOM   911  O O   . ILE B 1 39 ? -16.151 -6.869  -8.724  1.00 33.17 ? 40  ILE B O   1 
ATOM   912  C CB  . ILE B 1 39 ? -15.256 -6.996  -5.748  1.00 33.45 ? 40  ILE B CB  1 
ATOM   913  C CG1 . ILE B 1 39 ? -14.270 -5.834  -5.639  1.00 34.71 ? 40  ILE B CG1 1 
ATOM   914  C CG2 . ILE B 1 39 ? -15.256 -7.806  -4.458  1.00 29.06 ? 40  ILE B CG2 1 
ATOM   915  C CD1 . ILE B 1 39 ? -14.395 -5.051  -4.344  1.00 34.97 ? 40  ILE B CD1 1 
ATOM   916  N N   . SER B 1 40 ? -13.914 -6.773  -8.857  1.00 37.78 ? 41  SER B N   1 
ATOM   917  C CA  . SER B 1 40 ? -13.925 -6.060  -10.125 1.00 28.86 ? 41  SER B CA  1 
ATOM   918  C C   . SER B 1 40 ? -12.640 -6.285  -10.916 1.00 27.17 ? 41  SER B C   1 
ATOM   919  O O   . SER B 1 40 ? -11.544 -6.279  -10.359 1.00 30.21 ? 41  SER B O   1 
ATOM   920  C CB  . SER B 1 40 ? -14.134 -4.571  -9.880  1.00 38.72 ? 41  SER B CB  1 
ATOM   921  O OG  . SER B 1 40 ? -14.272 -3.879  -11.103 1.00 48.03 ? 41  SER B OG  1 
ATOM   922  N N   . ALA B 1 41 ? -12.779 -6.484  -12.220 1.00 19.77 ? 42  ALA B N   1 
ATOM   923  C CA  . ALA B 1 41 ? -11.625 -6.669  -13.086 1.00 23.13 ? 42  ALA B CA  1 
ATOM   924  C C   . ALA B 1 41 ? -11.937 -6.151  -14.478 1.00 26.17 ? 42  ALA B C   1 
ATOM   925  O O   . ALA B 1 41 ? -12.976 -6.477  -15.047 1.00 30.85 ? 42  ALA B O   1 
ATOM   926  C CB  . ALA B 1 41 ? -11.220 -8.137  -13.141 1.00 20.58 ? 42  ALA B CB  1 
ATOM   927  N N   . LYS B 1 42 ? -11.037 -5.348  -15.032 1.00 23.41 ? 43  LYS B N   1 
ATOM   928  C CA  . LYS B 1 42 ? -11.268 -4.777  -16.354 1.00 24.07 ? 43  LYS B CA  1 
ATOM   929  C C   . LYS B 1 42 ? -9.978  -4.588  -17.139 1.00 21.91 ? 43  LYS B C   1 
ATOM   930  O O   . LYS B 1 42 ? -8.961  -4.165  -16.588 1.00 23.04 ? 43  LYS B O   1 
ATOM   931  C CB  . LYS B 1 42 ? -11.988 -3.432  -16.231 1.00 24.52 ? 43  LYS B CB  1 
ATOM   932  C CG  . LYS B 1 42 ? -12.377 -2.839  -17.571 1.00 45.68 ? 43  LYS B CG  1 
ATOM   933  C CD  . LYS B 1 42 ? -12.776 -1.376  -17.464 1.00 48.75 ? 43  LYS B CD  1 
ATOM   934  C CE  . LYS B 1 42 ? -13.246 -0.850  -18.819 1.00 53.10 ? 43  LYS B CE  1 
ATOM   935  N NZ  . LYS B 1 42 ? -13.498 0.620   -18.799 1.00 67.21 ? 43  LYS B NZ  1 
ATOM   936  N N   . VAL B 1 43 ? -10.026 -4.911  -18.426 1.00 21.29 ? 44  VAL B N   1 
ATOM   937  C CA  . VAL B 1 43 ? -8.961  -4.547  -19.353 1.00 24.54 ? 44  VAL B CA  1 
ATOM   938  C C   . VAL B 1 43 ? -9.397  -3.296  -20.123 1.00 24.98 ? 44  VAL B C   1 
ATOM   939  O O   . VAL B 1 43 ? -10.538 -3.208  -20.580 1.00 22.53 ? 44  VAL B O   1 
ATOM   940  C CB  . VAL B 1 43 ? -8.635  -5.696  -20.331 1.00 23.21 ? 44  VAL B CB  1 
ATOM   941  C CG1 . VAL B 1 43 ? -7.606  -5.249  -21.361 1.00 24.89 ? 44  VAL B CG1 1 
ATOM   942  C CG2 . VAL B 1 43 ? -8.125  -6.909  -19.568 1.00 20.80 ? 44  VAL B CG2 1 
ATOM   943  N N   . PHE B 1 44 ? -8.506  -2.318  -20.239 1.00 22.26 ? 45  PHE B N   1 
ATOM   944  C CA  . PHE B 1 44 ? -8.837  -1.088  -20.953 1.00 29.87 ? 45  PHE B CA  1 
ATOM   945  C C   . PHE B 1 44 ? -8.614  -1.240  -22.451 1.00 30.23 ? 45  PHE B C   1 
ATOM   946  O O   . PHE B 1 44 ? -7.554  -1.696  -22.893 1.00 24.70 ? 45  PHE B O   1 
ATOM   947  C CB  . PHE B 1 44 ? -8.017  0.090   -20.423 1.00 27.79 ? 45  PHE B CB  1 
ATOM   948  C CG  . PHE B 1 44 ? -8.256  0.388   -18.973 1.00 30.97 ? 45  PHE B CG  1 
ATOM   949  C CD1 . PHE B 1 44 ? -9.475  0.901   -18.548 1.00 33.70 ? 45  PHE B CD1 1 
ATOM   950  C CD2 . PHE B 1 44 ? -7.267  0.157   -18.034 1.00 31.55 ? 45  PHE B CD2 1 
ATOM   951  C CE1 . PHE B 1 44 ? -9.701  1.176   -17.211 1.00 32.86 ? 45  PHE B CE1 1 
ATOM   952  C CE2 . PHE B 1 44 ? -7.483  0.433   -16.694 1.00 33.41 ? 45  PHE B CE2 1 
ATOM   953  C CZ  . PHE B 1 44 ? -8.703  0.941   -16.282 1.00 32.02 ? 45  PHE B CZ  1 
ATOM   954  N N   . ILE B 1 45 ? -9.609  -0.852  -23.240 1.00 32.43 ? 46  ILE B N   1 
ATOM   955  C CA  . ILE B 1 45 ? -9.492  -1.003  -24.687 1.00 39.75 ? 46  ILE B CA  1 
ATOM   956  C C   . ILE B 1 45 ? -9.589  0.325   -25.438 1.00 34.61 ? 46  ILE B C   1 
ATOM   957  O O   . ILE B 1 45 ? -10.172 1.294   -24.953 1.00 36.83 ? 46  ILE B O   1 
ATOM   958  C CB  . ILE B 1 45 ? -10.569 -1.962  -25.238 1.00 38.77 ? 46  ILE B CB  1 
ATOM   959  C CG1 . ILE B 1 45 ? -11.942 -1.298  -25.222 1.00 31.65 ? 46  ILE B CG1 1 
ATOM   960  C CG2 . ILE B 1 45 ? -10.584 -3.270  -24.447 1.00 26.65 ? 46  ILE B CG2 1 
ATOM   961  C CD1 . ILE B 1 45 ? -12.995 -2.101  -25.939 1.00 34.64 ? 46  ILE B CD1 1 
ATOM   962  N N   . ASP B 1 46 ? -8.987  0.357   -26.621 1.00 36.21 ? 47  ASP B N   1 
ATOM   963  C CA  . ASP B 1 46 ? -9.137  1.464   -27.554 1.00 29.50 ? 47  ASP B CA  1 
ATOM   964  C C   . ASP B 1 46 ? -10.513 1.351   -28.187 1.00 29.75 ? 47  ASP B C   1 
ATOM   965  O O   . ASP B 1 46 ? -10.798 0.369   -28.860 1.00 35.49 ? 47  ASP B O   1 
ATOM   966  C CB  . ASP B 1 46 ? -8.030  1.415   -28.612 1.00 37.42 ? 47  ASP B CB  1 
ATOM   967  C CG  . ASP B 1 46 ? -8.055  2.601   -29.550 1.00 38.64 ? 47  ASP B CG  1 
ATOM   968  O OD1 . ASP B 1 46 ? -9.108  2.864   -30.166 1.00 38.97 ? 47  ASP B OD1 1 
ATOM   969  O OD2 . ASP B 1 46 ? -7.006  3.274   -29.671 1.00 46.97 ? 47  ASP B OD2 1 
ATOM   970  N N   . LYS B 1 47 ? -11.371 2.342   -27.971 1.00 35.06 ? 48  LYS B N   1 
ATOM   971  C CA  . LYS B 1 47 ? -12.766 2.216   -28.392 1.00 45.08 ? 48  LYS B CA  1 
ATOM   972  C C   . LYS B 1 47 ? -12.948 2.365   -29.898 1.00 44.90 ? 48  LYS B C   1 
ATOM   973  O O   . LYS B 1 47 ? -13.988 1.996   -30.440 1.00 45.19 ? 48  LYS B O   1 
ATOM   974  C CB  . LYS B 1 47 ? -13.644 3.225   -27.648 1.00 45.53 ? 48  LYS B CB  1 
ATOM   975  C CG  . LYS B 1 47 ? -14.090 2.728   -26.274 1.00 59.61 ? 48  LYS B CG  1 
ATOM   976  C CD  . LYS B 1 47 ? -13.757 3.722   -25.170 1.00 73.87 ? 48  LYS B CD  1 
ATOM   977  C CE  . LYS B 1 47 ? -14.495 3.375   -23.877 1.00 81.54 ? 48  LYS B CE  1 
ATOM   978  N NZ  . LYS B 1 47 ? -14.901 4.589   -23.108 1.00 71.79 ? 48  LYS B NZ  1 
ATOM   979  N N   . GLN B 1 48 ? -11.932 2.882   -30.577 1.00 39.49 ? 49  GLN B N   1 
ATOM   980  C CA  . GLN B 1 48 ? -11.975 2.942   -32.031 1.00 43.09 ? 49  GLN B CA  1 
ATOM   981  C C   . GLN B 1 48 ? -11.747 1.561   -32.645 1.00 42.89 ? 49  GLN B C   1 
ATOM   982  O O   . GLN B 1 48 ? -12.519 1.124   -33.498 1.00 51.26 ? 49  GLN B O   1 
ATOM   983  C CB  . GLN B 1 48 ? -10.946 3.943   -32.560 1.00 47.41 ? 49  GLN B CB  1 
ATOM   984  C CG  . GLN B 1 48 ? -11.235 5.388   -32.155 1.00 63.29 ? 49  GLN B CG  1 
ATOM   985  C CD  . GLN B 1 48 ? -12.534 5.916   -32.751 1.00 75.79 ? 49  GLN B CD  1 
ATOM   986  O OE1 . GLN B 1 48 ? -13.573 5.948   -32.087 1.00 77.29 ? 49  GLN B OE1 1 
ATOM   987  N NE2 . GLN B 1 48 ? -12.478 6.337   -34.009 1.00 78.71 ? 49  GLN B NE2 1 
ATOM   988  N N   . THR B 1 49 ? -10.705 0.863   -32.191 1.00 37.14 ? 50  THR B N   1 
ATOM   989  C CA  . THR B 1 49 ? -10.326 -0.426  -32.775 1.00 30.51 ? 50  THR B CA  1 
ATOM   990  C C   . THR B 1 49 ? -10.783 -1.649  -31.980 1.00 30.61 ? 50  THR B C   1 
ATOM   991  O O   . THR B 1 49 ? -10.727 -2.771  -32.497 1.00 29.56 ? 50  THR B O   1 
ATOM   992  C CB  . THR B 1 49 ? -8.799  -0.537  -32.935 1.00 34.06 ? 50  THR B CB  1 
ATOM   993  O OG1 . THR B 1 49 ? -8.176  -0.476  -31.645 1.00 32.64 ? 50  THR B OG1 1 
ATOM   994  C CG2 . THR B 1 49 ? -8.264  0.588   -33.809 1.00 28.22 ? 50  THR B CG2 1 
ATOM   995  N N   . ASN B 1 50 ? -11.220 -1.423  -30.737 1.00 30.98 ? 51  ASN B N   1 
ATOM   996  C CA  . ASN B 1 50 ? -11.539 -2.483  -29.765 1.00 27.01 ? 51  ASN B CA  1 
ATOM   997  C C   . ASN B 1 50 ? -10.323 -3.305  -29.339 1.00 25.21 ? 51  ASN B C   1 
ATOM   998  O O   . ASN B 1 50 ? -10.470 -4.397  -28.802 1.00 33.63 ? 51  ASN B O   1 
ATOM   999  C CB  . ASN B 1 50 ? -12.618 -3.426  -30.301 1.00 31.57 ? 51  ASN B CB  1 
ATOM   1000 C CG  . ASN B 1 50 ? -13.984 -2.790  -30.318 1.00 38.91 ? 51  ASN B CG  1 
ATOM   1001 O OD1 . ASN B 1 50 ? -14.283 -1.921  -29.498 1.00 40.68 ? 51  ASN B OD1 1 
ATOM   1002 N ND2 . ASN B 1 50 ? -14.825 -3.211  -31.258 1.00 40.47 ? 51  ASN B ND2 1 
ATOM   1003 N N   . LEU B 1 51 ? -9.130  -2.781  -29.582 1.00 24.21 ? 52  LEU B N   1 
ATOM   1004 C CA  . LEU B 1 51 ? -7.906  -3.445  -29.161 1.00 28.52 ? 52  LEU B CA  1 
ATOM   1005 C C   . LEU B 1 51 ? -7.561  -3.106  -27.722 1.00 27.93 ? 52  LEU B C   1 
ATOM   1006 O O   . LEU B 1 51 ? -7.687  -1.960  -27.301 1.00 30.02 ? 52  LEU B O   1 
ATOM   1007 C CB  . LEU B 1 51 ? -6.730  -3.057  -30.057 1.00 29.75 ? 52  LEU B CB  1 
ATOM   1008 C CG  . LEU B 1 51 ? -6.507  -3.807  -31.363 1.00 36.27 ? 52  LEU B CG  1 
ATOM   1009 C CD1 . LEU B 1 51 ? -5.212  -3.320  -31.972 1.00 30.83 ? 52  LEU B CD1 1 
ATOM   1010 C CD2 . LEU B 1 51 ? -6.458  -5.305  -31.119 1.00 32.57 ? 52  LEU B CD2 1 
ATOM   1011 N N   . SER B 1 52 ? -7.108  -4.105  -26.978 1.00 29.26 ? 53  SER B N   1 
ATOM   1012 C CA  . SER B 1 52 ? -6.630  -3.889  -25.622 1.00 25.58 ? 53  SER B CA  1 
ATOM   1013 C C   . SER B 1 52 ? -5.499  -2.869  -25.610 1.00 22.12 ? 53  SER B C   1 
ATOM   1014 O O   . SER B 1 52 ? -4.676  -2.839  -26.523 1.00 22.10 ? 53  SER B O   1 
ATOM   1015 C CB  . SER B 1 52 ? -6.161  -5.212  -25.005 1.00 20.71 ? 53  SER B CB  1 
ATOM   1016 O OG  . SER B 1 52 ? -5.364  -4.997  -23.852 1.00 24.93 ? 53  SER B OG  1 
ATOM   1017 N N   . LYS B 1 53 ? -5.464  -2.035  -24.575 1.00 22.94 ? 54  LYS B N   1 
ATOM   1018 C CA  . LYS B 1 53 ? -4.354  -1.111  -24.377 1.00 20.22 ? 54  LYS B CA  1 
ATOM   1019 C C   . LYS B 1 53 ? -3.240  -1.771  -23.575 1.00 23.71 ? 54  LYS B C   1 
ATOM   1020 O O   . LYS B 1 53 ? -2.287  -1.104  -23.163 1.00 21.59 ? 54  LYS B O   1 
ATOM   1021 C CB  . LYS B 1 53 ? -4.823  0.157   -23.670 1.00 27.81 ? 54  LYS B CB  1 
ATOM   1022 C CG  . LYS B 1 53 ? -5.754  1.035   -24.491 1.00 25.79 ? 54  LYS B CG  1 
ATOM   1023 C CD  . LYS B 1 53 ? -6.064  2.310   -23.736 1.00 38.01 ? 54  LYS B CD  1 
ATOM   1024 C CE  . LYS B 1 53 ? -7.020  3.206   -24.497 1.00 48.73 ? 54  LYS B CE  1 
ATOM   1025 N NZ  . LYS B 1 53 ? -7.318  4.446   -23.721 1.00 47.47 ? 54  LYS B NZ  1 
ATOM   1026 N N   . CYS B 1 54 ? -3.387  -3.077  -23.346 1.00 21.42 ? 55  CYS B N   1 
ATOM   1027 C CA  . CYS B 1 54 ? -2.385  -3.900  -22.663 1.00 25.55 ? 55  CYS B CA  1 
ATOM   1028 C C   . CYS B 1 54 ? -2.180  -3.520  -21.203 1.00 24.51 ? 55  CYS B C   1 
ATOM   1029 O O   . CYS B 1 54 ? -1.113  -3.761  -20.634 1.00 24.29 ? 55  CYS B O   1 
ATOM   1030 C CB  . CYS B 1 54 ? -1.044  -3.841  -23.395 1.00 26.20 ? 55  CYS B CB  1 
ATOM   1031 S SG  . CYS B 1 54 ? -1.093  -4.616  -25.011 1.00 28.89 ? 55  CYS B SG  1 
ATOM   1032 N N   . PHE B 1 55 ? -3.200  -2.931  -20.595 1.00 18.49 ? 56  PHE B N   1 
ATOM   1033 C CA  . PHE B 1 55 ? -3.174  -2.741  -19.161 1.00 20.78 ? 56  PHE B CA  1 
ATOM   1034 C C   . PHE B 1 55 ? -4.590  -2.732  -18.626 1.00 25.48 ? 56  PHE B C   1 
ATOM   1035 O O   . PHE B 1 55 ? -5.553  -2.541  -19.371 1.00 24.22 ? 56  PHE B O   1 
ATOM   1036 C CB  . PHE B 1 55 ? -2.411  -1.465  -18.783 1.00 25.60 ? 56  PHE B CB  1 
ATOM   1037 C CG  . PHE B 1 55 ? -3.196  -0.197  -18.947 1.00 30.67 ? 56  PHE B CG  1 
ATOM   1038 C CD1 . PHE B 1 55 ? -3.418  0.345   -20.208 1.00 33.67 ? 56  PHE B CD1 1 
ATOM   1039 C CD2 . PHE B 1 55 ? -3.672  0.484   -17.837 1.00 30.33 ? 56  PHE B CD2 1 
ATOM   1040 C CE1 . PHE B 1 55 ? -4.127  1.529   -20.360 1.00 32.51 ? 56  PHE B CE1 1 
ATOM   1041 C CE2 . PHE B 1 55 ? -4.377  1.666   -17.980 1.00 38.03 ? 56  PHE B CE2 1 
ATOM   1042 C CZ  . PHE B 1 55 ? -4.608  2.188   -19.247 1.00 31.86 ? 56  PHE B CZ  1 
ATOM   1043 N N   . GLY B 1 56 ? -4.719  -2.987  -17.332 1.00 24.28 ? 57  GLY B N   1 
ATOM   1044 C CA  . GLY B 1 56 ? -6.031  -3.160  -16.748 1.00 22.27 ? 57  GLY B CA  1 
ATOM   1045 C C   . GLY B 1 56 ? -6.066  -2.905  -15.263 1.00 24.10 ? 57  GLY B C   1 
ATOM   1046 O O   . GLY B 1 56 ? -5.104  -2.417  -14.669 1.00 21.20 ? 57  GLY B O   1 
ATOM   1047 N N   . PHE B 1 57 ? -7.185  -3.278  -14.663 1.00 21.53 ? 58  PHE B N   1 
ATOM   1048 C CA  . PHE B 1 57 ? -7.499  -2.904  -13.301 1.00 21.34 ? 58  PHE B CA  1 
ATOM   1049 C C   . PHE B 1 57 ? -8.139  -4.073  -12.563 1.00 21.98 ? 58  PHE B C   1 
ATOM   1050 O O   . PHE B 1 57 ? -8.980  -4.782  -13.122 1.00 22.26 ? 58  PHE B O   1 
ATOM   1051 C CB  . PHE B 1 57 ? -8.427  -1.687  -13.325 1.00 26.05 ? 58  PHE B CB  1 
ATOM   1052 C CG  . PHE B 1 57 ? -8.921  -1.269  -11.986 1.00 30.28 ? 58  PHE B CG  1 
ATOM   1053 C CD1 . PHE B 1 57 ? -8.152  -0.436  -11.178 1.00 36.92 ? 58  PHE B CD1 1 
ATOM   1054 C CD2 . PHE B 1 57 ? -10.170 -1.686  -11.535 1.00 30.90 ? 58  PHE B CD2 1 
ATOM   1055 C CE1 . PHE B 1 57 ? -8.612  -0.029  -9.924  1.00 36.88 ? 58  PHE B CE1 1 
ATOM   1056 C CE2 . PHE B 1 57 ? -10.641 -1.290  -10.287 1.00 42.05 ? 58  PHE B CE2 1 
ATOM   1057 C CZ  . PHE B 1 57 ? -9.859  -0.456  -9.479  1.00 40.38 ? 58  PHE B CZ  1 
ATOM   1058 N N   . VAL B 1 58 ? -7.738  -4.280  -11.313 1.00 26.66 ? 59  VAL B N   1 
ATOM   1059 C CA  . VAL B 1 58 ? -8.299  -5.358  -10.505 1.00 25.68 ? 59  VAL B CA  1 
ATOM   1060 C C   . VAL B 1 58 ? -8.570  -4.883  -9.078  1.00 26.94 ? 59  VAL B C   1 
ATOM   1061 O O   . VAL B 1 58 ? -7.716  -4.259  -8.444  1.00 23.07 ? 59  VAL B O   1 
ATOM   1062 C CB  . VAL B 1 58 ? -7.361  -6.594  -10.483 1.00 26.25 ? 59  VAL B CB  1 
ATOM   1063 C CG1 . VAL B 1 58 ? -7.652  -7.487  -9.282  1.00 22.30 ? 59  VAL B CG1 1 
ATOM   1064 C CG2 . VAL B 1 58 ? -7.496  -7.380  -11.771 1.00 23.51 ? 59  VAL B CG2 1 
ATOM   1065 N N   . SER B 1 59 ? -9.773  -5.178  -8.591  1.00 24.37 ? 60  SER B N   1 
ATOM   1066 C CA  . SER B 1 59 ? -10.194 -4.821  -7.240  1.00 26.08 ? 60  SER B CA  1 
ATOM   1067 C C   . SER B 1 59 ? -10.473 -6.049  -6.381  1.00 27.84 ? 60  SER B C   1 
ATOM   1068 O O   . SER B 1 59 ? -11.223 -6.949  -6.780  1.00 24.83 ? 60  SER B O   1 
ATOM   1069 C CB  . SER B 1 59 ? -11.449 -3.949  -7.278  1.00 27.35 ? 60  SER B CB  1 
ATOM   1070 O OG  . SER B 1 59 ? -11.118 -2.588  -7.450  1.00 48.01 ? 60  SER B OG  1 
ATOM   1071 N N   . TYR B 1 60 ? -9.878  -6.072  -5.196  1.00 21.20 ? 61  TYR B N   1 
ATOM   1072 C CA  . TYR B 1 60 ? -10.169 -7.106  -4.219  1.00 20.82 ? 61  TYR B CA  1 
ATOM   1073 C C   . TYR B 1 60 ? -11.099 -6.567  -3.140  1.00 22.22 ? 61  TYR B C   1 
ATOM   1074 O O   . TYR B 1 60 ? -11.290 -5.356  -3.031  1.00 26.54 ? 61  TYR B O   1 
ATOM   1075 C CB  . TYR B 1 60 ? -8.886  -7.625  -3.593  1.00 19.18 ? 61  TYR B CB  1 
ATOM   1076 C CG  . TYR B 1 60 ? -8.024  -8.428  -4.531  1.00 19.09 ? 61  TYR B CG  1 
ATOM   1077 C CD1 . TYR B 1 60 ? -8.310  -9.764  -4.796  1.00 19.03 ? 61  TYR B CD1 1 
ATOM   1078 C CD2 . TYR B 1 60 ? -6.910  -7.860  -5.136  1.00 18.74 ? 61  TYR B CD2 1 
ATOM   1079 C CE1 . TYR B 1 60 ? -7.513  -10.511 -5.647  1.00 17.22 ? 61  TYR B CE1 1 
ATOM   1080 C CE2 . TYR B 1 60 ? -6.102  -8.600  -5.988  1.00 17.03 ? 61  TYR B CE2 1 
ATOM   1081 C CZ  . TYR B 1 60 ? -6.410  -9.924  -6.240  1.00 21.90 ? 61  TYR B CZ  1 
ATOM   1082 O OH  . TYR B 1 60 ? -5.613  -10.666 -7.082  1.00 22.39 ? 61  TYR B OH  1 
ATOM   1083 N N   . ASP B 1 61 ? -11.676 -7.456  -2.339  1.00 27.01 ? 62  ASP B N   1 
ATOM   1084 C CA  . ASP B 1 61 ? -12.499 -7.004  -1.222  1.00 26.11 ? 62  ASP B CA  1 
ATOM   1085 C C   . ASP B 1 61 ? -11.646 -6.724  0.006   1.00 25.84 ? 62  ASP B C   1 
ATOM   1086 O O   . ASP B 1 61 ? -12.177 -6.412  1.063   1.00 30.96 ? 62  ASP B O   1 
ATOM   1087 C CB  . ASP B 1 61 ? -13.601 -8.022  -0.882  1.00 19.93 ? 62  ASP B CB  1 
ATOM   1088 C CG  . ASP B 1 61 ? -13.056 -9.385  -0.446  1.00 29.41 ? 62  ASP B CG  1 
ATOM   1089 O OD1 . ASP B 1 61 ? -11.823 -9.546  -0.311  1.00 30.02 ? 62  ASP B OD1 1 
ATOM   1090 O OD2 . ASP B 1 61 ? -13.879 -10.308 -0.228  1.00 27.89 ? 62  ASP B OD2 1 
ATOM   1091 N N   . ASN B 1 62 ? -10.330 -6.845  -0.128  1.00 21.57 ? 63  ASN B N   1 
ATOM   1092 C CA  . ASN B 1 62 ? -9.444  -6.600  1.001   1.00 24.43 ? 63  ASN B CA  1 
ATOM   1093 C C   . ASN B 1 62 ? -8.047  -6.237  0.528   1.00 23.45 ? 63  ASN B C   1 
ATOM   1094 O O   . ASN B 1 62 ? -7.581  -6.735  -0.499  1.00 22.26 ? 63  ASN B O   1 
ATOM   1095 C CB  . ASN B 1 62 ? -9.400  -7.820  1.935   1.00 26.62 ? 63  ASN B CB  1 
ATOM   1096 C CG  . ASN B 1 62 ? -8.495  -8.910  1.431   1.00 25.94 ? 63  ASN B CG  1 
ATOM   1097 O OD1 . ASN B 1 62 ? -7.294  -8.925  1.731   1.00 22.25 ? 63  ASN B OD1 1 
ATOM   1098 N ND2 . ASN B 1 62 ? -9.057  -9.828  0.648   1.00 26.75 ? 63  ASN B ND2 1 
ATOM   1099 N N   . PRO B 1 63 ? -7.375  -5.349  1.269   1.00 30.78 ? 64  PRO B N   1 
ATOM   1100 C CA  . PRO B 1 63 ? -6.050  -4.871  0.865   1.00 27.78 ? 64  PRO B CA  1 
ATOM   1101 C C   . PRO B 1 63 ? -4.969  -5.954  0.908   1.00 24.64 ? 64  PRO B C   1 
ATOM   1102 O O   . PRO B 1 63 ? -4.058  -5.870  0.103   1.00 23.64 ? 64  PRO B O   1 
ATOM   1103 C CB  . PRO B 1 63 ? -5.755  -3.749  1.872   1.00 24.60 ? 64  PRO B CB  1 
ATOM   1104 C CG  . PRO B 1 63 ? -6.657  -3.991  3.004   1.00 28.14 ? 64  PRO B CG  1 
ATOM   1105 C CD  . PRO B 1 63 ? -7.882  -4.647  2.457   1.00 29.16 ? 64  PRO B CD  1 
ATOM   1106 N N   . VAL B 1 64 ? -5.076  -6.946  1.790   1.00 25.75 ? 65  VAL B N   1 
ATOM   1107 C CA  . VAL B 1 64 ? -4.045  -7.984  1.894   1.00 27.29 ? 65  VAL B CA  1 
ATOM   1108 C C   . VAL B 1 64 ? -3.976  -8.857  0.636   1.00 26.47 ? 65  VAL B C   1 
ATOM   1109 O O   . VAL B 1 64 ? -2.886  -9.240  0.194   1.00 22.28 ? 65  VAL B O   1 
ATOM   1110 C CB  . VAL B 1 64 ? -4.267  -8.880  3.143   1.00 25.22 ? 65  VAL B CB  1 
ATOM   1111 C CG1 . VAL B 1 64 ? -3.439  -10.151 3.065   1.00 20.47 ? 65  VAL B CG1 1 
ATOM   1112 C CG2 . VAL B 1 64 ? -3.898  -8.120  4.393   1.00 22.75 ? 65  VAL B CG2 1 
ATOM   1113 N N   . SER B 1 65 ? -5.135  -9.164  0.059   1.00 20.88 ? 66  SER B N   1 
ATOM   1114 C CA  . SER B 1 65 ? -5.185  -9.858  -1.223  1.00 17.42 ? 66  SER B CA  1 
ATOM   1115 C C   . SER B 1 65 ? -4.407  -9.089  -2.286  1.00 21.57 ? 66  SER B C   1 
ATOM   1116 O O   . SER B 1 65 ? -3.613  -9.669  -3.022  1.00 23.37 ? 66  SER B O   1 
ATOM   1117 C CB  . SER B 1 65 ? -6.627  -10.051 -1.676  1.00 17.65 ? 66  SER B CB  1 
ATOM   1118 O OG  . SER B 1 65 ? -7.279  -11.018 -0.879  1.00 18.15 ? 66  SER B OG  1 
ATOM   1119 N N   . ALA B 1 66 ? -4.629  -7.780  -2.350  1.00 18.37 ? 67  ALA B N   1 
ATOM   1120 C CA  . ALA B 1 66 ? -3.962  -6.932  -3.329  1.00 20.22 ? 67  ALA B CA  1 
ATOM   1121 C C   . ALA B 1 66 ? -2.432  -6.970  -3.185  1.00 24.37 ? 67  ALA B C   1 
ATOM   1122 O O   . ALA B 1 66 ? -1.717  -7.004  -4.185  1.00 25.25 ? 67  ALA B O   1 
ATOM   1123 C CB  . ALA B 1 66 ? -4.475  -5.508  -3.217  1.00 18.98 ? 67  ALA B CB  1 
ATOM   1124 N N   . GLN B 1 67 ? -1.930  -6.985  -1.955  1.00 21.90 ? 68  GLN B N   1 
ATOM   1125 C CA  . GLN B 1 67 ? -0.484  -7.015  -1.747  1.00 28.70 ? 68  GLN B CA  1 
ATOM   1126 C C   . GLN B 1 67 ? 0.091   -8.384  -2.089  1.00 26.11 ? 68  GLN B C   1 
ATOM   1127 O O   . GLN B 1 67 ? 1.202   -8.480  -2.601  1.00 34.85 ? 68  GLN B O   1 
ATOM   1128 C CB  . GLN B 1 67 ? -0.128  -6.630  -0.310  1.00 27.53 ? 68  GLN B CB  1 
ATOM   1129 C CG  . GLN B 1 67 ? -1.231  -5.853  0.355   1.00 39.99 ? 68  GLN B CG  1 
ATOM   1130 C CD  . GLN B 1 67 ? -0.862  -5.253  1.694   1.00 49.72 ? 68  GLN B CD  1 
ATOM   1131 O OE1 . GLN B 1 67 ? -0.183  -4.233  1.755   1.00 61.13 ? 68  GLN B OE1 1 
ATOM   1132 N NE2 . GLN B 1 67 ? -1.332  -5.865  2.773   1.00 39.88 ? 68  GLN B NE2 1 
ATOM   1133 N N   . ALA B 1 68 ? -0.668  -9.437  -1.811  1.00 29.15 ? 69  ALA B N   1 
ATOM   1134 C CA  . ALA B 1 68 ? -0.276  -10.786 -2.207  1.00 27.12 ? 69  ALA B CA  1 
ATOM   1135 C C   . ALA B 1 68 ? -0.175  -10.888 -3.729  1.00 27.64 ? 69  ALA B C   1 
ATOM   1136 O O   . ALA B 1 68 ? 0.786   -11.449 -4.260  1.00 26.11 ? 69  ALA B O   1 
ATOM   1137 C CB  . ALA B 1 68 ? -1.262  -11.802 -1.673  1.00 19.05 ? 69  ALA B CB  1 
ATOM   1138 N N   . ALA B 1 69 ? -1.168  -10.335 -4.421  1.00 20.69 ? 70  ALA B N   1 
ATOM   1139 C CA  . ALA B 1 69 ? -1.173  -10.324 -5.879  1.00 23.56 ? 70  ALA B CA  1 
ATOM   1140 C C   . ALA B 1 69 ? 0.035   -9.567  -6.426  1.00 26.88 ? 70  ALA B C   1 
ATOM   1141 O O   . ALA B 1 69 ? 0.695   -10.031 -7.358  1.00 26.38 ? 70  ALA B O   1 
ATOM   1142 C CB  . ALA B 1 69 ? -2.466  -9.719  -6.406  1.00 17.69 ? 70  ALA B CB  1 
ATOM   1143 N N   . ILE B 1 70 ? 0.323   -8.406  -5.841  1.00 24.15 ? 71  ILE B N   1 
ATOM   1144 C CA  . ILE B 1 70 ? 1.489   -7.624  -6.238  1.00 29.22 ? 71  ILE B CA  1 
ATOM   1145 C C   . ILE B 1 70 ? 2.766   -8.429  -6.049  1.00 31.15 ? 71  ILE B C   1 
ATOM   1146 O O   . ILE B 1 70 ? 3.599   -8.512  -6.943  1.00 37.05 ? 71  ILE B O   1 
ATOM   1147 C CB  . ILE B 1 70 ? 1.598   -6.316  -5.440  1.00 26.23 ? 71  ILE B CB  1 
ATOM   1148 C CG1 . ILE B 1 70 ? 0.489   -5.354  -5.851  1.00 24.07 ? 71  ILE B CG1 1 
ATOM   1149 C CG2 . ILE B 1 70 ? 2.944   -5.661  -5.682  1.00 26.05 ? 71  ILE B CG2 1 
ATOM   1150 C CD1 . ILE B 1 70 ? 0.452   -4.093  -5.035  1.00 31.86 ? 71  ILE B CD1 1 
ATOM   1151 N N   . GLN B 1 71 ? 2.904   -9.044  -4.885  1.00 32.60 ? 72  GLN B N   1 
ATOM   1152 C CA  . GLN B 1 71 ? 4.112   -9.787  -4.565  1.00 37.03 ? 72  GLN B CA  1 
ATOM   1153 C C   . GLN B 1 71 ? 4.319   -10.997 -5.467  1.00 36.58 ? 72  GLN B C   1 
ATOM   1154 O O   . GLN B 1 71 ? 5.450   -11.388 -5.743  1.00 37.17 ? 72  GLN B O   1 
ATOM   1155 C CB  . GLN B 1 71 ? 4.076   -10.221 -3.103  1.00 40.51 ? 72  GLN B CB  1 
ATOM   1156 C CG  . GLN B 1 71 ? 4.322   -9.060  -2.153  1.00 53.76 ? 72  GLN B CG  1 
ATOM   1157 C CD  . GLN B 1 71 ? 5.678   -9.136  -1.483  1.00 80.17 ? 72  GLN B CD  1 
ATOM   1158 O OE1 . GLN B 1 71 ? 6.705   -8.825  -2.093  1.00 80.45 ? 72  GLN B OE1 1 
ATOM   1159 N NE2 . GLN B 1 71 ? 5.689   -9.542  -0.218  1.00 79.92 ? 72  GLN B NE2 1 
ATOM   1160 N N   . ALA B 1 72 ? 3.230   -11.585 -5.942  1.00 33.59 ? 73  ALA B N   1 
ATOM   1161 C CA  . ALA B 1 72 ? 3.330   -12.792 -6.747  1.00 28.91 ? 73  ALA B CA  1 
ATOM   1162 C C   . ALA B 1 72 ? 3.398   -12.494 -8.241  1.00 35.74 ? 73  ALA B C   1 
ATOM   1163 O O   . ALA B 1 72 ? 4.080   -13.196 -8.985  1.00 36.63 ? 73  ALA B O   1 
ATOM   1164 C CB  . ALA B 1 72 ? 2.168   -13.699 -6.457  1.00 23.71 ? 73  ALA B CB  1 
ATOM   1165 N N   . MET B 1 73 ? 2.696   -11.451 -8.677  1.00 31.98 ? 74  MET B N   1 
ATOM   1166 C CA  . MET B 1 73 ? 2.502   -11.226 -10.105 1.00 27.92 ? 74  MET B CA  1 
ATOM   1167 C C   . MET B 1 73 ? 3.325   -10.072 -10.668 1.00 23.18 ? 74  MET B C   1 
ATOM   1168 O O   . MET B 1 73 ? 3.487   -9.961  -11.878 1.00 27.88 ? 74  MET B O   1 
ATOM   1169 C CB  . MET B 1 73 ? 1.020   -10.993 -10.399 1.00 25.55 ? 74  MET B CB  1 
ATOM   1170 C CG  . MET B 1 73 ? 0.130   -12.154 -9.979  1.00 28.90 ? 74  MET B CG  1 
ATOM   1171 S SD  . MET B 1 73 ? 0.523   -13.704 -10.823 1.00 31.13 ? 74  MET B SD  1 
ATOM   1172 C CE  . MET B 1 73 ? -0.045  -13.320 -12.474 1.00 31.04 ? 74  MET B CE  1 
ATOM   1173 N N   . ASN B 1 74 ? 3.846   -9.209  -9.807  1.00 25.89 ? 75  ASN B N   1 
ATOM   1174 C CA  . ASN B 1 74 ? 4.725   -8.154  -10.293 1.00 29.43 ? 75  ASN B CA  1 
ATOM   1175 C C   . ASN B 1 74 ? 6.027   -8.774  -10.779 1.00 31.27 ? 75  ASN B C   1 
ATOM   1176 O O   . ASN B 1 74 ? 6.741   -9.413  -10.005 1.00 32.25 ? 75  ASN B O   1 
ATOM   1177 C CB  . ASN B 1 74 ? 4.996   -7.112  -9.211  1.00 27.43 ? 75  ASN B CB  1 
ATOM   1178 C CG  . ASN B 1 74 ? 5.699   -5.892  -9.747  1.00 28.65 ? 75  ASN B CG  1 
ATOM   1179 O OD1 . ASN B 1 74 ? 5.378   -5.404  -10.832 1.00 30.53 ? 75  ASN B OD1 1 
ATOM   1180 N ND2 . ASN B 1 74 ? 6.677   -5.394  -8.997  1.00 36.12 ? 75  ASN B ND2 1 
ATOM   1181 N N   . GLY B 1 75 ? 6.324   -8.605  -12.063 1.00 27.70 ? 76  GLY B N   1 
ATOM   1182 C CA  . GLY B 1 75 ? 7.483   -9.241  -12.661 1.00 21.95 ? 76  GLY B CA  1 
ATOM   1183 C C   . GLY B 1 75 ? 7.180   -10.613 -13.237 1.00 32.08 ? 76  GLY B C   1 
ATOM   1184 O O   . GLY B 1 75 ? 8.046   -11.235 -13.846 1.00 39.86 ? 76  GLY B O   1 
ATOM   1185 N N   . PHE B 1 76 ? 5.952   -11.090 -13.047 1.00 27.89 ? 77  PHE B N   1 
ATOM   1186 C CA  . PHE B 1 76 ? 5.542   -12.388 -13.580 1.00 33.25 ? 77  PHE B CA  1 
ATOM   1187 C C   . PHE B 1 76 ? 5.559   -12.377 -15.105 1.00 32.72 ? 77  PHE B C   1 
ATOM   1188 O O   . PHE B 1 76 ? 5.024   -11.465 -15.738 1.00 24.45 ? 77  PHE B O   1 
ATOM   1189 C CB  . PHE B 1 76 ? 4.149   -12.762 -13.064 1.00 29.43 ? 77  PHE B CB  1 
ATOM   1190 C CG  . PHE B 1 76 ? 3.650   -14.096 -13.550 1.00 28.49 ? 77  PHE B CG  1 
ATOM   1191 C CD1 . PHE B 1 76 ? 4.040   -15.266 -12.923 1.00 31.52 ? 77  PHE B CD1 1 
ATOM   1192 C CD2 . PHE B 1 76 ? 2.761   -14.175 -14.613 1.00 31.92 ? 77  PHE B CD2 1 
ATOM   1193 C CE1 . PHE B 1 76 ? 3.568   -16.497 -13.360 1.00 38.69 ? 77  PHE B CE1 1 
ATOM   1194 C CE2 . PHE B 1 76 ? 2.287   -15.400 -15.055 1.00 33.81 ? 77  PHE B CE2 1 
ATOM   1195 C CZ  . PHE B 1 76 ? 2.692   -16.563 -14.428 1.00 35.48 ? 77  PHE B CZ  1 
ATOM   1196 N N   . GLN B 1 77 ? 6.180   -13.394 -15.691 1.00 32.44 ? 78  GLN B N   1 
ATOM   1197 C CA  . GLN B 1 77 ? 6.290   -13.475 -17.142 1.00 31.82 ? 78  GLN B CA  1 
ATOM   1198 C C   . GLN B 1 77 ? 5.166   -14.289 -17.770 1.00 32.60 ? 78  GLN B C   1 
ATOM   1199 O O   . GLN B 1 77 ? 4.903   -15.427 -17.373 1.00 32.17 ? 78  GLN B O   1 
ATOM   1200 C CB  . GLN B 1 77 ? 7.637   -14.070 -17.544 1.00 32.71 ? 78  GLN B CB  1 
ATOM   1201 C CG  . GLN B 1 77 ? 7.711   -14.438 -19.018 1.00 52.37 ? 78  GLN B CG  1 
ATOM   1202 C CD  . GLN B 1 77 ? 9.108   -14.297 -19.593 1.00 60.83 ? 78  GLN B CD  1 
ATOM   1203 O OE1 . GLN B 1 77 ? 10.103  -14.320 -18.865 1.00 58.00 ? 78  GLN B OE1 1 
ATOM   1204 N NE2 . GLN B 1 77 ? 9.186   -14.136 -20.909 1.00 66.25 ? 78  GLN B NE2 1 
ATOM   1205 N N   . ILE B 1 78 ? 4.502   -13.690 -18.750 1.00 30.84 ? 79  ILE B N   1 
ATOM   1206 C CA  . ILE B 1 78 ? 3.484   -14.380 -19.525 1.00 29.56 ? 79  ILE B CA  1 
ATOM   1207 C C   . ILE B 1 78 ? 3.368   -13.716 -20.893 1.00 34.19 ? 79  ILE B C   1 
ATOM   1208 O O   . ILE B 1 78 ? 3.378   -12.490 -20.998 1.00 44.15 ? 79  ILE B O   1 
ATOM   1209 C CB  . ILE B 1 78 ? 2.117   -14.392 -18.793 1.00 36.41 ? 79  ILE B CB  1 
ATOM   1210 C CG1 . ILE B 1 78 ? 1.022   -14.940 -19.708 1.00 30.83 ? 79  ILE B CG1 1 
ATOM   1211 C CG2 . ILE B 1 78 ? 1.759   -13.004 -18.278 1.00 23.36 ? 79  ILE B CG2 1 
ATOM   1212 C CD1 . ILE B 1 78 ? -0.221  -15.360 -18.980 1.00 32.09 ? 79  ILE B CD1 1 
ATOM   1213 N N   . GLY B 1 79 ? 3.295   -14.531 -21.941 1.00 36.71 ? 80  GLY B N   1 
ATOM   1214 C CA  . GLY B 1 79 ? 3.238   -14.030 -23.302 1.00 36.79 ? 80  GLY B CA  1 
ATOM   1215 C C   . GLY B 1 79 ? 4.487   -13.271 -23.718 1.00 46.42 ? 80  GLY B C   1 
ATOM   1216 O O   . GLY B 1 79 ? 4.396   -12.273 -24.440 1.00 48.47 ? 80  GLY B O   1 
ATOM   1217 N N   . MET B 1 80 ? 5.648   -13.739 -23.260 1.00 41.89 ? 81  MET B N   1 
ATOM   1218 C CA  . MET B 1 80 ? 6.932   -13.090 -23.547 1.00 51.15 ? 81  MET B CA  1 
ATOM   1219 C C   . MET B 1 80 ? 6.991   -11.643 -23.027 1.00 47.03 ? 81  MET B C   1 
ATOM   1220 O O   . MET B 1 80 ? 7.776   -10.837 -23.520 1.00 49.94 ? 81  MET B O   1 
ATOM   1221 C CB  . MET B 1 80 ? 7.233   -13.109 -25.058 1.00 54.58 ? 81  MET B CB  1 
ATOM   1222 C CG  . MET B 1 80 ? 8.162   -14.233 -25.547 1.00 54.18 ? 81  MET B CG  1 
ATOM   1223 S SD  . MET B 1 80 ? 7.456   -15.902 -25.546 1.00 65.54 ? 81  MET B SD  1 
ATOM   1224 C CE  . MET B 1 80 ? 6.038   -15.683 -26.620 1.00 54.92 ? 81  MET B CE  1 
ATOM   1225 N N   . LYS B 1 81 ? 6.154   -11.319 -22.043 1.00 45.28 ? 82  LYS B N   1 
ATOM   1226 C CA  . LYS B 1 81 ? 6.239   -10.041 -21.335 1.00 36.04 ? 82  LYS B CA  1 
ATOM   1227 C C   . LYS B 1 81 ? 6.216   -10.261 -19.825 1.00 33.01 ? 82  LYS B C   1 
ATOM   1228 O O   . LYS B 1 81 ? 5.681   -11.257 -19.347 1.00 35.88 ? 82  LYS B O   1 
ATOM   1229 C CB  . LYS B 1 81 ? 5.092   -9.104  -21.718 1.00 37.19 ? 82  LYS B CB  1 
ATOM   1230 C CG  . LYS B 1 81 ? 4.935   -8.826  -23.197 1.00 47.86 ? 82  LYS B CG  1 
ATOM   1231 C CD  . LYS B 1 81 ? 4.133   -7.548  -23.421 1.00 45.51 ? 82  LYS B CD  1 
ATOM   1232 C CE  . LYS B 1 81 ? 2.793   -7.824  -24.089 1.00 48.76 ? 82  LYS B CE  1 
ATOM   1233 N NZ  . LYS B 1 81 ? 2.003   -6.573  -24.305 1.00 33.97 ? 82  LYS B NZ  1 
ATOM   1234 N N   . ARG B 1 82 ? 6.792   -9.327  -19.077 1.00 27.27 ? 83  ARG B N   1 
ATOM   1235 C CA  . ARG B 1 82 ? 6.713   -9.376  -17.624 1.00 28.36 ? 83  ARG B CA  1 
ATOM   1236 C C   . ARG B 1 82 ? 5.688   -8.365  -17.135 1.00 28.36 ? 83  ARG B C   1 
ATOM   1237 O O   . ARG B 1 82 ? 5.750   -7.185  -17.483 1.00 28.37 ? 83  ARG B O   1 
ATOM   1238 C CB  . ARG B 1 82 ? 8.079   -9.113  -16.986 1.00 25.47 ? 83  ARG B CB  1 
ATOM   1239 C CG  . ARG B 1 82 ? 9.139   -10.126 -17.391 1.00 41.93 ? 83  ARG B CG  1 
ATOM   1240 C CD  . ARG B 1 82 ? 10.407  -10.027 -16.549 1.00 41.85 ? 83  ARG B CD  1 
ATOM   1241 N NE  . ARG B 1 82 ? 10.513  -11.148 -15.618 1.00 61.51 ? 83  ARG B NE  1 
ATOM   1242 C CZ  . ARG B 1 82 ? 10.933  -12.367 -15.953 1.00 66.17 ? 83  ARG B CZ  1 
ATOM   1243 N NH1 . ARG B 1 82 ? 11.295  -12.633 -17.202 1.00 62.86 ? 83  ARG B NH1 1 
ATOM   1244 N NH2 . ARG B 1 82 ? 10.988  -13.326 -15.036 1.00 69.43 ? 83  ARG B NH2 1 
ATOM   1245 N N   . LEU B 1 83 ? 4.732   -8.834  -16.342 1.00 27.23 ? 84  LEU B N   1 
ATOM   1246 C CA  . LEU B 1 83 ? 3.706   -7.957  -15.797 1.00 26.25 ? 84  LEU B CA  1 
ATOM   1247 C C   . LEU B 1 83 ? 4.302   -6.937  -14.845 1.00 26.31 ? 84  LEU B C   1 
ATOM   1248 O O   . LEU B 1 83 ? 5.196   -7.248  -14.060 1.00 29.55 ? 84  LEU B O   1 
ATOM   1249 C CB  . LEU B 1 83 ? 2.635   -8.762  -15.059 1.00 24.73 ? 84  LEU B CB  1 
ATOM   1250 C CG  . LEU B 1 83 ? 1.768   -9.716  -15.868 1.00 22.62 ? 84  LEU B CG  1 
ATOM   1251 C CD1 . LEU B 1 83 ? 0.740   -10.345 -14.948 1.00 18.84 ? 84  LEU B CD1 1 
ATOM   1252 C CD2 . LEU B 1 83 ? 1.099   -8.979  -17.016 1.00 21.31 ? 84  LEU B CD2 1 
ATOM   1253 N N   . LYS B 1 84 ? 3.799   -5.714  -14.927 1.00 26.43 ? 85  LYS B N   1 
ATOM   1254 C CA  . LYS B 1 84 ? 4.041   -4.715  -13.899 1.00 26.11 ? 85  LYS B CA  1 
ATOM   1255 C C   . LYS B 1 84 ? 2.740   -4.554  -13.116 1.00 27.86 ? 85  LYS B C   1 
ATOM   1256 O O   . LYS B 1 84 ? 1.703   -4.197  -13.683 1.00 27.69 ? 85  LYS B O   1 
ATOM   1257 C CB  . LYS B 1 84 ? 4.496   -3.395  -14.521 1.00 32.04 ? 85  LYS B CB  1 
ATOM   1258 C CG  . LYS B 1 84 ? 4.853   -2.307  -13.530 1.00 36.16 ? 85  LYS B CG  1 
ATOM   1259 C CD  . LYS B 1 84 ? 5.181   -1.008  -14.257 1.00 53.36 ? 85  LYS B CD  1 
ATOM   1260 C CE  . LYS B 1 84 ? 5.399   0.147   -13.287 1.00 65.94 ? 85  LYS B CE  1 
ATOM   1261 N NZ  . LYS B 1 84 ? 5.560   1.447   -14.006 1.00 69.25 ? 85  LYS B NZ  1 
ATOM   1262 N N   . VAL B 1 85 ? 2.783   -4.862  -11.825 1.00 24.19 ? 86  VAL B N   1 
ATOM   1263 C CA  . VAL B 1 85 ? 1.594   -4.799  -10.982 1.00 24.79 ? 86  VAL B CA  1 
ATOM   1264 C C   . VAL B 1 85 ? 1.824   -3.830  -9.840  1.00 25.23 ? 86  VAL B C   1 
ATOM   1265 O O   . VAL B 1 85 ? 2.742   -4.008  -9.045  1.00 30.65 ? 86  VAL B O   1 
ATOM   1266 C CB  . VAL B 1 85 ? 1.222   -6.173  -10.392 1.00 25.89 ? 86  VAL B CB  1 
ATOM   1267 C CG1 . VAL B 1 85 ? -0.123  -6.095  -9.682  1.00 24.76 ? 86  VAL B CG1 1 
ATOM   1268 C CG2 . VAL B 1 85 ? 1.203   -7.236  -11.477 1.00 21.79 ? 86  VAL B CG2 1 
ATOM   1269 N N   . GLN B 1 86 ? 0.993   -2.804  -9.750  1.00 27.56 ? 87  GLN B N   1 
ATOM   1270 C CA  . GLN B 1 86 ? 1.198   -1.799  -8.723  1.00 29.51 ? 87  GLN B CA  1 
ATOM   1271 C C   . GLN B 1 86 ? -0.111  -1.341  -8.105  1.00 27.45 ? 87  GLN B C   1 
ATOM   1272 O O   . GLN B 1 86 ? -1.162  -1.335  -8.748  1.00 27.55 ? 87  GLN B O   1 
ATOM   1273 C CB  . GLN B 1 86 ? 1.955   -0.601  -9.293  1.00 32.14 ? 87  GLN B CB  1 
ATOM   1274 C CG  . GLN B 1 86 ? 1.134   0.245   -10.235 1.00 42.03 ? 87  GLN B CG  1 
ATOM   1275 C CD  . GLN B 1 86 ? 1.911   1.419   -10.789 1.00 52.58 ? 87  GLN B CD  1 
ATOM   1276 O OE1 . GLN B 1 86 ? 3.144   1.409   -10.812 1.00 45.96 ? 87  GLN B OE1 1 
ATOM   1277 N NE2 . GLN B 1 86 ? 1.190   2.442   -11.244 1.00 43.47 ? 87  GLN B NE2 1 
ATOM   1278 N N   . LEU B 1 87 ? -0.033  -0.962  -6.838  1.00 29.90 ? 88  LEU B N   1 
ATOM   1279 C CA  . LEU B 1 87 ? -1.191  -0.481  -6.111  1.00 33.33 ? 88  LEU B CA  1 
ATOM   1280 C C   . LEU B 1 87 ? -1.650  0.850   -6.681  1.00 32.32 ? 88  LEU B C   1 
ATOM   1281 O O   . LEU B 1 87 ? -0.831  1.679   -7.073  1.00 36.34 ? 88  LEU B O   1 
ATOM   1282 C CB  . LEU B 1 87 ? -0.854  -0.346  -4.627  1.00 31.36 ? 88  LEU B CB  1 
ATOM   1283 C CG  . LEU B 1 87 ? -1.990  -0.462  -3.614  1.00 38.72 ? 88  LEU B CG  1 
ATOM   1284 C CD1 . LEU B 1 87 ? -2.743  -1.770  -3.792  1.00 32.47 ? 88  LEU B CD1 1 
ATOM   1285 C CD2 . LEU B 1 87 ? -1.413  -0.370  -2.217  1.00 38.30 ? 88  LEU B CD2 1 
ATOM   1286 N N   . LYS B 1 88 ? -2.958  1.043   -6.753  1.00 38.07 ? 89  LYS B N   1 
ATOM   1287 C CA  . LYS B 1 88 ? -3.511  2.335   -7.139  1.00 41.12 ? 89  LYS B CA  1 
ATOM   1288 C C   . LYS B 1 88 ? -3.492  3.274   -5.933  1.00 54.13 ? 89  LYS B C   1 
ATOM   1289 O O   . LYS B 1 88 ? -4.237  3.076   -4.971  1.00 49.88 ? 89  LYS B O   1 
ATOM   1290 C CB  . LYS B 1 88 ? -4.935  2.178   -7.673  1.00 44.28 ? 89  LYS B CB  1 
ATOM   1291 C CG  . LYS B 1 88 ? -5.679  3.487   -7.861  1.00 52.50 ? 89  LYS B CG  1 
ATOM   1292 C CD  . LYS B 1 88 ? -7.183  3.256   -7.865  1.00 64.53 ? 89  LYS B CD  1 
ATOM   1293 C CE  . LYS B 1 88 ? -7.944  4.546   -8.113  1.00 66.31 ? 89  LYS B CE  1 
ATOM   1294 N NZ  . LYS B 1 88 ? -7.683  5.072   -9.481  1.00 67.00 ? 89  LYS B NZ  1 
ATOM   1295 N N   . ARG B 1 89 ? -2.627  4.283   -5.980  1.00 62.59 ? 90  ARG B N   1 
ATOM   1296 C CA  . ARG B 1 89 ? -2.499  5.226   -4.872  1.00 64.37 ? 90  ARG B CA  1 
ATOM   1297 C C   . ARG B 1 89 ? -3.193  6.546   -5.192  1.00 64.79 ? 90  ARG B C   1 
ATOM   1298 O O   . ARG B 1 89 ? -4.302  6.803   -4.718  1.00 71.00 ? 90  ARG B O   1 
ATOM   1299 C CB  . ARG B 1 89 ? -1.030  5.463   -4.538  1.00 52.72 ? 90  ARG B CB  1 
HETATM 1300 O O   . HOH C 2 .  ? 19.044  9.975   17.267  1.00 57.39 ? 101 HOH A O   1 
HETATM 1301 O O   . HOH C 2 .  ? 2.773   8.121   27.352  1.00 38.51 ? 102 HOH A O   1 
HETATM 1302 O O   . HOH C 2 .  ? 13.834  13.607  23.485  1.00 40.66 ? 103 HOH A O   1 
HETATM 1303 O O   . HOH C 2 .  ? 10.011  13.102  29.062  1.00 44.51 ? 104 HOH A O   1 
HETATM 1304 O O   . HOH C 2 .  ? 19.896  10.530  15.269  1.00 49.77 ? 105 HOH A O   1 
HETATM 1305 O O   . HOH C 2 .  ? 18.650  18.186  22.390  1.00 35.63 ? 106 HOH A O   1 
HETATM 1306 O O   . HOH C 2 .  ? 3.562   9.830   28.888  1.00 38.25 ? 107 HOH A O   1 
HETATM 1307 O O   . HOH C 2 .  ? 0.425   -9.438  10.264  1.00 49.30 ? 108 HOH A O   1 
HETATM 1308 O O   . HOH C 2 .  ? -2.980  -7.241  16.627  1.00 46.85 ? 109 HOH A O   1 
HETATM 1309 O O   . HOH C 2 .  ? -3.105  5.749   19.703  1.00 37.62 ? 110 HOH A O   1 
HETATM 1310 O O   . HOH C 2 .  ? -5.164  3.082   4.271   1.00 36.83 ? 111 HOH A O   1 
HETATM 1311 O O   . HOH C 2 .  ? 1.188   23.379  20.471  1.00 30.99 ? 112 HOH A O   1 
HETATM 1312 O O   . HOH C 2 .  ? 0.938   5.944   28.241  1.00 43.13 ? 113 HOH A O   1 
HETATM 1313 O O   . HOH C 2 .  ? -3.447  8.707   3.737   1.00 32.32 ? 114 HOH A O   1 
HETATM 1314 O O   . HOH C 2 .  ? 9.913   -2.782  20.302  1.00 41.12 ? 115 HOH A O   1 
HETATM 1315 O O   . HOH C 2 .  ? 7.605   12.601  27.958  1.00 50.80 ? 116 HOH A O   1 
HETATM 1316 O O   . HOH C 2 .  ? -5.415  -5.191  15.977  1.00 35.75 ? 117 HOH A O   1 
HETATM 1317 O O   . HOH C 2 .  ? -3.236  3.781   2.004   1.00 50.84 ? 118 HOH A O   1 
HETATM 1318 O O   . HOH C 2 .  ? -3.205  5.746   1.691   1.00 46.89 ? 119 HOH A O   1 
HETATM 1319 O O   . HOH C 2 .  ? 2.098   1.080   6.361   1.00 17.21 ? 120 HOH A O   1 
HETATM 1320 O O   . HOH C 2 .  ? 9.473   -2.541  9.537   1.00 32.29 ? 121 HOH A O   1 
HETATM 1321 O O   . HOH C 2 .  ? -1.015  7.700   2.029   1.00 34.61 ? 122 HOH A O   1 
HETATM 1322 O O   . HOH C 2 .  ? 6.979   -3.833  -2.954  1.00 39.32 ? 123 HOH A O   1 
HETATM 1323 O O   . HOH C 2 .  ? 3.529   -0.647  24.295  1.00 40.26 ? 124 HOH A O   1 
HETATM 1324 O O   . HOH C 2 .  ? 10.358  -1.855  7.613   1.00 38.28 ? 125 HOH A O   1 
HETATM 1325 O O   . HOH C 2 .  ? -0.167  -3.818  22.897  1.00 37.07 ? 126 HOH A O   1 
HETATM 1326 O O   . HOH C 2 .  ? 0.398   2.969   2.343   1.00 35.73 ? 127 HOH A O   1 
HETATM 1327 O O   . HOH C 2 .  ? 8.110   7.231   0.356   1.00 38.68 ? 128 HOH A O   1 
HETATM 1328 O O   . HOH C 2 .  ? 14.508  -1.936  12.469  1.00 48.81 ? 129 HOH A O   1 
HETATM 1329 O O   . HOH C 2 .  ? 3.203   -7.929  0.584   1.00 47.30 ? 130 HOH A O   1 
HETATM 1330 O O   . HOH C 2 .  ? 13.564  -3.795  13.861  1.00 54.41 ? 131 HOH A O   1 
HETATM 1331 O O   . HOH C 2 .  ? 7.239   -2.874  0.011   1.00 35.43 ? 132 HOH A O   1 
HETATM 1332 O O   . HOH C 2 .  ? 8.301   18.663  6.790   1.00 65.12 ? 133 HOH A O   1 
HETATM 1333 O O   . HOH C 2 .  ? 0.621   -0.965  1.158   1.00 30.24 ? 134 HOH A O   1 
HETATM 1334 O O   . HOH C 2 .  ? 16.406  -0.079  12.301  1.00 53.83 ? 135 HOH A O   1 
HETATM 1335 O O   . HOH C 2 .  ? 7.342   20.678  7.841   1.00 59.12 ? 136 HOH A O   1 
HETATM 1336 O O   . HOH C 2 .  ? 14.546  6.846   3.901   1.00 56.61 ? 137 HOH A O   1 
HETATM 1337 O O   . HOH C 2 .  ? 1.717   21.017  9.895   1.00 47.56 ? 138 HOH A O   1 
HETATM 1338 O O   . HOH C 2 .  ? 19.777  12.920  15.048  1.00 55.22 ? 139 HOH A O   1 
HETATM 1339 O O   . HOH C 2 .  ? 3.691   8.211   -9.860  1.00 65.62 ? 140 HOH A O   1 
HETATM 1340 O O   . HOH D 2 .  ? -1.557  -11.141 -27.688 1.00 35.91 ? 101 HOH B O   1 
HETATM 1341 O O   . HOH D 2 .  ? -6.868  -7.028  -27.968 1.00 26.58 ? 102 HOH B O   1 
HETATM 1342 O O   . HOH D 2 .  ? 3.475   -17.668 -17.965 1.00 31.50 ? 103 HOH B O   1 
HETATM 1343 O O   . HOH D 2 .  ? -16.294 0.056   -29.777 1.00 49.71 ? 104 HOH B O   1 
HETATM 1344 O O   . HOH D 2 .  ? -8.902  -18.860 -10.726 1.00 35.14 ? 105 HOH B O   1 
HETATM 1345 O O   . HOH D 2 .  ? -2.363  -16.734 -11.124 1.00 30.89 ? 106 HOH B O   1 
HETATM 1346 O O   . HOH D 2 .  ? 6.168   -16.106 -21.705 1.00 41.81 ? 107 HOH B O   1 
HETATM 1347 O O   . HOH D 2 .  ? 1.668   -13.966 -2.818  1.00 35.32 ? 108 HOH B O   1 
HETATM 1348 O O   . HOH D 2 .  ? -14.405 -12.731 1.523   1.00 30.96 ? 109 HOH B O   1 
HETATM 1349 O O   . HOH D 2 .  ? 2.745   -17.535 -22.466 1.00 48.32 ? 110 HOH B O   1 
HETATM 1350 O O   . HOH D 2 .  ? -13.869 -11.223 -21.085 1.00 36.55 ? 111 HOH B O   1 
HETATM 1351 O O   . HOH D 2 .  ? -12.018 -6.457  -26.968 1.00 30.51 ? 112 HOH B O   1 
HETATM 1352 O O   . HOH D 2 .  ? -1.874  -17.734 -3.568  1.00 35.84 ? 113 HOH B O   1 
HETATM 1353 O O   . HOH D 2 .  ? -17.665 -1.254  -31.668 1.00 57.20 ? 114 HOH B O   1 
HETATM 1354 O O   . HOH D 2 .  ? 3.811   -18.078 -20.987 1.00 36.19 ? 115 HOH B O   1 
HETATM 1355 O O   . HOH D 2 .  ? 3.164   -16.348 -3.952  1.00 39.91 ? 116 HOH B O   1 
HETATM 1356 O O   . HOH D 2 .  ? -5.065  -7.376  -22.581 1.00 15.43 ? 117 HOH B O   1 
HETATM 1357 O O   . HOH D 2 .  ? -5.614  0.371   -31.302 1.00 39.24 ? 118 HOH B O   1 
HETATM 1358 O O   . HOH D 2 .  ? -5.734  0.962   -4.030  1.00 42.84 ? 119 HOH B O   1 
HETATM 1359 O O   . HOH D 2 .  ? -13.800 -8.424  -22.368 1.00 37.26 ? 120 HOH B O   1 
HETATM 1360 O O   . HOH D 2 .  ? -2.733  -0.994  1.073   1.00 44.61 ? 121 HOH B O   1 
HETATM 1361 O O   . HOH D 2 .  ? -10.770 4.528   -27.016 1.00 45.69 ? 122 HOH B O   1 
HETATM 1362 O O   . HOH D 2 .  ? 7.404   -7.094  -6.274  1.00 41.18 ? 123 HOH B O   1 
HETATM 1363 O O   . HOH D 2 .  ? 6.937   -9.816  -7.016  1.00 36.98 ? 124 HOH B O   1 
HETATM 1364 O O   . HOH D 2 .  ? 7.878   -15.362 -13.986 1.00 44.63 ? 125 HOH B O   1 
HETATM 1365 O O   . HOH D 2 .  ? -8.961  5.514   -25.945 1.00 45.45 ? 126 HOH B O   1 
HETATM 1366 O O   . HOH D 2 .  ? -7.771  5.008   -17.407 1.00 61.19 ? 127 HOH B O   1 
HETATM 1367 O O   . HOH D 2 .  ? -16.090 -5.844  -13.095 1.00 47.46 ? 128 HOH B O   1 
HETATM 1368 O O   . HOH D 2 .  ? -9.259  -7.448  -24.832 1.00 34.68 ? 129 HOH B O   1 
HETATM 1369 O O   . HOH D 2 .  ? -14.682 -8.692  -14.948 1.00 44.54 ? 130 HOH B O   1 
HETATM 1370 O O   . HOH D 2 .  ? -15.750 -8.901  -13.086 1.00 43.96 ? 131 HOH B O   1 
HETATM 1371 O O   . HOH D 2 .  ? 2.118   5.486   -9.902  1.00 47.88 ? 132 HOH B O   1 
HETATM 1372 O O   . HOH D 2 .  ? -2.237  -2.821  1.715   1.00 44.97 ? 133 HOH B O   1 
HETATM 1373 O O   . HOH D 2 .  ? 1.465   -1.678  -20.527 1.00 28.56 ? 134 HOH B O   1 
HETATM 1374 O O   . HOH D 2 .  ? -8.202  3.990   -21.469 1.00 52.16 ? 135 HOH B O   1 
HETATM 1375 O O   . HOH D 2 .  ? -8.017  4.917   -15.300 1.00 62.08 ? 136 HOH B O   1 
HETATM 1376 O O   . HOH D 2 .  ? -3.091  1.654   1.175   1.00 50.48 ? 137 HOH B O   1 
HETATM 1377 O O   . HOH D 2 .  ? -0.258  -0.613  -21.415 1.00 39.87 ? 138 HOH B O   1 
HETATM 1378 O O   . HOH D 2 .  ? -15.925 -9.186  -10.566 1.00 49.81 ? 139 HOH B O   1 
HETATM 1379 O O   . HOH D 2 .  ? -7.641  5.039   -19.632 1.00 66.41 ? 140 HOH B O   1 
HETATM 1380 O O   . HOH D 2 .  ? -15.940 -7.727  -21.739 1.00 49.01 ? 141 HOH B O   1 
HETATM 1381 O O   . HOH D 2 .  ? -9.787  -6.507  -27.226 1.00 47.72 ? 142 HOH B O   1 
HETATM 1382 O O   . HOH D 2 .  ? -4.525  6.161   -2.696  1.00 59.57 ? 143 HOH B O   1 
HETATM 1383 O O   . HOH D 2 .  ? -17.632 -10.274 -14.424 1.00 54.60 ? 144 HOH B O   1 
HETATM 1384 O O   . HOH D 2 .  ? -5.163  5.574   -21.488 1.00 55.07 ? 145 HOH B O   1 
# 
loop_
_pdbx_poly_seq_scheme.asym_id 
_pdbx_poly_seq_scheme.entity_id 
_pdbx_poly_seq_scheme.seq_id 
_pdbx_poly_seq_scheme.mon_id 
_pdbx_poly_seq_scheme.ndb_seq_num 
_pdbx_poly_seq_scheme.pdb_seq_num 
_pdbx_poly_seq_scheme.auth_seq_num 
_pdbx_poly_seq_scheme.pdb_mon_id 
_pdbx_poly_seq_scheme.auth_mon_id 
_pdbx_poly_seq_scheme.pdb_strand_id 
_pdbx_poly_seq_scheme.pdb_ins_code 
_pdbx_poly_seq_scheme.hetero 
A 1 1  GLY 1  2  ?  ?   ?   A . n 
A 1 2  SER 2  3  ?  ?   ?   A . n 
A 1 3  HIS 3  4  ?  ?   ?   A . n 
A 1 4  MET 4  5  ?  ?   ?   A . n 
A 1 5  GLN 5  6  ?  ?   ?   A . n 
A 1 6  LYS 6  7  ?  ?   ?   A . n 
A 1 7  GLU 7  8  8  GLU GLU A . n 
A 1 8  GLY 8  9  9  GLY GLY A . n 
A 1 9  PRO 9  10 10 PRO PRO A . n 
A 1 10 GLU 10 11 11 GLU GLU A . n 
A 1 11 GLY 11 12 12 GLY GLY A . n 
A 1 12 ALA 12 13 13 ALA ALA A . n 
A 1 13 ASN 13 14 14 ASN ASN A . n 
A 1 14 LEU 14 15 15 LEU LEU A . n 
A 1 15 PHE 15 16 16 PHE PHE A . n 
A 1 16 ILE 16 17 17 ILE ILE A . n 
A 1 17 TYR 17 18 18 TYR TYR A . n 
A 1 18 HIS 18 19 19 HIS HIS A . n 
A 1 19 LEU 19 20 20 LEU LEU A . n 
A 1 20 PRO 20 21 21 PRO PRO A . n 
A 1 21 GLN 21 22 22 GLN GLN A . n 
A 1 22 GLU 22 23 23 GLU GLU A . n 
A 1 23 PHE 23 24 24 PHE PHE A . n 
A 1 24 GLY 24 25 25 GLY GLY A . n 
A 1 25 ASP 25 26 26 ASP ASP A . n 
A 1 26 GLN 26 27 27 GLN GLN A . n 
A 1 27 ASP 27 28 28 ASP ASP A . n 
A 1 28 ILE 28 29 29 ILE ILE A . n 
A 1 29 LEU 29 30 30 LEU LEU A . n 
A 1 30 GLN 30 31 31 GLN GLN A . n 
A 1 31 MET 31 32 32 MET MET A . n 
A 1 32 PHE 32 33 33 PHE PHE A . n 
A 1 33 MET 33 34 34 MET MET A . n 
A 1 34 PRO 34 35 35 PRO PRO A . n 
A 1 35 PHE 35 36 36 PHE PHE A . n 
A 1 36 GLY 36 37 37 GLY GLY A . n 
A 1 37 ASN 37 38 38 ASN ASN A . n 
A 1 38 VAL 38 39 39 VAL VAL A . n 
A 1 39 ILE 39 40 40 ILE ILE A . n 
A 1 40 SER 40 41 41 SER SER A . n 
A 1 41 ALA 41 42 42 ALA ALA A . n 
A 1 42 LYS 42 43 43 LYS LYS A . n 
A 1 43 VAL 43 44 44 VAL VAL A . n 
A 1 44 PHE 44 45 45 PHE PHE A . n 
A 1 45 ILE 45 46 46 ILE ILE A . n 
A 1 46 ASP 46 47 47 ASP ASP A . n 
A 1 47 LYS 47 48 48 LYS LYS A . n 
A 1 48 GLN 48 49 49 GLN GLN A . n 
A 1 49 THR 49 50 50 THR THR A . n 
A 1 50 ASN 50 51 51 ASN ASN A . n 
A 1 51 LEU 51 52 52 LEU LEU A . n 
A 1 52 SER 52 53 53 SER SER A . n 
A 1 53 LYS 53 54 54 LYS LYS A . n 
A 1 54 CYS 54 55 55 CYS CYS A . n 
A 1 55 PHE 55 56 56 PHE PHE A . n 
A 1 56 GLY 56 57 57 GLY GLY A . n 
A 1 57 PHE 57 58 58 PHE PHE A . n 
A 1 58 VAL 58 59 59 VAL VAL A . n 
A 1 59 SER 59 60 60 SER SER A . n 
A 1 60 TYR 60 61 61 TYR TYR A . n 
A 1 61 ASP 61 62 62 ASP ASP A . n 
A 1 62 ASN 62 63 63 ASN ASN A . n 
A 1 63 PRO 63 64 64 PRO PRO A . n 
A 1 64 VAL 64 65 65 VAL VAL A . n 
A 1 65 SER 65 66 66 SER SER A . n 
A 1 66 ALA 66 67 67 ALA ALA A . n 
A 1 67 GLN 67 68 68 GLN GLN A . n 
A 1 68 ALA 68 69 69 ALA ALA A . n 
A 1 69 ALA 69 70 70 ALA ALA A . n 
A 1 70 ILE 70 71 71 ILE ILE A . n 
A 1 71 GLN 71 72 72 GLN GLN A . n 
A 1 72 ALA 72 73 73 ALA ALA A . n 
A 1 73 MET 73 74 74 MET MET A . n 
A 1 74 ASN 74 75 75 ASN ASN A . n 
A 1 75 GLY 75 76 76 GLY GLY A . n 
A 1 76 PHE 76 77 77 PHE PHE A . n 
A 1 77 GLN 77 78 78 GLN GLN A . n 
A 1 78 ILE 78 79 79 ILE ILE A . n 
A 1 79 GLY 79 80 80 GLY GLY A . n 
A 1 80 MET 80 81 81 MET MET A . n 
A 1 81 LYS 81 82 82 LYS LYS A . n 
A 1 82 ARG 82 83 83 ARG ARG A . n 
A 1 83 LEU 83 84 84 LEU LEU A . n 
A 1 84 LYS 84 85 85 LYS LYS A . n 
A 1 85 VAL 85 86 86 VAL VAL A . n 
A 1 86 GLN 86 87 87 GLN GLN A . n 
A 1 87 LEU 87 88 88 LEU LEU A . n 
A 1 88 LYS 88 89 89 LYS LYS A . n 
A 1 89 ARG 89 90 ?  ?   ?   A . n 
A 1 90 SER 90 91 ?  ?   ?   A . n 
A 1 91 LYS 91 92 ?  ?   ?   A . n 
A 1 92 ASN 92 93 ?  ?   ?   A . n 
A 1 93 ASP 93 94 ?  ?   ?   A . n 
A 1 94 SER 94 95 ?  ?   ?   A . n 
A 1 95 LYS 95 96 ?  ?   ?   A . n 
A 1 96 PRO 96 97 ?  ?   ?   A . n 
A 1 97 TYR 97 98 ?  ?   ?   A . n 
B 1 1  GLY 1  2  ?  ?   ?   B . n 
B 1 2  SER 2  3  ?  ?   ?   B . n 
B 1 3  HIS 3  4  ?  ?   ?   B . n 
B 1 4  MET 4  5  ?  ?   ?   B . n 
B 1 5  GLN 5  6  ?  ?   ?   B . n 
B 1 6  LYS 6  7  ?  ?   ?   B . n 
B 1 7  GLU 7  8  8  GLU GLU B . n 
B 1 8  GLY 8  9  9  GLY GLY B . n 
B 1 9  PRO 9  10 10 PRO PRO B . n 
B 1 10 GLU 10 11 11 GLU GLU B . n 
B 1 11 GLY 11 12 12 GLY GLY B . n 
B 1 12 ALA 12 13 13 ALA ALA B . n 
B 1 13 ASN 13 14 14 ASN ASN B . n 
B 1 14 LEU 14 15 15 LEU LEU B . n 
B 1 15 PHE 15 16 16 PHE PHE B . n 
B 1 16 ILE 16 17 17 ILE ILE B . n 
B 1 17 TYR 17 18 18 TYR TYR B . n 
B 1 18 HIS 18 19 19 HIS HIS B . n 
B 1 19 LEU 19 20 20 LEU LEU B . n 
B 1 20 PRO 20 21 21 PRO PRO B . n 
B 1 21 GLN 21 22 22 GLN GLN B . n 
B 1 22 GLU 22 23 23 GLU GLU B . n 
B 1 23 PHE 23 24 24 PHE PHE B . n 
B 1 24 GLY 24 25 25 GLY GLY B . n 
B 1 25 ASP 25 26 26 ASP ASP B . n 
B 1 26 GLN 26 27 27 GLN GLN B . n 
B 1 27 ASP 27 28 28 ASP ASP B . n 
B 1 28 ILE 28 29 29 ILE ILE B . n 
B 1 29 LEU 29 30 30 LEU LEU B . n 
B 1 30 GLN 30 31 31 GLN GLN B . n 
B 1 31 MET 31 32 32 MET MET B . n 
B 1 32 PHE 32 33 33 PHE PHE B . n 
B 1 33 MET 33 34 34 MET MET B . n 
B 1 34 PRO 34 35 35 PRO PRO B . n 
B 1 35 PHE 35 36 36 PHE PHE B . n 
B 1 36 GLY 36 37 37 GLY GLY B . n 
B 1 37 ASN 37 38 38 ASN ASN B . n 
B 1 38 VAL 38 39 39 VAL VAL B . n 
B 1 39 ILE 39 40 40 ILE ILE B . n 
B 1 40 SER 40 41 41 SER SER B . n 
B 1 41 ALA 41 42 42 ALA ALA B . n 
B 1 42 LYS 42 43 43 LYS LYS B . n 
B 1 43 VAL 43 44 44 VAL VAL B . n 
B 1 44 PHE 44 45 45 PHE PHE B . n 
B 1 45 ILE 45 46 46 ILE ILE B . n 
B 1 46 ASP 46 47 47 ASP ASP B . n 
B 1 47 LYS 47 48 48 LYS LYS B . n 
B 1 48 GLN 48 49 49 GLN GLN B . n 
B 1 49 THR 49 50 50 THR THR B . n 
B 1 50 ASN 50 51 51 ASN ASN B . n 
B 1 51 LEU 51 52 52 LEU LEU B . n 
B 1 52 SER 52 53 53 SER SER B . n 
B 1 53 LYS 53 54 54 LYS LYS B . n 
B 1 54 CYS 54 55 55 CYS CYS B . n 
B 1 55 PHE 55 56 56 PHE PHE B . n 
B 1 56 GLY 56 57 57 GLY GLY B . n 
B 1 57 PHE 57 58 58 PHE PHE B . n 
B 1 58 VAL 58 59 59 VAL VAL B . n 
B 1 59 SER 59 60 60 SER SER B . n 
B 1 60 TYR 60 61 61 TYR TYR B . n 
B 1 61 ASP 61 62 62 ASP ASP B . n 
B 1 62 ASN 62 63 63 ASN ASN B . n 
B 1 63 PRO 63 64 64 PRO PRO B . n 
B 1 64 VAL 64 65 65 VAL VAL B . n 
B 1 65 SER 65 66 66 SER SER B . n 
B 1 66 ALA 66 67 67 ALA ALA B . n 
B 1 67 GLN 67 68 68 GLN GLN B . n 
B 1 68 ALA 68 69 69 ALA ALA B . n 
B 1 69 ALA 69 70 70 ALA ALA B . n 
B 1 70 ILE 70 71 71 ILE ILE B . n 
B 1 71 GLN 71 72 72 GLN GLN B . n 
B 1 72 ALA 72 73 73 ALA ALA B . n 
B 1 73 MET 73 74 74 MET MET B . n 
B 1 74 ASN 74 75 75 ASN ASN B . n 
B 1 75 GLY 75 76 76 GLY GLY B . n 
B 1 76 PHE 76 77 77 PHE PHE B . n 
B 1 77 GLN 77 78 78 GLN GLN B . n 
B 1 78 ILE 78 79 79 ILE ILE B . n 
B 1 79 GLY 79 80 80 GLY GLY B . n 
B 1 80 MET 80 81 81 MET MET B . n 
B 1 81 LYS 81 82 82 LYS LYS B . n 
B 1 82 ARG 82 83 83 ARG ARG B . n 
B 1 83 LEU 83 84 84 LEU LEU B . n 
B 1 84 LYS 84 85 85 LYS LYS B . n 
B 1 85 VAL 85 86 86 VAL VAL B . n 
B 1 86 GLN 86 87 87 GLN GLN B . n 
B 1 87 LEU 87 88 88 LEU LEU B . n 
B 1 88 LYS 88 89 89 LYS LYS B . n 
B 1 89 ARG 89 90 90 ARG ALA B . n 
B 1 90 SER 90 91 ?  ?   ?   B . n 
B 1 91 LYS 91 92 ?  ?   ?   B . n 
B 1 92 ASN 92 93 ?  ?   ?   B . n 
B 1 93 ASP 93 94 ?  ?   ?   B . n 
B 1 94 SER 94 95 ?  ?   ?   B . n 
B 1 95 LYS 95 96 ?  ?   ?   B . n 
B 1 96 PRO 96 97 ?  ?   ?   B . n 
B 1 97 TYR 97 98 ?  ?   ?   B . n 
# 
loop_
_pdbx_nonpoly_scheme.asym_id 
_pdbx_nonpoly_scheme.entity_id 
_pdbx_nonpoly_scheme.mon_id 
_pdbx_nonpoly_scheme.ndb_seq_num 
_pdbx_nonpoly_scheme.pdb_seq_num 
_pdbx_nonpoly_scheme.auth_seq_num 
_pdbx_nonpoly_scheme.pdb_mon_id 
_pdbx_nonpoly_scheme.auth_mon_id 
_pdbx_nonpoly_scheme.pdb_strand_id 
_pdbx_nonpoly_scheme.pdb_ins_code 
C 2 HOH 1  101 28 HOH HOH A . 
C 2 HOH 2  102 54 HOH HOH A . 
C 2 HOH 3  103 50 HOH HOH A . 
C 2 HOH 4  104 27 HOH HOH A . 
C 2 HOH 5  105 40 HOH HOH A . 
C 2 HOH 6  106 46 HOH HOH A . 
C 2 HOH 7  107 44 HOH HOH A . 
C 2 HOH 8  108 13 HOH HOH A . 
C 2 HOH 9  109 52 HOH HOH A . 
C 2 HOH 10 110 30 HOH HOH A . 
C 2 HOH 11 111 6  HOH HOH A . 
C 2 HOH 12 112 4  HOH HOH A . 
C 2 HOH 13 113 74 HOH HOH A . 
C 2 HOH 14 114 39 HOH HOH A . 
C 2 HOH 15 115 85 HOH HOH A . 
C 2 HOH 16 116 67 HOH HOH A . 
C 2 HOH 17 117 57 HOH HOH A . 
C 2 HOH 18 118 42 HOH HOH A . 
C 2 HOH 19 119 34 HOH HOH A . 
C 2 HOH 20 120 1  HOH HOH A . 
C 2 HOH 21 121 8  HOH HOH A . 
C 2 HOH 22 122 11 HOH HOH A . 
C 2 HOH 23 123 18 HOH HOH A . 
C 2 HOH 24 124 19 HOH HOH A . 
C 2 HOH 25 125 26 HOH HOH A . 
C 2 HOH 26 126 35 HOH HOH A . 
C 2 HOH 27 127 37 HOH HOH A . 
C 2 HOH 28 128 41 HOH HOH A . 
C 2 HOH 29 129 53 HOH HOH A . 
C 2 HOH 30 130 55 HOH HOH A . 
C 2 HOH 31 131 58 HOH HOH A . 
C 2 HOH 32 132 59 HOH HOH A . 
C 2 HOH 33 133 61 HOH HOH A . 
C 2 HOH 34 134 62 HOH HOH A . 
C 2 HOH 35 135 68 HOH HOH A . 
C 2 HOH 36 136 70 HOH HOH A . 
C 2 HOH 37 137 77 HOH HOH A . 
C 2 HOH 38 138 79 HOH HOH A . 
C 2 HOH 39 139 82 HOH HOH A . 
C 2 HOH 40 140 84 HOH HOH A . 
D 2 HOH 1  101 49 HOH HOH B . 
D 2 HOH 2  102 63 HOH HOH B . 
D 2 HOH 3  103 21 HOH HOH B . 
D 2 HOH 4  104 80 HOH HOH B . 
D 2 HOH 5  105 24 HOH HOH B . 
D 2 HOH 6  106 10 HOH HOH B . 
D 2 HOH 7  107 25 HOH HOH B . 
D 2 HOH 8  108 33 HOH HOH B . 
D 2 HOH 9  109 3  HOH HOH B . 
D 2 HOH 10 110 31 HOH HOH B . 
D 2 HOH 11 111 23 HOH HOH B . 
D 2 HOH 12 112 64 HOH HOH B . 
D 2 HOH 13 113 45 HOH HOH B . 
D 2 HOH 14 114 71 HOH HOH B . 
D 2 HOH 15 115 5  HOH HOH B . 
D 2 HOH 16 116 73 HOH HOH B . 
D 2 HOH 17 117 2  HOH HOH B . 
D 2 HOH 18 118 7  HOH HOH B . 
D 2 HOH 19 119 9  HOH HOH B . 
D 2 HOH 20 120 12 HOH HOH B . 
D 2 HOH 21 121 14 HOH HOH B . 
D 2 HOH 22 122 15 HOH HOH B . 
D 2 HOH 23 123 16 HOH HOH B . 
D 2 HOH 24 124 17 HOH HOH B . 
D 2 HOH 25 125 20 HOH HOH B . 
D 2 HOH 26 126 22 HOH HOH B . 
D 2 HOH 27 127 29 HOH HOH B . 
D 2 HOH 28 128 32 HOH HOH B . 
D 2 HOH 29 129 36 HOH HOH B . 
D 2 HOH 30 130 38 HOH HOH B . 
D 2 HOH 31 131 43 HOH HOH B . 
D 2 HOH 32 132 47 HOH HOH B . 
D 2 HOH 33 133 48 HOH HOH B . 
D 2 HOH 34 134 51 HOH HOH B . 
D 2 HOH 35 135 56 HOH HOH B . 
D 2 HOH 36 136 60 HOH HOH B . 
D 2 HOH 37 137 65 HOH HOH B . 
D 2 HOH 38 138 66 HOH HOH B . 
D 2 HOH 39 139 69 HOH HOH B . 
D 2 HOH 40 140 72 HOH HOH B . 
D 2 HOH 41 141 75 HOH HOH B . 
D 2 HOH 42 142 76 HOH HOH B . 
D 2 HOH 43 143 78 HOH HOH B . 
D 2 HOH 44 144 81 HOH HOH B . 
D 2 HOH 45 145 83 HOH HOH B . 
# 
loop_
_pdbx_struct_assembly.id 
_pdbx_struct_assembly.details 
_pdbx_struct_assembly.method_details 
_pdbx_struct_assembly.oligomeric_details 
_pdbx_struct_assembly.oligomeric_count 
1 author_defined_assembly ? monomeric 1 
2 author_defined_assembly ? monomeric 1 
# 
loop_
_pdbx_struct_assembly_gen.assembly_id 
_pdbx_struct_assembly_gen.oper_expression 
_pdbx_struct_assembly_gen.asym_id_list 
1 1 A,C 
2 1 B,D 
# 
_pdbx_struct_oper_list.id                   1 
_pdbx_struct_oper_list.type                 'identity operation' 
_pdbx_struct_oper_list.name                 1_555 
_pdbx_struct_oper_list.symmetry_operation   x,y,z 
_pdbx_struct_oper_list.matrix[1][1]         1.0000000000 
_pdbx_struct_oper_list.matrix[1][2]         0.0000000000 
_pdbx_struct_oper_list.matrix[1][3]         0.0000000000 
_pdbx_struct_oper_list.vector[1]            0.0000000000 
_pdbx_struct_oper_list.matrix[2][1]         0.0000000000 
_pdbx_struct_oper_list.matrix[2][2]         1.0000000000 
_pdbx_struct_oper_list.matrix[2][3]         0.0000000000 
_pdbx_struct_oper_list.vector[2]            0.0000000000 
_pdbx_struct_oper_list.matrix[3][1]         0.0000000000 
_pdbx_struct_oper_list.matrix[3][2]         0.0000000000 
_pdbx_struct_oper_list.matrix[3][3]         1.0000000000 
_pdbx_struct_oper_list.vector[3]            0.0000000000 
# 
loop_
_pdbx_audit_revision_history.ordinal 
_pdbx_audit_revision_history.data_content_type 
_pdbx_audit_revision_history.major_revision 
_pdbx_audit_revision_history.minor_revision 
_pdbx_audit_revision_history.revision_date 
1 'Structure model' 1 0 2015-12-09 
2 'Structure model' 1 1 2023-09-27 
# 
_pdbx_audit_revision_details.ordinal             1 
_pdbx_audit_revision_details.revision_ordinal    1 
_pdbx_audit_revision_details.data_content_type   'Structure model' 
_pdbx_audit_revision_details.provider            repository 
_pdbx_audit_revision_details.type                'Initial release' 
_pdbx_audit_revision_details.description         ? 
_pdbx_audit_revision_details.details             ? 
# 
loop_
_pdbx_audit_revision_group.ordinal 
_pdbx_audit_revision_group.revision_ordinal 
_pdbx_audit_revision_group.data_content_type 
_pdbx_audit_revision_group.group 
1 2 'Structure model' 'Data collection'        
2 2 'Structure model' 'Database references'    
3 2 'Structure model' 'Derived calculations'   
4 2 'Structure model' 'Refinement description' 
# 
loop_
_pdbx_audit_revision_category.ordinal 
_pdbx_audit_revision_category.revision_ordinal 
_pdbx_audit_revision_category.data_content_type 
_pdbx_audit_revision_category.category 
1 2 'Structure model' chem_comp_atom                
2 2 'Structure model' chem_comp_bond                
3 2 'Structure model' database_2                    
4 2 'Structure model' pdbx_initial_refinement_model 
5 2 'Structure model' pdbx_struct_oper_list         
# 
loop_
_pdbx_audit_revision_item.ordinal 
_pdbx_audit_revision_item.revision_ordinal 
_pdbx_audit_revision_item.data_content_type 
_pdbx_audit_revision_item.item 
1 2 'Structure model' '_database_2.pdbx_DOI'                      
2 2 'Structure model' '_database_2.pdbx_database_accession'       
3 2 'Structure model' '_pdbx_struct_oper_list.symmetry_operation' 
# 
_software.citation_id            ? 
_software.classification         refinement 
_software.compiler_name          ? 
_software.compiler_version       ? 
_software.contact_author         ? 
_software.contact_author_email   ? 
_software.date                   ? 
_software.description            ? 
_software.dependencies           ? 
_software.hardware               ? 
_software.language               ? 
_software.location               ? 
_software.mods                   ? 
_software.name                   PHENIX 
_software.os                     ? 
_software.os_version             ? 
_software.type                   ? 
_software.version                1.8.4_1496 
_software.pdbx_ordinal           1 
# 
loop_
_pdbx_validate_close_contact.id 
_pdbx_validate_close_contact.PDB_model_num 
_pdbx_validate_close_contact.auth_atom_id_1 
_pdbx_validate_close_contact.auth_asym_id_1 
_pdbx_validate_close_contact.auth_comp_id_1 
_pdbx_validate_close_contact.auth_seq_id_1 
_pdbx_validate_close_contact.PDB_ins_code_1 
_pdbx_validate_close_contact.label_alt_id_1 
_pdbx_validate_close_contact.auth_atom_id_2 
_pdbx_validate_close_contact.auth_asym_id_2 
_pdbx_validate_close_contact.auth_comp_id_2 
_pdbx_validate_close_contact.auth_seq_id_2 
_pdbx_validate_close_contact.PDB_ins_code_2 
_pdbx_validate_close_contact.label_alt_id_2 
_pdbx_validate_close_contact.dist 
1  1 O   B HOH 110 ? ? O B HOH 115 ? ? 1.90 
2  1 O   A LYS 89  ? ? O A HOH 101 ? ? 1.91 
3  1 O   A HOH 118 ? ? O A HOH 119 ? ? 1.99 
4  1 O   B HOH 121 ? ? O B HOH 133 ? ? 2.00 
5  1 O   B HOH 127 ? ? O B HOH 136 ? ? 2.12 
6  1 N   A GLU 8   ? ? O A HOH 133 ? ? 2.13 
7  1 O   B ARG 90  ? ? O B HOH 143 ? ? 2.13 
8  1 O   B HOH 130 ? ? O B HOH 131 ? ? 2.16 
9  1 O   B HOH 135 ? ? O B HOH 140 ? ? 2.19 
10 1 OE2 B GLU 23  ? ? O B HOH 101 ? ? 2.19 
# 
_pdbx_validate_symm_contact.id                1 
_pdbx_validate_symm_contact.PDB_model_num     1 
_pdbx_validate_symm_contact.auth_atom_id_1    O 
_pdbx_validate_symm_contact.auth_asym_id_1    A 
_pdbx_validate_symm_contact.auth_comp_id_1    HOH 
_pdbx_validate_symm_contact.auth_seq_id_1     116 
_pdbx_validate_symm_contact.PDB_ins_code_1    ? 
_pdbx_validate_symm_contact.label_alt_id_1    ? 
_pdbx_validate_symm_contact.site_symmetry_1   1_555 
_pdbx_validate_symm_contact.auth_atom_id_2    O 
_pdbx_validate_symm_contact.auth_asym_id_2    A 
_pdbx_validate_symm_contact.auth_comp_id_2    HOH 
_pdbx_validate_symm_contact.auth_seq_id_2     117 
_pdbx_validate_symm_contact.PDB_ins_code_2    ? 
_pdbx_validate_symm_contact.label_alt_id_2    ? 
_pdbx_validate_symm_contact.site_symmetry_2   5_555 
_pdbx_validate_symm_contact.dist              2.05 
# 
_pdbx_validate_rmsd_angle.id                         1 
_pdbx_validate_rmsd_angle.PDB_model_num              1 
_pdbx_validate_rmsd_angle.auth_atom_id_1             C 
_pdbx_validate_rmsd_angle.auth_asym_id_1             A 
_pdbx_validate_rmsd_angle.auth_comp_id_1             GLY 
_pdbx_validate_rmsd_angle.auth_seq_id_1              9 
_pdbx_validate_rmsd_angle.PDB_ins_code_1             ? 
_pdbx_validate_rmsd_angle.label_alt_id_1             ? 
_pdbx_validate_rmsd_angle.auth_atom_id_2             N 
_pdbx_validate_rmsd_angle.auth_asym_id_2             A 
_pdbx_validate_rmsd_angle.auth_comp_id_2             PRO 
_pdbx_validate_rmsd_angle.auth_seq_id_2              10 
_pdbx_validate_rmsd_angle.PDB_ins_code_2             ? 
_pdbx_validate_rmsd_angle.label_alt_id_2             ? 
_pdbx_validate_rmsd_angle.auth_atom_id_3             CA 
_pdbx_validate_rmsd_angle.auth_asym_id_3             A 
_pdbx_validate_rmsd_angle.auth_comp_id_3             PRO 
_pdbx_validate_rmsd_angle.auth_seq_id_3              10 
_pdbx_validate_rmsd_angle.PDB_ins_code_3             ? 
_pdbx_validate_rmsd_angle.label_alt_id_3             ? 
_pdbx_validate_rmsd_angle.angle_value                130.98 
_pdbx_validate_rmsd_angle.angle_target_value         119.30 
_pdbx_validate_rmsd_angle.angle_deviation            11.68 
_pdbx_validate_rmsd_angle.angle_standard_deviation   1.50 
_pdbx_validate_rmsd_angle.linker_flag                Y 
# 
loop_
_pdbx_validate_torsion.id 
_pdbx_validate_torsion.PDB_model_num 
_pdbx_validate_torsion.auth_comp_id 
_pdbx_validate_torsion.auth_asym_id 
_pdbx_validate_torsion.auth_seq_id 
_pdbx_validate_torsion.PDB_ins_code 
_pdbx_validate_torsion.label_alt_id 
_pdbx_validate_torsion.phi 
_pdbx_validate_torsion.psi 
1 1 PRO A 10 ? ? -35.92 156.15  
2 1 GLU A 11 ? ? 49.66  -153.93 
3 1 PRO B 10 ? ? -47.82 160.52  
4 1 GLU B 11 ? ? 57.92  -145.53 
5 1 PRO B 35 ? ? -57.84 -6.54   
# 
_pdbx_validate_peptide_omega.id               1 
_pdbx_validate_peptide_omega.PDB_model_num    1 
_pdbx_validate_peptide_omega.auth_comp_id_1   PRO 
_pdbx_validate_peptide_omega.auth_asym_id_1   A 
_pdbx_validate_peptide_omega.auth_seq_id_1    10 
_pdbx_validate_peptide_omega.PDB_ins_code_1   ? 
_pdbx_validate_peptide_omega.label_alt_id_1   ? 
_pdbx_validate_peptide_omega.auth_comp_id_2   GLU 
_pdbx_validate_peptide_omega.auth_asym_id_2   A 
_pdbx_validate_peptide_omega.auth_seq_id_2    11 
_pdbx_validate_peptide_omega.PDB_ins_code_2   ? 
_pdbx_validate_peptide_omega.label_alt_id_2   ? 
_pdbx_validate_peptide_omega.omega            143.06 
# 
loop_
_pdbx_distant_solvent_atoms.id 
_pdbx_distant_solvent_atoms.PDB_model_num 
_pdbx_distant_solvent_atoms.auth_atom_id 
_pdbx_distant_solvent_atoms.label_alt_id 
_pdbx_distant_solvent_atoms.auth_asym_id 
_pdbx_distant_solvent_atoms.auth_comp_id 
_pdbx_distant_solvent_atoms.auth_seq_id 
_pdbx_distant_solvent_atoms.PDB_ins_code 
_pdbx_distant_solvent_atoms.neighbor_macromolecule_distance 
_pdbx_distant_solvent_atoms.neighbor_ligand_distance 
1 1 O ? A HOH 137 ? 6.33 . 
2 1 O ? B HOH 127 ? 6.36 . 
3 1 O ? B HOH 136 ? 5.83 . 
# 
loop_
_pdbx_unobs_or_zero_occ_atoms.id 
_pdbx_unobs_or_zero_occ_atoms.PDB_model_num 
_pdbx_unobs_or_zero_occ_atoms.polymer_flag 
_pdbx_unobs_or_zero_occ_atoms.occupancy_flag 
_pdbx_unobs_or_zero_occ_atoms.auth_asym_id 
_pdbx_unobs_or_zero_occ_atoms.auth_comp_id 
_pdbx_unobs_or_zero_occ_atoms.auth_seq_id 
_pdbx_unobs_or_zero_occ_atoms.PDB_ins_code 
_pdbx_unobs_or_zero_occ_atoms.auth_atom_id 
_pdbx_unobs_or_zero_occ_atoms.label_alt_id 
_pdbx_unobs_or_zero_occ_atoms.label_asym_id 
_pdbx_unobs_or_zero_occ_atoms.label_comp_id 
_pdbx_unobs_or_zero_occ_atoms.label_seq_id 
_pdbx_unobs_or_zero_occ_atoms.label_atom_id 
1 1 Y 1 B ARG 90 ? CG  ? B ARG 89 CG  
2 1 Y 1 B ARG 90 ? CD  ? B ARG 89 CD  
3 1 Y 1 B ARG 90 ? NE  ? B ARG 89 NE  
4 1 Y 1 B ARG 90 ? CZ  ? B ARG 89 CZ  
5 1 Y 1 B ARG 90 ? NH1 ? B ARG 89 NH1 
6 1 Y 1 B ARG 90 ? NH2 ? B ARG 89 NH2 
# 
loop_
_pdbx_unobs_or_zero_occ_residues.id 
_pdbx_unobs_or_zero_occ_residues.PDB_model_num 
_pdbx_unobs_or_zero_occ_residues.polymer_flag 
_pdbx_unobs_or_zero_occ_residues.occupancy_flag 
_pdbx_unobs_or_zero_occ_residues.auth_asym_id 
_pdbx_unobs_or_zero_occ_residues.auth_comp_id 
_pdbx_unobs_or_zero_occ_residues.auth_seq_id 
_pdbx_unobs_or_zero_occ_residues.PDB_ins_code 
_pdbx_unobs_or_zero_occ_residues.label_asym_id 
_pdbx_unobs_or_zero_occ_residues.label_comp_id 
_pdbx_unobs_or_zero_occ_residues.label_seq_id 
1  1 Y 1 A GLY 2  ? A GLY 1  
2  1 Y 1 A SER 3  ? A SER 2  
3  1 Y 1 A HIS 4  ? A HIS 3  
4  1 Y 1 A MET 5  ? A MET 4  
5  1 Y 1 A GLN 6  ? A GLN 5  
6  1 Y 1 A LYS 7  ? A LYS 6  
7  1 Y 1 A ARG 90 ? A ARG 89 
8  1 Y 1 A SER 91 ? A SER 90 
9  1 Y 1 A LYS 92 ? A LYS 91 
10 1 Y 1 A ASN 93 ? A ASN 92 
11 1 Y 1 A ASP 94 ? A ASP 93 
12 1 Y 1 A SER 95 ? A SER 94 
13 1 Y 1 A LYS 96 ? A LYS 95 
14 1 Y 1 A PRO 97 ? A PRO 96 
15 1 Y 1 A TYR 98 ? A TYR 97 
16 1 Y 1 B GLY 2  ? B GLY 1  
17 1 Y 1 B SER 3  ? B SER 2  
18 1 Y 1 B HIS 4  ? B HIS 3  
19 1 Y 1 B MET 5  ? B MET 4  
20 1 Y 1 B GLN 6  ? B GLN 5  
21 1 Y 1 B LYS 7  ? B LYS 6  
22 1 Y 1 B SER 91 ? B SER 90 
23 1 Y 1 B LYS 92 ? B LYS 91 
24 1 Y 1 B ASN 93 ? B ASN 92 
25 1 Y 1 B ASP 94 ? B ASP 93 
26 1 Y 1 B SER 95 ? B SER 94 
27 1 Y 1 B LYS 96 ? B LYS 95 
28 1 Y 1 B PRO 97 ? B PRO 96 
29 1 Y 1 B TYR 98 ? B TYR 97 
# 
loop_
_chem_comp_atom.comp_id 
_chem_comp_atom.atom_id 
_chem_comp_atom.type_symbol 
_chem_comp_atom.pdbx_aromatic_flag 
_chem_comp_atom.pdbx_stereo_config 
_chem_comp_atom.pdbx_ordinal 
ALA N    N N N 1   
ALA CA   C N S 2   
ALA C    C N N 3   
ALA O    O N N 4   
ALA CB   C N N 5   
ALA OXT  O N N 6   
ALA H    H N N 7   
ALA H2   H N N 8   
ALA HA   H N N 9   
ALA HB1  H N N 10  
ALA HB2  H N N 11  
ALA HB3  H N N 12  
ALA HXT  H N N 13  
ARG N    N N N 14  
ARG CA   C N S 15  
ARG C    C N N 16  
ARG O    O N N 17  
ARG CB   C N N 18  
ARG CG   C N N 19  
ARG CD   C N N 20  
ARG NE   N N N 21  
ARG CZ   C N N 22  
ARG NH1  N N N 23  
ARG NH2  N N N 24  
ARG OXT  O N N 25  
ARG H    H N N 26  
ARG H2   H N N 27  
ARG HA   H N N 28  
ARG HB2  H N N 29  
ARG HB3  H N N 30  
ARG HG2  H N N 31  
ARG HG3  H N N 32  
ARG HD2  H N N 33  
ARG HD3  H N N 34  
ARG HE   H N N 35  
ARG HH11 H N N 36  
ARG HH12 H N N 37  
ARG HH21 H N N 38  
ARG HH22 H N N 39  
ARG HXT  H N N 40  
ASN N    N N N 41  
ASN CA   C N S 42  
ASN C    C N N 43  
ASN O    O N N 44  
ASN CB   C N N 45  
ASN CG   C N N 46  
ASN OD1  O N N 47  
ASN ND2  N N N 48  
ASN OXT  O N N 49  
ASN H    H N N 50  
ASN H2   H N N 51  
ASN HA   H N N 52  
ASN HB2  H N N 53  
ASN HB3  H N N 54  
ASN HD21 H N N 55  
ASN HD22 H N N 56  
ASN HXT  H N N 57  
ASP N    N N N 58  
ASP CA   C N S 59  
ASP C    C N N 60  
ASP O    O N N 61  
ASP CB   C N N 62  
ASP CG   C N N 63  
ASP OD1  O N N 64  
ASP OD2  O N N 65  
ASP OXT  O N N 66  
ASP H    H N N 67  
ASP H2   H N N 68  
ASP HA   H N N 69  
ASP HB2  H N N 70  
ASP HB3  H N N 71  
ASP HD2  H N N 72  
ASP HXT  H N N 73  
CYS N    N N N 74  
CYS CA   C N R 75  
CYS C    C N N 76  
CYS O    O N N 77  
CYS CB   C N N 78  
CYS SG   S N N 79  
CYS OXT  O N N 80  
CYS H    H N N 81  
CYS H2   H N N 82  
CYS HA   H N N 83  
CYS HB2  H N N 84  
CYS HB3  H N N 85  
CYS HG   H N N 86  
CYS HXT  H N N 87  
GLN N    N N N 88  
GLN CA   C N S 89  
GLN C    C N N 90  
GLN O    O N N 91  
GLN CB   C N N 92  
GLN CG   C N N 93  
GLN CD   C N N 94  
GLN OE1  O N N 95  
GLN NE2  N N N 96  
GLN OXT  O N N 97  
GLN H    H N N 98  
GLN H2   H N N 99  
GLN HA   H N N 100 
GLN HB2  H N N 101 
GLN HB3  H N N 102 
GLN HG2  H N N 103 
GLN HG3  H N N 104 
GLN HE21 H N N 105 
GLN HE22 H N N 106 
GLN HXT  H N N 107 
GLU N    N N N 108 
GLU CA   C N S 109 
GLU C    C N N 110 
GLU O    O N N 111 
GLU CB   C N N 112 
GLU CG   C N N 113 
GLU CD   C N N 114 
GLU OE1  O N N 115 
GLU OE2  O N N 116 
GLU OXT  O N N 117 
GLU H    H N N 118 
GLU H2   H N N 119 
GLU HA   H N N 120 
GLU HB2  H N N 121 
GLU HB3  H N N 122 
GLU HG2  H N N 123 
GLU HG3  H N N 124 
GLU HE2  H N N 125 
GLU HXT  H N N 126 
GLY N    N N N 127 
GLY CA   C N N 128 
GLY C    C N N 129 
GLY O    O N N 130 
GLY OXT  O N N 131 
GLY H    H N N 132 
GLY H2   H N N 133 
GLY HA2  H N N 134 
GLY HA3  H N N 135 
GLY HXT  H N N 136 
HIS N    N N N 137 
HIS CA   C N S 138 
HIS C    C N N 139 
HIS O    O N N 140 
HIS CB   C N N 141 
HIS CG   C Y N 142 
HIS ND1  N Y N 143 
HIS CD2  C Y N 144 
HIS CE1  C Y N 145 
HIS NE2  N Y N 146 
HIS OXT  O N N 147 
HIS H    H N N 148 
HIS H2   H N N 149 
HIS HA   H N N 150 
HIS HB2  H N N 151 
HIS HB3  H N N 152 
HIS HD1  H N N 153 
HIS HD2  H N N 154 
HIS HE1  H N N 155 
HIS HE2  H N N 156 
HIS HXT  H N N 157 
HOH O    O N N 158 
HOH H1   H N N 159 
HOH H2   H N N 160 
ILE N    N N N 161 
ILE CA   C N S 162 
ILE C    C N N 163 
ILE O    O N N 164 
ILE CB   C N S 165 
ILE CG1  C N N 166 
ILE CG2  C N N 167 
ILE CD1  C N N 168 
ILE OXT  O N N 169 
ILE H    H N N 170 
ILE H2   H N N 171 
ILE HA   H N N 172 
ILE HB   H N N 173 
ILE HG12 H N N 174 
ILE HG13 H N N 175 
ILE HG21 H N N 176 
ILE HG22 H N N 177 
ILE HG23 H N N 178 
ILE HD11 H N N 179 
ILE HD12 H N N 180 
ILE HD13 H N N 181 
ILE HXT  H N N 182 
LEU N    N N N 183 
LEU CA   C N S 184 
LEU C    C N N 185 
LEU O    O N N 186 
LEU CB   C N N 187 
LEU CG   C N N 188 
LEU CD1  C N N 189 
LEU CD2  C N N 190 
LEU OXT  O N N 191 
LEU H    H N N 192 
LEU H2   H N N 193 
LEU HA   H N N 194 
LEU HB2  H N N 195 
LEU HB3  H N N 196 
LEU HG   H N N 197 
LEU HD11 H N N 198 
LEU HD12 H N N 199 
LEU HD13 H N N 200 
LEU HD21 H N N 201 
LEU HD22 H N N 202 
LEU HD23 H N N 203 
LEU HXT  H N N 204 
LYS N    N N N 205 
LYS CA   C N S 206 
LYS C    C N N 207 
LYS O    O N N 208 
LYS CB   C N N 209 
LYS CG   C N N 210 
LYS CD   C N N 211 
LYS CE   C N N 212 
LYS NZ   N N N 213 
LYS OXT  O N N 214 
LYS H    H N N 215 
LYS H2   H N N 216 
LYS HA   H N N 217 
LYS HB2  H N N 218 
LYS HB3  H N N 219 
LYS HG2  H N N 220 
LYS HG3  H N N 221 
LYS HD2  H N N 222 
LYS HD3  H N N 223 
LYS HE2  H N N 224 
LYS HE3  H N N 225 
LYS HZ1  H N N 226 
LYS HZ2  H N N 227 
LYS HZ3  H N N 228 
LYS HXT  H N N 229 
MET N    N N N 230 
MET CA   C N S 231 
MET C    C N N 232 
MET O    O N N 233 
MET CB   C N N 234 
MET CG   C N N 235 
MET SD   S N N 236 
MET CE   C N N 237 
MET OXT  O N N 238 
MET H    H N N 239 
MET H2   H N N 240 
MET HA   H N N 241 
MET HB2  H N N 242 
MET HB3  H N N 243 
MET HG2  H N N 244 
MET HG3  H N N 245 
MET HE1  H N N 246 
MET HE2  H N N 247 
MET HE3  H N N 248 
MET HXT  H N N 249 
PHE N    N N N 250 
PHE CA   C N S 251 
PHE C    C N N 252 
PHE O    O N N 253 
PHE CB   C N N 254 
PHE CG   C Y N 255 
PHE CD1  C Y N 256 
PHE CD2  C Y N 257 
PHE CE1  C Y N 258 
PHE CE2  C Y N 259 
PHE CZ   C Y N 260 
PHE OXT  O N N 261 
PHE H    H N N 262 
PHE H2   H N N 263 
PHE HA   H N N 264 
PHE HB2  H N N 265 
PHE HB3  H N N 266 
PHE HD1  H N N 267 
PHE HD2  H N N 268 
PHE HE1  H N N 269 
PHE HE2  H N N 270 
PHE HZ   H N N 271 
PHE HXT  H N N 272 
PRO N    N N N 273 
PRO CA   C N S 274 
PRO C    C N N 275 
PRO O    O N N 276 
PRO CB   C N N 277 
PRO CG   C N N 278 
PRO CD   C N N 279 
PRO OXT  O N N 280 
PRO H    H N N 281 
PRO HA   H N N 282 
PRO HB2  H N N 283 
PRO HB3  H N N 284 
PRO HG2  H N N 285 
PRO HG3  H N N 286 
PRO HD2  H N N 287 
PRO HD3  H N N 288 
PRO HXT  H N N 289 
SER N    N N N 290 
SER CA   C N S 291 
SER C    C N N 292 
SER O    O N N 293 
SER CB   C N N 294 
SER OG   O N N 295 
SER OXT  O N N 296 
SER H    H N N 297 
SER H2   H N N 298 
SER HA   H N N 299 
SER HB2  H N N 300 
SER HB3  H N N 301 
SER HG   H N N 302 
SER HXT  H N N 303 
THR N    N N N 304 
THR CA   C N S 305 
THR C    C N N 306 
THR O    O N N 307 
THR CB   C N R 308 
THR OG1  O N N 309 
THR CG2  C N N 310 
THR OXT  O N N 311 
THR H    H N N 312 
THR H2   H N N 313 
THR HA   H N N 314 
THR HB   H N N 315 
THR HG1  H N N 316 
THR HG21 H N N 317 
THR HG22 H N N 318 
THR HG23 H N N 319 
THR HXT  H N N 320 
TYR N    N N N 321 
TYR CA   C N S 322 
TYR C    C N N 323 
TYR O    O N N 324 
TYR CB   C N N 325 
TYR CG   C Y N 326 
TYR CD1  C Y N 327 
TYR CD2  C Y N 328 
TYR CE1  C Y N 329 
TYR CE2  C Y N 330 
TYR CZ   C Y N 331 
TYR OH   O N N 332 
TYR OXT  O N N 333 
TYR H    H N N 334 
TYR H2   H N N 335 
TYR HA   H N N 336 
TYR HB2  H N N 337 
TYR HB3  H N N 338 
TYR HD1  H N N 339 
TYR HD2  H N N 340 
TYR HE1  H N N 341 
TYR HE2  H N N 342 
TYR HH   H N N 343 
TYR HXT  H N N 344 
VAL N    N N N 345 
VAL CA   C N S 346 
VAL C    C N N 347 
VAL O    O N N 348 
VAL CB   C N N 349 
VAL CG1  C N N 350 
VAL CG2  C N N 351 
VAL OXT  O N N 352 
VAL H    H N N 353 
VAL H2   H N N 354 
VAL HA   H N N 355 
VAL HB   H N N 356 
VAL HG11 H N N 357 
VAL HG12 H N N 358 
VAL HG13 H N N 359 
VAL HG21 H N N 360 
VAL HG22 H N N 361 
VAL HG23 H N N 362 
VAL HXT  H N N 363 
# 
loop_
_chem_comp_bond.comp_id 
_chem_comp_bond.atom_id_1 
_chem_comp_bond.atom_id_2 
_chem_comp_bond.value_order 
_chem_comp_bond.pdbx_aromatic_flag 
_chem_comp_bond.pdbx_stereo_config 
_chem_comp_bond.pdbx_ordinal 
ALA N   CA   sing N N 1   
ALA N   H    sing N N 2   
ALA N   H2   sing N N 3   
ALA CA  C    sing N N 4   
ALA CA  CB   sing N N 5   
ALA CA  HA   sing N N 6   
ALA C   O    doub N N 7   
ALA C   OXT  sing N N 8   
ALA CB  HB1  sing N N 9   
ALA CB  HB2  sing N N 10  
ALA CB  HB3  sing N N 11  
ALA OXT HXT  sing N N 12  
ARG N   CA   sing N N 13  
ARG N   H    sing N N 14  
ARG N   H2   sing N N 15  
ARG CA  C    sing N N 16  
ARG CA  CB   sing N N 17  
ARG CA  HA   sing N N 18  
ARG C   O    doub N N 19  
ARG C   OXT  sing N N 20  
ARG CB  CG   sing N N 21  
ARG CB  HB2  sing N N 22  
ARG CB  HB3  sing N N 23  
ARG CG  CD   sing N N 24  
ARG CG  HG2  sing N N 25  
ARG CG  HG3  sing N N 26  
ARG CD  NE   sing N N 27  
ARG CD  HD2  sing N N 28  
ARG CD  HD3  sing N N 29  
ARG NE  CZ   sing N N 30  
ARG NE  HE   sing N N 31  
ARG CZ  NH1  sing N N 32  
ARG CZ  NH2  doub N N 33  
ARG NH1 HH11 sing N N 34  
ARG NH1 HH12 sing N N 35  
ARG NH2 HH21 sing N N 36  
ARG NH2 HH22 sing N N 37  
ARG OXT HXT  sing N N 38  
ASN N   CA   sing N N 39  
ASN N   H    sing N N 40  
ASN N   H2   sing N N 41  
ASN CA  C    sing N N 42  
ASN CA  CB   sing N N 43  
ASN CA  HA   sing N N 44  
ASN C   O    doub N N 45  
ASN C   OXT  sing N N 46  
ASN CB  CG   sing N N 47  
ASN CB  HB2  sing N N 48  
ASN CB  HB3  sing N N 49  
ASN CG  OD1  doub N N 50  
ASN CG  ND2  sing N N 51  
ASN ND2 HD21 sing N N 52  
ASN ND2 HD22 sing N N 53  
ASN OXT HXT  sing N N 54  
ASP N   CA   sing N N 55  
ASP N   H    sing N N 56  
ASP N   H2   sing N N 57  
ASP CA  C    sing N N 58  
ASP CA  CB   sing N N 59  
ASP CA  HA   sing N N 60  
ASP C   O    doub N N 61  
ASP C   OXT  sing N N 62  
ASP CB  CG   sing N N 63  
ASP CB  HB2  sing N N 64  
ASP CB  HB3  sing N N 65  
ASP CG  OD1  doub N N 66  
ASP CG  OD2  sing N N 67  
ASP OD2 HD2  sing N N 68  
ASP OXT HXT  sing N N 69  
CYS N   CA   sing N N 70  
CYS N   H    sing N N 71  
CYS N   H2   sing N N 72  
CYS CA  C    sing N N 73  
CYS CA  CB   sing N N 74  
CYS CA  HA   sing N N 75  
CYS C   O    doub N N 76  
CYS C   OXT  sing N N 77  
CYS CB  SG   sing N N 78  
CYS CB  HB2  sing N N 79  
CYS CB  HB3  sing N N 80  
CYS SG  HG   sing N N 81  
CYS OXT HXT  sing N N 82  
GLN N   CA   sing N N 83  
GLN N   H    sing N N 84  
GLN N   H2   sing N N 85  
GLN CA  C    sing N N 86  
GLN CA  CB   sing N N 87  
GLN CA  HA   sing N N 88  
GLN C   O    doub N N 89  
GLN C   OXT  sing N N 90  
GLN CB  CG   sing N N 91  
GLN CB  HB2  sing N N 92  
GLN CB  HB3  sing N N 93  
GLN CG  CD   sing N N 94  
GLN CG  HG2  sing N N 95  
GLN CG  HG3  sing N N 96  
GLN CD  OE1  doub N N 97  
GLN CD  NE2  sing N N 98  
GLN NE2 HE21 sing N N 99  
GLN NE2 HE22 sing N N 100 
GLN OXT HXT  sing N N 101 
GLU N   CA   sing N N 102 
GLU N   H    sing N N 103 
GLU N   H2   sing N N 104 
GLU CA  C    sing N N 105 
GLU CA  CB   sing N N 106 
GLU CA  HA   sing N N 107 
GLU C   O    doub N N 108 
GLU C   OXT  sing N N 109 
GLU CB  CG   sing N N 110 
GLU CB  HB2  sing N N 111 
GLU CB  HB3  sing N N 112 
GLU CG  CD   sing N N 113 
GLU CG  HG2  sing N N 114 
GLU CG  HG3  sing N N 115 
GLU CD  OE1  doub N N 116 
GLU CD  OE2  sing N N 117 
GLU OE2 HE2  sing N N 118 
GLU OXT HXT  sing N N 119 
GLY N   CA   sing N N 120 
GLY N   H    sing N N 121 
GLY N   H2   sing N N 122 
GLY CA  C    sing N N 123 
GLY CA  HA2  sing N N 124 
GLY CA  HA3  sing N N 125 
GLY C   O    doub N N 126 
GLY C   OXT  sing N N 127 
GLY OXT HXT  sing N N 128 
HIS N   CA   sing N N 129 
HIS N   H    sing N N 130 
HIS N   H2   sing N N 131 
HIS CA  C    sing N N 132 
HIS CA  CB   sing N N 133 
HIS CA  HA   sing N N 134 
HIS C   O    doub N N 135 
HIS C   OXT  sing N N 136 
HIS CB  CG   sing N N 137 
HIS CB  HB2  sing N N 138 
HIS CB  HB3  sing N N 139 
HIS CG  ND1  sing Y N 140 
HIS CG  CD2  doub Y N 141 
HIS ND1 CE1  doub Y N 142 
HIS ND1 HD1  sing N N 143 
HIS CD2 NE2  sing Y N 144 
HIS CD2 HD2  sing N N 145 
HIS CE1 NE2  sing Y N 146 
HIS CE1 HE1  sing N N 147 
HIS NE2 HE2  sing N N 148 
HIS OXT HXT  sing N N 149 
HOH O   H1   sing N N 150 
HOH O   H2   sing N N 151 
ILE N   CA   sing N N 152 
ILE N   H    sing N N 153 
ILE N   H2   sing N N 154 
ILE CA  C    sing N N 155 
ILE CA  CB   sing N N 156 
ILE CA  HA   sing N N 157 
ILE C   O    doub N N 158 
ILE C   OXT  sing N N 159 
ILE CB  CG1  sing N N 160 
ILE CB  CG2  sing N N 161 
ILE CB  HB   sing N N 162 
ILE CG1 CD1  sing N N 163 
ILE CG1 HG12 sing N N 164 
ILE CG1 HG13 sing N N 165 
ILE CG2 HG21 sing N N 166 
ILE CG2 HG22 sing N N 167 
ILE CG2 HG23 sing N N 168 
ILE CD1 HD11 sing N N 169 
ILE CD1 HD12 sing N N 170 
ILE CD1 HD13 sing N N 171 
ILE OXT HXT  sing N N 172 
LEU N   CA   sing N N 173 
LEU N   H    sing N N 174 
LEU N   H2   sing N N 175 
LEU CA  C    sing N N 176 
LEU CA  CB   sing N N 177 
LEU CA  HA   sing N N 178 
LEU C   O    doub N N 179 
LEU C   OXT  sing N N 180 
LEU CB  CG   sing N N 181 
LEU CB  HB2  sing N N 182 
LEU CB  HB3  sing N N 183 
LEU CG  CD1  sing N N 184 
LEU CG  CD2  sing N N 185 
LEU CG  HG   sing N N 186 
LEU CD1 HD11 sing N N 187 
LEU CD1 HD12 sing N N 188 
LEU CD1 HD13 sing N N 189 
LEU CD2 HD21 sing N N 190 
LEU CD2 HD22 sing N N 191 
LEU CD2 HD23 sing N N 192 
LEU OXT HXT  sing N N 193 
LYS N   CA   sing N N 194 
LYS N   H    sing N N 195 
LYS N   H2   sing N N 196 
LYS CA  C    sing N N 197 
LYS CA  CB   sing N N 198 
LYS CA  HA   sing N N 199 
LYS C   O    doub N N 200 
LYS C   OXT  sing N N 201 
LYS CB  CG   sing N N 202 
LYS CB  HB2  sing N N 203 
LYS CB  HB3  sing N N 204 
LYS CG  CD   sing N N 205 
LYS CG  HG2  sing N N 206 
LYS CG  HG3  sing N N 207 
LYS CD  CE   sing N N 208 
LYS CD  HD2  sing N N 209 
LYS CD  HD3  sing N N 210 
LYS CE  NZ   sing N N 211 
LYS CE  HE2  sing N N 212 
LYS CE  HE3  sing N N 213 
LYS NZ  HZ1  sing N N 214 
LYS NZ  HZ2  sing N N 215 
LYS NZ  HZ3  sing N N 216 
LYS OXT HXT  sing N N 217 
MET N   CA   sing N N 218 
MET N   H    sing N N 219 
MET N   H2   sing N N 220 
MET CA  C    sing N N 221 
MET CA  CB   sing N N 222 
MET CA  HA   sing N N 223 
MET C   O    doub N N 224 
MET C   OXT  sing N N 225 
MET CB  CG   sing N N 226 
MET CB  HB2  sing N N 227 
MET CB  HB3  sing N N 228 
MET CG  SD   sing N N 229 
MET CG  HG2  sing N N 230 
MET CG  HG3  sing N N 231 
MET SD  CE   sing N N 232 
MET CE  HE1  sing N N 233 
MET CE  HE2  sing N N 234 
MET CE  HE3  sing N N 235 
MET OXT HXT  sing N N 236 
PHE N   CA   sing N N 237 
PHE N   H    sing N N 238 
PHE N   H2   sing N N 239 
PHE CA  C    sing N N 240 
PHE CA  CB   sing N N 241 
PHE CA  HA   sing N N 242 
PHE C   O    doub N N 243 
PHE C   OXT  sing N N 244 
PHE CB  CG   sing N N 245 
PHE CB  HB2  sing N N 246 
PHE CB  HB3  sing N N 247 
PHE CG  CD1  doub Y N 248 
PHE CG  CD2  sing Y N 249 
PHE CD1 CE1  sing Y N 250 
PHE CD1 HD1  sing N N 251 
PHE CD2 CE2  doub Y N 252 
PHE CD2 HD2  sing N N 253 
PHE CE1 CZ   doub Y N 254 
PHE CE1 HE1  sing N N 255 
PHE CE2 CZ   sing Y N 256 
PHE CE2 HE2  sing N N 257 
PHE CZ  HZ   sing N N 258 
PHE OXT HXT  sing N N 259 
PRO N   CA   sing N N 260 
PRO N   CD   sing N N 261 
PRO N   H    sing N N 262 
PRO CA  C    sing N N 263 
PRO CA  CB   sing N N 264 
PRO CA  HA   sing N N 265 
PRO C   O    doub N N 266 
PRO C   OXT  sing N N 267 
PRO CB  CG   sing N N 268 
PRO CB  HB2  sing N N 269 
PRO CB  HB3  sing N N 270 
PRO CG  CD   sing N N 271 
PRO CG  HG2  sing N N 272 
PRO CG  HG3  sing N N 273 
PRO CD  HD2  sing N N 274 
PRO CD  HD3  sing N N 275 
PRO OXT HXT  sing N N 276 
SER N   CA   sing N N 277 
SER N   H    sing N N 278 
SER N   H2   sing N N 279 
SER CA  C    sing N N 280 
SER CA  CB   sing N N 281 
SER CA  HA   sing N N 282 
SER C   O    doub N N 283 
SER C   OXT  sing N N 284 
SER CB  OG   sing N N 285 
SER CB  HB2  sing N N 286 
SER CB  HB3  sing N N 287 
SER OG  HG   sing N N 288 
SER OXT HXT  sing N N 289 
THR N   CA   sing N N 290 
THR N   H    sing N N 291 
THR N   H2   sing N N 292 
THR CA  C    sing N N 293 
THR CA  CB   sing N N 294 
THR CA  HA   sing N N 295 
THR C   O    doub N N 296 
THR C   OXT  sing N N 297 
THR CB  OG1  sing N N 298 
THR CB  CG2  sing N N 299 
THR CB  HB   sing N N 300 
THR OG1 HG1  sing N N 301 
THR CG2 HG21 sing N N 302 
THR CG2 HG22 sing N N 303 
THR CG2 HG23 sing N N 304 
THR OXT HXT  sing N N 305 
TYR N   CA   sing N N 306 
TYR N   H    sing N N 307 
TYR N   H2   sing N N 308 
TYR CA  C    sing N N 309 
TYR CA  CB   sing N N 310 
TYR CA  HA   sing N N 311 
TYR C   O    doub N N 312 
TYR C   OXT  sing N N 313 
TYR CB  CG   sing N N 314 
TYR CB  HB2  sing N N 315 
TYR CB  HB3  sing N N 316 
TYR CG  CD1  doub Y N 317 
TYR CG  CD2  sing Y N 318 
TYR CD1 CE1  sing Y N 319 
TYR CD1 HD1  sing N N 320 
TYR CD2 CE2  doub Y N 321 
TYR CD2 HD2  sing N N 322 
TYR CE1 CZ   doub Y N 323 
TYR CE1 HE1  sing N N 324 
TYR CE2 CZ   sing Y N 325 
TYR CE2 HE2  sing N N 326 
TYR CZ  OH   sing N N 327 
TYR OH  HH   sing N N 328 
TYR OXT HXT  sing N N 329 
VAL N   CA   sing N N 330 
VAL N   H    sing N N 331 
VAL N   H2   sing N N 332 
VAL CA  C    sing N N 333 
VAL CA  CB   sing N N 334 
VAL CA  HA   sing N N 335 
VAL C   O    doub N N 336 
VAL C   OXT  sing N N 337 
VAL CB  CG1  sing N N 338 
VAL CB  CG2  sing N N 339 
VAL CB  HB   sing N N 340 
VAL CG1 HG11 sing N N 341 
VAL CG1 HG12 sing N N 342 
VAL CG1 HG13 sing N N 343 
VAL CG2 HG21 sing N N 344 
VAL CG2 HG22 sing N N 345 
VAL CG2 HG23 sing N N 346 
VAL OXT HXT  sing N N 347 
# 
_pdbx_audit_support.funding_organization   'DBT India, Beamline project' 
_pdbx_audit_support.country                India 
_pdbx_audit_support.grant_number           ? 
_pdbx_audit_support.ordinal                1 
# 
_pdbx_entity_nonpoly.entity_id   2 
_pdbx_entity_nonpoly.name        water 
_pdbx_entity_nonpoly.comp_id     HOH 
# 
_pdbx_initial_refinement_model.id               1 
_pdbx_initial_refinement_model.entity_id_list   ? 
_pdbx_initial_refinement_model.type             'experimental model' 
_pdbx_initial_refinement_model.source_name      PDB 
_pdbx_initial_refinement_model.accession_code   4LJM 
_pdbx_initial_refinement_model.details          ? 
# 
